data_6VHY
#
_entry.id   6VHY
#
_cell.length_a   58.540
_cell.length_b   98.721
_cell.length_c   118.754
_cell.angle_alpha   95.331
_cell.angle_beta   96.337
_cell.angle_gamma   106.508
#
_symmetry.space_group_name_H-M   'P 1'
#
loop_
_entity.id
_entity.type
_entity.pdbx_description
1 polymer 'NpsA Adenylation Domain, Non-ribosomal peptide synthetase fusion protein'
2 non-polymer "5'-deoxy-5'-({[(2R)-2-{[2-({N-[(2R)-2-hydroxy-3,3-dimethyl-4-(phosphonooxy)butanoyl]-beta-alanyl}amino)ethyl]sulfanyl}-2-(3-hydroxyphenyl)ethyl]sulfonyl}amino)adenosine"
3 water water
#
_entity_poly.entity_id   1
_entity_poly.type   'polypeptide(L)'
_entity_poly.pdbx_seq_one_letter_code
;GHMTHSAYVYQLKAVPDIFDEISQRFPDRVALIFDQRKITYRELAEQCSALAAVLQNNCLIKGDIVAIKIERSPELYIFM
LALMKIGAVMVPVNSNSPERYIGEVLSAAGARYLISDDVTSVPGGAWHVLSSRTLIQNCTQQRSGNYPVLSADDPALILM
TSGSTGKPKSVLIAHRGIARLGLPVPALGNSERDCYLQIADISFAASANEIWMALLTGACLTIAPPGLPDLMALARQIES
DNVTMLFLSGGLFRLFVEVSVETLHIPDCVVVSGDFVNPRLFSVAVQAGKAKIFNGLGCTENSAISSLYHIQSAAALSSE
SPVPVGTPLPLVEMVVFNERLQPCTCGEYGELFIAGAGVALGYSDPQLTAERFITIPYQGTDMLFYRTDDRATYDQDRNI
VLVGRGNHICKIRGFRINIAGIEHLLRLHHAVEDVLIVVEETPDEPRLHACYVTQDDGLSVADLKNHLAMHAPAWMIPEK
FSRLAVLPMTANGKKDRLRLKNSLLEQVASMDNVEQQLLSIWQAIIHSEAINPQENLLDQGGNSLHFIKLASMVSKTFNL
AVSPADIFTAGTIAALAQTIRQRQKL
;
_entity_poly.pdbx_strand_id   A,B,C,D
#
loop_
_chem_comp.id
_chem_comp.type
_chem_comp.name
_chem_comp.formula
QXD non-polymer 5'-deoxy-5'-({[(2R)-2-{[2-({N-[(2R)-2-hydroxy-3,3-dimethyl-4-(phosphonooxy)butanoyl]-beta-alanyl}amino)ethyl]sulfanyl}-2-(3-hydroxyphenyl)ethyl]sulfonyl}amino)adenosine 'C29 H43 N8 O13 P S2'
#
# COMPACT_ATOMS: atom_id res chain seq x y z
N ALA A 7 -79.06 -50.87 -6.21
CA ALA A 7 -77.80 -50.25 -5.82
C ALA A 7 -77.73 -50.06 -4.32
N TYR A 8 -78.86 -50.27 -3.64
CA TYR A 8 -78.90 -50.31 -2.19
C TYR A 8 -78.85 -51.72 -1.65
N VAL A 9 -78.62 -52.71 -2.52
CA VAL A 9 -78.46 -54.09 -2.06
C VAL A 9 -76.99 -54.41 -1.83
N TYR A 10 -76.08 -53.60 -2.36
CA TYR A 10 -74.65 -53.76 -2.16
C TYR A 10 -74.05 -52.43 -1.72
N GLN A 11 -72.81 -52.48 -1.25
CA GLN A 11 -72.08 -51.28 -0.90
C GLN A 11 -70.61 -51.44 -1.28
N LEU A 12 -69.92 -50.30 -1.42
CA LEU A 12 -68.50 -50.34 -1.72
C LEU A 12 -67.72 -51.01 -0.61
N LYS A 13 -66.71 -51.78 -1.00
CA LYS A 13 -65.75 -52.26 -0.04
C LYS A 13 -64.90 -51.09 0.46
N ALA A 14 -64.31 -51.27 1.64
CA ALA A 14 -63.38 -50.29 2.16
C ALA A 14 -62.06 -50.34 1.41
N VAL A 15 -61.30 -49.26 1.52
CA VAL A 15 -60.03 -49.11 0.81
C VAL A 15 -59.10 -50.29 1.05
N PRO A 16 -58.96 -50.80 2.29
CA PRO A 16 -58.09 -51.98 2.46
C PRO A 16 -58.58 -53.20 1.70
N ASP A 17 -59.89 -53.41 1.64
CA ASP A 17 -60.43 -54.58 0.98
C ASP A 17 -60.28 -54.49 -0.53
N ILE A 18 -60.44 -53.29 -1.09
CA ILE A 18 -60.20 -53.12 -2.53
C ILE A 18 -58.73 -53.35 -2.84
N PHE A 19 -57.84 -52.82 -2.01
CA PHE A 19 -56.40 -53.04 -2.22
C PHE A 19 -56.06 -54.51 -2.11
N ASP A 20 -56.69 -55.22 -1.17
CA ASP A 20 -56.42 -56.65 -1.03
C ASP A 20 -56.86 -57.41 -2.28
N GLU A 21 -58.00 -57.04 -2.85
CA GLU A 21 -58.46 -57.69 -4.08
C GLU A 21 -57.51 -57.37 -5.23
N ILE A 22 -57.03 -56.12 -5.27
CA ILE A 22 -56.10 -55.71 -6.32
C ILE A 22 -54.80 -56.49 -6.22
N SER A 23 -54.20 -56.51 -5.03
CA SER A 23 -52.93 -57.19 -4.84
C SER A 23 -53.05 -58.70 -4.94
N GLN A 24 -54.25 -59.25 -4.84
CA GLN A 24 -54.45 -60.67 -5.11
C GLN A 24 -54.57 -60.95 -6.61
N ARG A 25 -55.10 -60.00 -7.37
CA ARG A 25 -55.23 -60.16 -8.82
C ARG A 25 -54.01 -59.71 -9.60
N PHE A 26 -53.20 -58.81 -9.06
CA PHE A 26 -52.05 -58.27 -9.78
C PHE A 26 -50.81 -58.26 -8.90
N PRO A 27 -50.42 -59.42 -8.36
CA PRO A 27 -49.34 -59.42 -7.36
C PRO A 27 -48.01 -58.98 -7.93
N ASP A 28 -47.71 -59.34 -9.17
CA ASP A 28 -46.42 -59.07 -9.77
C ASP A 28 -46.41 -57.81 -10.61
N ARG A 29 -47.37 -56.92 -10.40
CA ARG A 29 -47.38 -55.62 -11.05
C ARG A 29 -46.69 -54.58 -10.18
N VAL A 30 -46.07 -53.61 -10.83
CA VAL A 30 -45.38 -52.55 -10.11
C VAL A 30 -46.40 -51.60 -9.50
N ALA A 31 -46.34 -51.44 -8.19
CA ALA A 31 -47.22 -50.54 -7.46
C ALA A 31 -46.59 -49.20 -7.13
N LEU A 32 -45.34 -49.20 -6.68
CA LEU A 32 -44.64 -47.97 -6.32
C LEU A 32 -43.32 -47.89 -7.06
N ILE A 33 -42.96 -46.68 -7.48
CA ILE A 33 -41.63 -46.39 -8.00
C ILE A 33 -41.09 -45.18 -7.26
N PHE A 34 -39.89 -45.32 -6.69
CA PHE A 34 -39.17 -44.23 -6.08
C PHE A 34 -37.73 -44.27 -6.57
N ASP A 35 -37.26 -43.17 -7.15
CA ASP A 35 -36.03 -43.17 -7.91
C ASP A 35 -36.03 -44.34 -8.88
N GLN A 36 -35.06 -45.24 -8.74
CA GLN A 36 -34.97 -46.45 -9.54
C GLN A 36 -35.56 -47.66 -8.84
N ARG A 37 -36.02 -47.49 -7.60
CA ARG A 37 -36.54 -48.59 -6.80
C ARG A 37 -37.99 -48.89 -7.20
N LYS A 38 -38.25 -50.10 -7.65
CA LYS A 38 -39.59 -50.54 -8.01
C LYS A 38 -40.11 -51.55 -7.00
N ILE A 39 -41.32 -51.33 -6.51
CA ILE A 39 -41.96 -52.22 -5.54
C ILE A 39 -43.22 -52.77 -6.16
N THR A 40 -43.39 -54.08 -6.09
CA THR A 40 -44.57 -54.73 -6.64
C THR A 40 -45.70 -54.76 -5.62
N TYR A 41 -46.89 -55.13 -6.11
CA TYR A 41 -48.05 -55.21 -5.22
C TYR A 41 -47.88 -56.32 -4.19
N ARG A 42 -47.22 -57.42 -4.57
CA ARG A 42 -46.91 -58.48 -3.62
C ARG A 42 -46.03 -57.95 -2.49
N GLU A 43 -44.94 -57.27 -2.84
CA GLU A 43 -44.04 -56.73 -1.83
C GLU A 43 -44.73 -55.67 -0.97
N LEU A 44 -45.52 -54.80 -1.60
CA LEU A 44 -46.25 -53.77 -0.87
C LEU A 44 -47.23 -54.37 0.12
N ALA A 45 -47.93 -55.42 -0.27
CA ALA A 45 -48.89 -56.06 0.63
C ALA A 45 -48.21 -56.67 1.84
N GLU A 46 -47.06 -57.31 1.65
CA GLU A 46 -46.33 -57.86 2.78
C GLU A 46 -45.94 -56.77 3.76
N GLN A 47 -45.38 -55.66 3.26
CA GLN A 47 -44.95 -54.58 4.14
C GLN A 47 -46.14 -53.95 4.87
N CYS A 48 -47.26 -53.79 4.18
CA CYS A 48 -48.45 -53.25 4.83
C CYS A 48 -48.91 -54.15 5.97
N SER A 49 -48.90 -55.47 5.74
CA SER A 49 -49.36 -56.40 6.75
C SER A 49 -48.44 -56.42 7.95
N ALA A 50 -47.13 -56.38 7.71
CA ALA A 50 -46.19 -56.31 8.83
C ALA A 50 -46.42 -55.06 9.66
N LEU A 51 -46.53 -53.91 8.99
CA LEU A 51 -46.72 -52.65 9.71
C LEU A 51 -48.08 -52.57 10.39
N ALA A 52 -49.12 -53.16 9.79
CA ALA A 52 -50.42 -53.14 10.44
C ALA A 52 -50.40 -53.90 11.75
N ALA A 53 -49.73 -55.04 11.79
CA ALA A 53 -49.57 -55.76 13.04
C ALA A 53 -48.81 -54.91 14.06
N VAL A 54 -47.78 -54.22 13.60
CA VAL A 54 -47.00 -53.35 14.49
C VAL A 54 -47.87 -52.24 15.05
N LEU A 55 -48.66 -51.59 14.18
CA LEU A 55 -49.53 -50.51 14.65
C LEU A 55 -50.59 -51.03 15.61
N GLN A 56 -51.10 -52.23 15.35
CA GLN A 56 -52.07 -52.82 16.26
C GLN A 56 -51.45 -53.16 17.61
N ASN A 57 -50.22 -53.66 17.61
CA ASN A 57 -49.56 -53.96 18.86
C ASN A 57 -49.30 -52.71 19.69
N ASN A 58 -49.15 -51.56 19.04
CA ASN A 58 -49.03 -50.30 19.76
C ASN A 58 -50.38 -49.72 20.13
N CYS A 59 -51.43 -50.54 20.07
CA CYS A 59 -52.77 -50.22 20.55
C CYS A 59 -53.46 -49.15 19.73
N LEU A 60 -53.05 -48.95 18.47
CA LEU A 60 -53.86 -48.18 17.55
C LEU A 60 -55.01 -49.05 17.06
N ILE A 61 -56.23 -48.56 17.21
CA ILE A 61 -57.41 -49.36 16.94
C ILE A 61 -58.38 -48.54 16.08
N LYS A 62 -59.40 -49.23 15.57
CA LYS A 62 -60.40 -48.62 14.72
C LYS A 62 -60.97 -47.37 15.35
N GLY A 63 -60.96 -46.29 14.58
CA GLY A 63 -61.47 -45.01 15.03
C GLY A 63 -60.45 -44.09 15.65
N ASP A 64 -59.24 -44.57 15.90
CA ASP A 64 -58.19 -43.70 16.42
C ASP A 64 -57.75 -42.70 15.37
N ILE A 65 -57.60 -41.45 15.79
CA ILE A 65 -57.17 -40.37 14.93
C ILE A 65 -55.64 -40.36 14.93
N VAL A 66 -55.04 -40.79 13.83
CA VAL A 66 -53.60 -40.90 13.71
C VAL A 66 -53.13 -39.95 12.62
N ALA A 67 -52.25 -39.02 12.98
CA ALA A 67 -51.63 -38.12 12.03
C ALA A 67 -50.31 -38.71 11.51
N ILE A 68 -50.01 -38.43 10.26
CA ILE A 68 -48.74 -38.82 9.64
C ILE A 68 -48.07 -37.59 9.05
N LYS A 69 -46.78 -37.45 9.32
CA LYS A 69 -45.92 -36.44 8.71
C LYS A 69 -44.71 -37.18 8.14
N ILE A 70 -44.83 -37.67 6.92
CA ILE A 70 -43.76 -38.42 6.28
C ILE A 70 -43.49 -37.83 4.91
N GLU A 71 -42.22 -37.70 4.57
CA GLU A 71 -41.84 -37.20 3.27
C GLU A 71 -42.29 -38.16 2.18
N ARG A 72 -42.48 -37.64 0.98
CA ARG A 72 -42.78 -38.49 -0.16
C ARG A 72 -41.73 -39.56 -0.33
N SER A 73 -42.15 -40.80 -0.16
CA SER A 73 -41.28 -41.97 -0.15
C SER A 73 -42.18 -43.19 -0.19
N PRO A 74 -41.65 -44.38 -0.47
CA PRO A 74 -42.52 -45.57 -0.38
C PRO A 74 -43.11 -45.77 1.00
N GLU A 75 -42.35 -45.46 2.05
CA GLU A 75 -42.83 -45.69 3.41
C GLU A 75 -44.05 -44.86 3.74
N LEU A 76 -44.20 -43.69 3.11
CA LEU A 76 -45.39 -42.87 3.34
C LEU A 76 -46.66 -43.62 2.95
N TYR A 77 -46.67 -44.21 1.77
CA TYR A 77 -47.84 -44.92 1.28
C TYR A 77 -48.03 -46.28 1.95
N ILE A 78 -46.94 -46.91 2.38
CA ILE A 78 -47.08 -48.11 3.19
C ILE A 78 -47.82 -47.81 4.48
N PHE A 79 -47.48 -46.69 5.12
CA PHE A 79 -48.16 -46.30 6.35
C PHE A 79 -49.62 -45.96 6.10
N MET A 80 -49.91 -45.27 4.98
CA MET A 80 -51.29 -44.96 4.64
C MET A 80 -52.13 -46.22 4.51
N LEU A 81 -51.63 -47.20 3.76
CA LEU A 81 -52.36 -48.45 3.58
C LEU A 81 -52.50 -49.21 4.88
N ALA A 82 -51.44 -49.25 5.67
CA ALA A 82 -51.48 -49.98 6.93
C ALA A 82 -52.46 -49.36 7.92
N LEU A 83 -52.48 -48.03 8.00
CA LEU A 83 -53.43 -47.36 8.88
C LEU A 83 -54.87 -47.61 8.45
N MET A 84 -55.13 -47.64 7.15
CA MET A 84 -56.46 -48.00 6.67
C MET A 84 -56.87 -49.38 7.13
N LYS A 85 -55.96 -50.35 7.00
CA LYS A 85 -56.31 -51.73 7.32
C LYS A 85 -56.75 -51.87 8.77
N ILE A 86 -56.07 -51.19 9.69
CA ILE A 86 -56.43 -51.31 11.10
C ILE A 86 -57.59 -50.41 11.49
N GLY A 87 -58.16 -49.67 10.56
CA GLY A 87 -59.32 -48.86 10.84
C GLY A 87 -59.05 -47.54 11.50
N ALA A 88 -57.81 -47.07 11.48
CA ALA A 88 -57.50 -45.76 12.02
C ALA A 88 -58.03 -44.67 11.10
N VAL A 89 -58.02 -43.44 11.62
CA VAL A 89 -58.44 -42.27 10.87
C VAL A 89 -57.22 -41.43 10.60
N MET A 90 -56.86 -41.29 9.32
CA MET A 90 -55.65 -40.59 8.92
C MET A 90 -55.82 -39.08 9.04
N VAL A 91 -54.76 -38.41 9.45
CA VAL A 91 -54.65 -36.96 9.35
C VAL A 91 -53.34 -36.63 8.65
N PRO A 92 -53.32 -36.49 7.33
CA PRO A 92 -52.07 -36.18 6.63
C PRO A 92 -51.62 -34.75 6.91
N VAL A 93 -50.34 -34.62 7.25
CA VAL A 93 -49.72 -33.33 7.55
C VAL A 93 -48.67 -33.04 6.49
N ASN A 94 -48.69 -31.82 5.97
CA ASN A 94 -47.67 -31.40 5.02
C ASN A 94 -46.31 -31.40 5.70
N SER A 95 -45.34 -32.06 5.08
CA SER A 95 -44.04 -32.22 5.72
C SER A 95 -43.25 -30.92 5.75
N ASN A 96 -43.57 -29.96 4.89
CA ASN A 96 -42.97 -28.64 4.92
C ASN A 96 -43.73 -27.65 5.78
N SER A 97 -44.76 -28.11 6.47
CA SER A 97 -45.53 -27.23 7.34
C SER A 97 -44.71 -26.85 8.57
N PRO A 98 -44.82 -25.61 9.03
CA PRO A 98 -44.15 -25.26 10.29
C PRO A 98 -44.87 -25.90 11.45
N GLU A 99 -44.09 -26.24 12.49
CA GLU A 99 -44.64 -27.07 13.56
C GLU A 99 -45.72 -26.36 14.37
N ARG A 100 -45.74 -25.02 14.38
CA ARG A 100 -46.84 -24.33 15.03
C ARG A 100 -48.16 -24.55 14.29
N TYR A 101 -48.13 -24.57 12.95
CA TYR A 101 -49.33 -24.93 12.21
C TYR A 101 -49.66 -26.41 12.38
N ILE A 102 -48.64 -27.25 12.48
CA ILE A 102 -48.89 -28.67 12.70
C ILE A 102 -49.62 -28.87 14.02
N GLY A 103 -49.23 -28.13 15.06
CA GLY A 103 -49.93 -28.21 16.32
C GLY A 103 -51.39 -27.84 16.22
N GLU A 104 -51.68 -26.76 15.49
CA GLU A 104 -53.06 -26.32 15.34
C GLU A 104 -53.90 -27.34 14.58
N VAL A 105 -53.31 -27.98 13.57
CA VAL A 105 -54.02 -29.01 12.80
C VAL A 105 -54.35 -30.19 13.70
N LEU A 106 -53.36 -30.69 14.44
CA LEU A 106 -53.60 -31.84 15.32
C LEU A 106 -54.63 -31.52 16.40
N SER A 107 -54.67 -30.28 16.87
CA SER A 107 -55.68 -29.91 17.85
C SER A 107 -57.06 -29.86 17.23
N ALA A 108 -57.16 -29.31 16.03
CA ALA A 108 -58.45 -29.23 15.35
C ALA A 108 -58.97 -30.61 14.95
N ALA A 109 -58.06 -31.52 14.61
CA ALA A 109 -58.45 -32.86 14.21
C ALA A 109 -58.78 -33.75 15.39
N GLY A 110 -58.25 -33.45 16.58
CA GLY A 110 -58.36 -34.38 17.69
C GLY A 110 -57.46 -35.57 17.58
N ALA A 111 -56.28 -35.39 17.00
CA ALA A 111 -55.36 -36.49 16.79
C ALA A 111 -54.80 -36.98 18.12
N ARG A 112 -54.82 -38.29 18.31
CA ARG A 112 -54.23 -38.92 19.49
C ARG A 112 -52.81 -39.41 19.25
N TYR A 113 -52.44 -39.64 17.99
CA TYR A 113 -51.12 -40.13 17.63
C TYR A 113 -50.54 -39.29 16.50
N LEU A 114 -49.22 -39.26 16.42
CA LEU A 114 -48.53 -38.59 15.33
C LEU A 114 -47.34 -39.43 14.90
N ILE A 115 -47.38 -39.91 13.66
CA ILE A 115 -46.32 -40.74 13.10
C ILE A 115 -45.49 -39.87 12.16
N SER A 116 -44.19 -39.77 12.42
CA SER A 116 -43.33 -38.88 11.66
C SER A 116 -41.99 -39.53 11.34
N ASP A 117 -41.45 -39.19 10.18
CA ASP A 117 -40.10 -39.55 9.80
C ASP A 117 -39.07 -38.55 10.31
N ASP A 118 -39.51 -37.52 11.04
CA ASP A 118 -38.61 -36.55 11.63
C ASP A 118 -39.25 -36.11 12.95
N VAL A 119 -38.84 -36.74 14.04
CA VAL A 119 -39.43 -36.45 15.34
C VAL A 119 -39.05 -35.06 15.84
N THR A 120 -37.95 -34.50 15.33
CA THR A 120 -37.50 -33.20 15.79
C THR A 120 -38.32 -32.05 15.21
N SER A 121 -39.01 -32.27 14.09
CA SER A 121 -39.74 -31.21 13.41
C SER A 121 -41.20 -31.11 13.82
N VAL A 122 -41.58 -31.71 14.95
CA VAL A 122 -42.99 -31.74 15.31
C VAL A 122 -43.18 -31.22 16.74
N PRO A 123 -44.35 -30.66 17.06
CA PRO A 123 -44.60 -30.15 18.41
C PRO A 123 -45.19 -31.21 19.33
N GLY A 124 -45.01 -30.97 20.62
CA GLY A 124 -45.63 -31.79 21.64
C GLY A 124 -47.04 -31.35 21.97
N GLY A 125 -47.80 -32.28 22.54
CA GLY A 125 -49.18 -31.98 22.91
C GLY A 125 -49.88 -33.22 23.40
N ALA A 126 -51.21 -33.21 23.25
CA ALA A 126 -52.04 -34.32 23.70
C ALA A 126 -51.85 -35.58 22.89
N TRP A 127 -50.94 -35.60 21.92
CA TRP A 127 -50.76 -36.73 21.04
C TRP A 127 -49.49 -37.49 21.40
N HIS A 128 -49.53 -38.81 21.19
CA HIS A 128 -48.34 -39.62 21.28
C HIS A 128 -47.58 -39.57 19.97
N VAL A 129 -46.28 -39.28 20.06
CA VAL A 129 -45.43 -39.18 18.89
C VAL A 129 -44.73 -40.51 18.69
N LEU A 130 -44.68 -40.97 17.44
CA LEU A 130 -44.08 -42.25 17.08
C LEU A 130 -43.19 -42.07 15.87
N SER A 131 -42.01 -42.67 15.92
CA SER A 131 -41.09 -42.63 14.79
C SER A 131 -41.54 -43.61 13.73
N SER A 132 -41.75 -43.11 12.51
CA SER A 132 -41.99 -43.99 11.37
C SER A 132 -40.89 -45.04 11.26
N ARG A 133 -39.65 -44.61 11.38
CA ARG A 133 -38.51 -45.48 11.16
C ARG A 133 -38.40 -46.55 12.23
N THR A 134 -38.63 -46.20 13.50
CA THR A 134 -38.66 -47.20 14.56
C THR A 134 -39.76 -48.22 14.32
N LEU A 135 -40.95 -47.77 13.92
CA LEU A 135 -42.05 -48.69 13.68
C LEU A 135 -41.76 -49.61 12.51
N ILE A 136 -41.08 -49.11 11.49
CA ILE A 136 -40.71 -49.97 10.37
C ILE A 136 -39.72 -51.03 10.82
N GLN A 137 -38.76 -50.65 11.65
CA GLN A 137 -37.81 -51.64 12.17
C GLN A 137 -38.49 -52.66 13.07
N ASN A 138 -39.55 -52.26 13.78
CA ASN A 138 -40.23 -53.19 14.67
C ASN A 138 -41.03 -54.25 13.95
N CYS A 139 -41.18 -54.13 12.64
CA CYS A 139 -41.92 -55.14 11.86
C CYS A 139 -41.16 -56.45 11.86
N THR A 140 -41.76 -57.48 12.45
CA THR A 140 -41.18 -58.81 12.38
C THR A 140 -41.83 -59.61 11.26
N GLN A 141 -41.95 -60.92 11.46
CA GLN A 141 -42.55 -61.79 10.46
C GLN A 141 -44.01 -62.11 10.73
N GLN A 142 -44.47 -61.92 11.96
CA GLN A 142 -45.85 -62.22 12.30
C GLN A 142 -46.80 -61.17 11.73
N ARG A 143 -47.97 -61.64 11.31
CA ARG A 143 -49.03 -60.81 10.77
C ARG A 143 -50.30 -61.01 11.56
N SER A 144 -51.21 -60.06 11.43
CA SER A 144 -52.47 -60.11 12.16
C SER A 144 -53.43 -61.06 11.47
N GLY A 145 -54.18 -61.80 12.28
CA GLY A 145 -55.20 -62.71 11.79
C GLY A 145 -56.57 -62.23 12.21
N ASN A 146 -56.75 -60.91 12.24
CA ASN A 146 -57.97 -60.30 12.74
C ASN A 146 -57.89 -58.78 12.62
N TYR A 147 -58.32 -58.24 11.49
CA TYR A 147 -58.45 -56.82 11.18
C TYR A 147 -59.91 -56.40 11.30
N PRO A 148 -60.17 -55.15 11.66
CA PRO A 148 -61.54 -54.72 11.88
C PRO A 148 -62.37 -54.79 10.60
N VAL A 149 -63.65 -55.06 10.76
CA VAL A 149 -64.60 -54.98 9.65
C VAL A 149 -64.89 -53.51 9.37
N LEU A 150 -64.60 -53.08 8.16
CA LEU A 150 -64.76 -51.68 7.78
C LEU A 150 -65.92 -51.54 6.81
N SER A 151 -66.77 -50.55 7.06
CA SER A 151 -67.89 -50.18 6.20
C SER A 151 -67.50 -49.01 5.31
N ALA A 152 -68.26 -48.86 4.22
CA ALA A 152 -68.03 -47.72 3.32
C ALA A 152 -68.17 -46.39 4.05
N ASP A 153 -69.08 -46.31 5.01
CA ASP A 153 -69.36 -45.07 5.72
C ASP A 153 -68.46 -44.86 6.93
N ASP A 154 -67.55 -45.79 7.20
CA ASP A 154 -66.58 -45.57 8.25
C ASP A 154 -65.61 -44.47 7.85
N PRO A 155 -65.15 -43.68 8.82
CA PRO A 155 -64.19 -42.63 8.50
C PRO A 155 -62.85 -43.19 8.06
N ALA A 156 -62.21 -42.50 7.12
CA ALA A 156 -60.91 -42.91 6.60
C ALA A 156 -59.82 -41.89 6.82
N LEU A 157 -60.11 -40.60 6.62
CA LEU A 157 -59.10 -39.58 6.82
C LEU A 157 -59.76 -38.25 7.12
N ILE A 158 -58.97 -37.33 7.66
CA ILE A 158 -59.41 -35.98 7.99
C ILE A 158 -58.59 -34.99 7.18
N LEU A 159 -59.27 -34.06 6.51
CA LEU A 159 -58.63 -32.99 5.78
C LEU A 159 -59.03 -31.66 6.38
N MET A 160 -58.21 -30.64 6.11
CA MET A 160 -58.42 -29.31 6.67
C MET A 160 -58.83 -28.32 5.60
N THR A 161 -59.75 -27.44 5.96
CA THR A 161 -60.10 -26.26 5.20
C THR A 161 -60.10 -25.08 6.14
N SER A 162 -59.78 -23.91 5.62
CA SER A 162 -59.90 -22.71 6.43
C SER A 162 -61.15 -21.91 6.03
N PRO A 168 -58.68 -23.52 11.61
CA PRO A 168 -59.03 -24.40 10.50
C PRO A 168 -60.17 -25.35 10.86
N LYS A 169 -61.03 -25.64 9.90
CA LYS A 169 -62.09 -26.62 10.08
C LYS A 169 -61.68 -27.98 9.54
N SER A 170 -62.06 -29.03 10.26
CA SER A 170 -61.72 -30.40 9.92
C SER A 170 -62.83 -31.00 9.07
N VAL A 171 -62.46 -31.60 7.95
CA VAL A 171 -63.38 -32.31 7.07
C VAL A 171 -63.12 -33.80 7.23
N LEU A 172 -64.19 -34.55 7.51
CA LEU A 172 -64.10 -35.98 7.76
C LEU A 172 -64.55 -36.74 6.52
N ILE A 173 -63.66 -37.56 5.98
CA ILE A 173 -63.87 -38.26 4.73
C ILE A 173 -64.13 -39.73 5.05
N ALA A 174 -65.17 -40.28 4.44
CA ALA A 174 -65.49 -41.69 4.59
C ALA A 174 -64.62 -42.54 3.68
N HIS A 175 -64.61 -43.85 3.95
CA HIS A 175 -63.88 -44.77 3.08
C HIS A 175 -64.41 -44.73 1.65
N ARG A 176 -65.74 -44.73 1.49
CA ARG A 176 -66.33 -44.67 0.16
C ARG A 176 -65.82 -43.48 -0.64
N GLY A 177 -65.52 -42.37 0.02
CA GLY A 177 -65.19 -41.16 -0.70
C GLY A 177 -63.92 -41.28 -1.52
N ILE A 178 -62.99 -42.12 -1.10
CA ILE A 178 -61.81 -42.42 -1.89
C ILE A 178 -61.86 -43.82 -2.50
N ALA A 179 -62.60 -44.75 -1.89
CA ALA A 179 -62.73 -46.08 -2.47
C ALA A 179 -63.43 -46.05 -3.82
N ARG A 180 -64.23 -45.01 -4.09
CA ARG A 180 -64.87 -44.89 -5.39
C ARG A 180 -63.86 -44.79 -6.52
N LEU A 181 -62.64 -44.37 -6.21
CA LEU A 181 -61.60 -44.25 -7.22
C LEU A 181 -61.08 -45.59 -7.69
N GLY A 182 -61.52 -46.69 -7.08
CA GLY A 182 -61.19 -48.01 -7.55
C GLY A 182 -62.04 -48.51 -8.68
N LEU A 183 -63.04 -47.76 -9.06
CA LEU A 183 -63.84 -48.02 -10.24
C LEU A 183 -63.24 -47.29 -11.43
N PRO A 184 -63.00 -47.98 -12.55
CA PRO A 184 -62.48 -47.28 -13.73
C PRO A 184 -63.39 -46.15 -14.18
N VAL A 185 -62.76 -45.06 -14.59
CA VAL A 185 -63.47 -43.87 -15.05
C VAL A 185 -63.64 -43.99 -16.55
N PRO A 186 -64.87 -44.10 -17.07
CA PRO A 186 -65.05 -44.30 -18.51
C PRO A 186 -64.45 -43.19 -19.37
N ALA A 187 -64.37 -41.97 -18.84
CA ALA A 187 -63.77 -40.89 -19.61
C ALA A 187 -62.27 -41.08 -19.77
N LEU A 188 -61.62 -41.67 -18.78
CA LEU A 188 -60.17 -41.85 -18.82
C LEU A 188 -59.74 -43.18 -19.43
N GLY A 189 -60.59 -44.20 -19.36
CA GLY A 189 -60.18 -45.52 -19.80
C GLY A 189 -59.03 -46.07 -18.99
N ASN A 190 -59.00 -45.77 -17.70
CA ASN A 190 -57.90 -46.20 -16.85
C ASN A 190 -58.04 -47.67 -16.47
N SER A 191 -56.92 -48.25 -16.06
CA SER A 191 -56.83 -49.68 -15.78
C SER A 191 -55.57 -49.93 -14.99
N GLU A 192 -55.26 -51.21 -14.77
CA GLU A 192 -53.99 -51.60 -14.18
C GLU A 192 -52.80 -51.28 -15.07
N ARG A 193 -53.03 -51.08 -16.37
CA ARG A 193 -51.97 -50.82 -17.33
C ARG A 193 -51.41 -49.41 -17.26
N ASP A 194 -51.98 -48.54 -16.43
CA ASP A 194 -51.60 -47.14 -16.38
C ASP A 194 -50.56 -46.86 -15.31
N CYS A 195 -50.01 -45.64 -15.35
CA CYS A 195 -49.04 -45.17 -14.37
C CYS A 195 -49.36 -43.73 -14.02
N TYR A 196 -49.34 -43.42 -12.72
CA TYR A 196 -49.72 -42.12 -12.20
C TYR A 196 -48.52 -41.46 -11.54
N LEU A 197 -48.41 -40.15 -11.72
CA LEU A 197 -47.43 -39.34 -11.01
C LEU A 197 -48.05 -38.73 -9.77
N GLN A 198 -47.53 -39.07 -8.61
CA GLN A 198 -47.92 -38.43 -7.35
C GLN A 198 -47.01 -37.25 -7.07
N ILE A 199 -47.60 -36.06 -7.04
CA ILE A 199 -46.86 -34.82 -6.85
C ILE A 199 -47.65 -33.90 -5.94
N ALA A 200 -48.96 -34.11 -5.87
CA ALA A 200 -49.78 -33.34 -4.96
C ALA A 200 -49.45 -33.71 -3.52
N ASP A 201 -49.66 -32.76 -2.61
CA ASP A 201 -49.35 -33.00 -1.22
C ASP A 201 -50.47 -33.75 -0.53
N ILE A 202 -50.09 -34.61 0.42
CA ILE A 202 -51.05 -35.49 1.08
C ILE A 202 -52.03 -34.72 1.94
N SER A 203 -51.71 -33.48 2.31
CA SER A 203 -52.64 -32.69 3.11
C SER A 203 -53.83 -32.22 2.30
N PHE A 204 -53.81 -32.40 0.99
CA PHE A 204 -54.88 -31.97 0.11
C PHE A 204 -55.62 -33.16 -0.47
N ALA A 205 -56.92 -32.97 -0.71
CA ALA A 205 -57.72 -34.01 -1.35
C ALA A 205 -57.16 -34.37 -2.72
N ALA A 206 -56.50 -33.43 -3.39
CA ALA A 206 -56.02 -33.66 -4.74
C ALA A 206 -55.11 -34.88 -4.82
N SER A 207 -54.33 -35.14 -3.77
CA SER A 207 -53.39 -36.25 -3.81
C SER A 207 -54.08 -37.60 -3.95
N ALA A 208 -55.33 -37.69 -3.48
CA ALA A 208 -56.10 -38.92 -3.63
C ALA A 208 -56.21 -39.33 -5.09
N ASN A 209 -56.52 -38.37 -5.97
CA ASN A 209 -56.63 -38.64 -7.39
C ASN A 209 -55.45 -39.46 -7.90
N GLU A 210 -54.26 -39.17 -7.37
CA GLU A 210 -53.06 -39.86 -7.81
C GLU A 210 -52.80 -41.14 -7.03
N ILE A 211 -53.00 -41.11 -5.71
CA ILE A 211 -52.61 -42.24 -4.88
C ILE A 211 -53.55 -43.42 -5.08
N TRP A 212 -54.84 -43.21 -4.81
CA TRP A 212 -55.78 -44.32 -4.75
C TRP A 212 -56.21 -44.79 -6.13
N MET A 213 -56.45 -43.87 -7.05
CA MET A 213 -56.73 -44.28 -8.43
C MET A 213 -55.65 -45.20 -8.96
N ALA A 214 -54.41 -45.00 -8.52
CA ALA A 214 -53.35 -45.94 -8.82
C ALA A 214 -53.50 -47.24 -8.04
N LEU A 215 -53.46 -47.14 -6.71
CA LEU A 215 -53.32 -48.33 -5.88
C LEU A 215 -54.58 -49.17 -5.83
N LEU A 216 -55.74 -48.61 -6.15
CA LEU A 216 -56.99 -49.33 -6.05
C LEU A 216 -57.47 -49.85 -7.40
N THR A 217 -56.72 -49.60 -8.47
CA THR A 217 -57.03 -50.15 -9.78
C THR A 217 -55.96 -51.09 -10.30
N GLY A 218 -54.87 -51.30 -9.56
CA GLY A 218 -53.77 -52.12 -10.02
C GLY A 218 -52.73 -51.41 -10.84
N ALA A 219 -52.78 -50.08 -10.93
CA ALA A 219 -51.84 -49.32 -11.72
C ALA A 219 -50.58 -49.02 -10.93
N CYS A 220 -49.64 -48.35 -11.58
CA CYS A 220 -48.36 -48.00 -10.98
C CYS A 220 -48.38 -46.55 -10.52
N LEU A 221 -47.77 -46.29 -9.36
CA LEU A 221 -47.64 -44.96 -8.81
C LEU A 221 -46.16 -44.61 -8.74
N THR A 222 -45.75 -43.61 -9.51
CA THR A 222 -44.38 -43.10 -9.44
C THR A 222 -44.37 -41.87 -8.54
N ILE A 223 -43.39 -41.80 -7.66
CA ILE A 223 -43.38 -40.86 -6.54
C ILE A 223 -42.40 -39.76 -6.86
N ALA A 224 -42.90 -38.53 -6.94
CA ALA A 224 -42.02 -37.40 -7.13
C ALA A 224 -41.22 -37.14 -5.85
N PRO A 225 -39.97 -36.72 -5.96
CA PRO A 225 -39.15 -36.48 -4.78
C PRO A 225 -39.75 -35.38 -3.92
N PRO A 226 -39.42 -35.38 -2.63
CA PRO A 226 -39.93 -34.33 -1.73
C PRO A 226 -39.44 -32.95 -2.14
N GLY A 227 -40.12 -31.94 -1.60
CA GLY A 227 -39.78 -30.56 -1.88
C GLY A 227 -40.64 -29.94 -2.96
N LEU A 228 -40.16 -28.82 -3.49
CA LEU A 228 -40.87 -28.15 -4.55
C LEU A 228 -40.82 -28.99 -5.82
N PRO A 229 -41.85 -28.94 -6.64
CA PRO A 229 -41.76 -29.56 -7.97
C PRO A 229 -40.65 -28.93 -8.79
N ASP A 230 -39.88 -29.79 -9.45
CA ASP A 230 -38.86 -29.38 -10.40
C ASP A 230 -39.37 -29.75 -11.78
N LEU A 231 -39.81 -28.74 -12.55
CA LEU A 231 -40.53 -29.00 -13.78
C LEU A 231 -39.73 -29.85 -14.75
N MET A 232 -38.40 -29.67 -14.79
CA MET A 232 -37.57 -30.48 -15.66
C MET A 232 -37.34 -31.87 -15.10
N ALA A 233 -37.17 -31.98 -13.78
CA ALA A 233 -37.10 -33.28 -13.14
C ALA A 233 -38.40 -34.05 -13.30
N LEU A 234 -39.54 -33.36 -13.19
CA LEU A 234 -40.82 -34.02 -13.42
C LEU A 234 -40.95 -34.47 -14.87
N ALA A 235 -40.50 -33.64 -15.80
CA ALA A 235 -40.53 -34.04 -17.21
C ALA A 235 -39.69 -35.29 -17.44
N ARG A 236 -38.47 -35.31 -16.88
CA ARG A 236 -37.62 -36.49 -17.01
C ARG A 236 -38.27 -37.70 -16.36
N GLN A 237 -38.93 -37.52 -15.21
CA GLN A 237 -39.54 -38.63 -14.52
C GLN A 237 -40.76 -39.15 -15.26
N ILE A 238 -41.59 -38.26 -15.79
CA ILE A 238 -42.75 -38.66 -16.58
C ILE A 238 -42.32 -39.50 -17.77
N GLU A 239 -41.23 -39.11 -18.41
CA GLU A 239 -40.70 -39.86 -19.54
C GLU A 239 -40.10 -41.17 -19.10
N SER A 240 -39.29 -41.13 -18.03
CA SER A 240 -38.58 -42.32 -17.59
C SER A 240 -39.51 -43.42 -17.13
N ASP A 241 -40.54 -43.07 -16.36
CA ASP A 241 -41.46 -44.07 -15.84
C ASP A 241 -42.73 -44.19 -16.65
N ASN A 242 -42.81 -43.49 -17.79
CA ASN A 242 -43.91 -43.63 -18.74
C ASN A 242 -45.27 -43.43 -18.07
N VAL A 243 -45.40 -42.30 -17.36
CA VAL A 243 -46.67 -41.94 -16.77
C VAL A 243 -47.71 -41.82 -17.86
N THR A 244 -48.88 -42.41 -17.64
CA THR A 244 -49.97 -42.33 -18.59
C THR A 244 -51.15 -41.49 -18.13
N MET A 245 -51.30 -41.31 -16.81
CA MET A 245 -52.33 -40.48 -16.22
C MET A 245 -51.65 -39.40 -15.41
N LEU A 246 -51.81 -38.15 -15.82
CA LEU A 246 -51.11 -37.03 -15.21
C LEU A 246 -52.13 -36.05 -14.66
N PHE A 247 -52.07 -35.83 -13.35
CA PHE A 247 -52.94 -34.88 -12.66
C PHE A 247 -52.13 -33.65 -12.33
N LEU A 248 -52.64 -32.49 -12.69
CA LEU A 248 -51.93 -31.23 -12.51
C LEU A 248 -52.88 -30.18 -11.94
N SER A 249 -52.34 -29.32 -11.09
CA SER A 249 -53.03 -28.11 -10.71
C SER A 249 -53.04 -27.13 -11.88
N GLY A 250 -53.94 -26.15 -11.79
CA GLY A 250 -54.00 -25.14 -12.82
C GLY A 250 -52.68 -24.41 -13.02
N GLY A 251 -52.00 -24.09 -11.92
CA GLY A 251 -50.73 -23.40 -12.04
C GLY A 251 -49.67 -24.24 -12.71
N LEU A 252 -49.49 -25.48 -12.23
CA LEU A 252 -48.46 -26.35 -12.79
C LEU A 252 -48.78 -26.75 -14.23
N PHE A 253 -50.06 -26.89 -14.57
CA PHE A 253 -50.43 -27.12 -15.96
C PHE A 253 -50.00 -25.96 -16.85
N ARG A 254 -50.27 -24.74 -16.40
CA ARG A 254 -49.82 -23.57 -17.15
C ARG A 254 -48.32 -23.53 -17.29
N LEU A 255 -47.60 -23.89 -16.22
CA LEU A 255 -46.14 -23.92 -16.27
C LEU A 255 -45.62 -24.91 -17.31
N PHE A 256 -46.20 -26.10 -17.37
CA PHE A 256 -45.79 -27.07 -18.38
C PHE A 256 -46.07 -26.56 -19.79
N VAL A 257 -47.23 -25.92 -19.99
CA VAL A 257 -47.59 -25.43 -21.32
C VAL A 257 -46.59 -24.37 -21.77
N GLU A 258 -46.18 -23.50 -20.84
CA GLU A 258 -45.31 -22.39 -21.21
C GLU A 258 -43.86 -22.80 -21.42
N VAL A 259 -43.41 -23.90 -20.79
CA VAL A 259 -41.99 -24.25 -20.79
C VAL A 259 -41.73 -25.55 -21.55
N SER A 260 -42.51 -26.60 -21.27
CA SER A 260 -42.25 -27.93 -21.82
C SER A 260 -43.53 -28.64 -22.22
N VAL A 261 -44.28 -28.04 -23.15
CA VAL A 261 -45.57 -28.61 -23.53
C VAL A 261 -45.41 -30.01 -24.12
N GLU A 262 -44.25 -30.30 -24.69
CA GLU A 262 -44.03 -31.64 -25.26
C GLU A 262 -44.09 -32.73 -24.21
N THR A 263 -43.89 -32.39 -22.94
CA THR A 263 -44.04 -33.37 -21.86
C THR A 263 -45.50 -33.77 -21.69
N LEU A 264 -46.44 -32.86 -21.92
CA LEU A 264 -47.85 -33.11 -21.66
C LEU A 264 -48.46 -34.14 -22.59
N HIS A 265 -47.73 -34.63 -23.59
CA HIS A 265 -48.27 -35.59 -24.52
C HIS A 265 -47.56 -36.93 -24.47
N ILE A 266 -46.63 -37.11 -23.53
CA ILE A 266 -46.11 -38.42 -23.21
C ILE A 266 -47.19 -39.30 -22.59
N PRO A 267 -48.02 -38.80 -21.67
CA PRO A 267 -49.11 -39.63 -21.13
C PRO A 267 -50.28 -39.73 -22.10
N ASP A 268 -51.32 -40.42 -21.65
CA ASP A 268 -52.55 -40.58 -22.40
C ASP A 268 -53.60 -39.54 -22.03
N CYS A 269 -53.74 -39.24 -20.75
CA CYS A 269 -54.72 -38.28 -20.28
C CYS A 269 -54.04 -37.31 -19.31
N VAL A 270 -54.37 -36.03 -19.45
CA VAL A 270 -53.95 -34.99 -18.51
C VAL A 270 -55.19 -34.35 -17.94
N VAL A 271 -55.30 -34.35 -16.61
CA VAL A 271 -56.46 -33.82 -15.91
C VAL A 271 -56.04 -32.55 -15.17
N VAL A 272 -56.63 -31.43 -15.57
CA VAL A 272 -56.40 -30.14 -14.92
C VAL A 272 -57.60 -29.81 -14.06
N SER A 273 -57.36 -29.43 -12.81
CA SER A 273 -58.46 -29.20 -11.89
C SER A 273 -58.02 -28.25 -10.79
N GLY A 274 -59.02 -27.69 -10.09
CA GLY A 274 -58.83 -26.93 -8.88
C GLY A 274 -59.07 -25.44 -9.03
N ASP A 275 -58.91 -24.90 -10.23
CA ASP A 275 -59.07 -23.47 -10.45
C ASP A 275 -59.34 -23.20 -11.91
N PHE A 276 -59.90 -22.02 -12.17
CA PHE A 276 -60.17 -21.62 -13.54
C PHE A 276 -58.86 -21.53 -14.30
N VAL A 277 -58.87 -22.01 -15.54
CA VAL A 277 -57.69 -21.97 -16.41
C VAL A 277 -58.07 -21.23 -17.68
N ASN A 278 -57.12 -20.47 -18.22
CA ASN A 278 -57.40 -19.72 -19.42
C ASN A 278 -57.56 -20.67 -20.60
N PRO A 279 -58.62 -20.53 -21.39
CA PRO A 279 -58.83 -21.45 -22.52
C PRO A 279 -57.66 -21.47 -23.50
N ARG A 280 -56.90 -20.38 -23.59
CA ARG A 280 -55.78 -20.36 -24.51
C ARG A 280 -54.75 -21.42 -24.14
N LEU A 281 -54.54 -21.65 -22.84
CA LEU A 281 -53.62 -22.69 -22.41
C LEU A 281 -54.11 -24.07 -22.82
N PHE A 282 -55.39 -24.35 -22.65
CA PHE A 282 -55.94 -25.62 -23.10
C PHE A 282 -55.78 -25.79 -24.60
N SER A 283 -56.01 -24.73 -25.37
CA SER A 283 -55.89 -24.82 -26.82
C SER A 283 -54.47 -25.18 -27.23
N VAL A 284 -53.48 -24.49 -26.66
CA VAL A 284 -52.09 -24.75 -27.00
C VAL A 284 -51.70 -26.17 -26.59
N ALA A 285 -52.20 -26.63 -25.45
CA ALA A 285 -51.94 -28.01 -25.00
C ALA A 285 -52.55 -29.02 -25.96
N VAL A 286 -53.82 -28.82 -26.33
CA VAL A 286 -54.53 -29.80 -27.14
C VAL A 286 -53.91 -29.90 -28.53
N GLN A 287 -53.43 -28.78 -29.08
CA GLN A 287 -52.85 -28.83 -30.41
C GLN A 287 -51.56 -29.62 -30.45
N ALA A 288 -50.82 -29.70 -29.34
CA ALA A 288 -49.43 -30.08 -29.40
C ALA A 288 -49.20 -31.59 -29.55
N GLY A 289 -50.24 -32.42 -29.48
CA GLY A 289 -49.99 -33.84 -29.59
C GLY A 289 -51.21 -34.68 -29.33
N LYS A 290 -50.95 -35.95 -29.04
CA LYS A 290 -51.93 -37.02 -29.03
C LYS A 290 -52.75 -37.10 -27.75
N ALA A 291 -52.28 -36.52 -26.66
CA ALA A 291 -52.87 -36.79 -25.37
C ALA A 291 -54.22 -36.10 -25.23
N LYS A 292 -55.09 -36.72 -24.43
CA LYS A 292 -56.36 -36.10 -24.06
C LYS A 292 -56.16 -35.12 -22.91
N ILE A 293 -56.65 -33.90 -23.09
CA ILE A 293 -56.61 -32.87 -22.06
C ILE A 293 -58.00 -32.75 -21.45
N PHE A 294 -58.07 -32.78 -20.12
CA PHE A 294 -59.31 -32.69 -19.38
C PHE A 294 -59.29 -31.49 -18.45
N ASN A 295 -60.45 -30.85 -18.29
CA ASN A 295 -60.70 -29.92 -17.21
C ASN A 295 -61.61 -30.60 -16.20
N GLY A 296 -61.25 -30.51 -14.93
CA GLY A 296 -61.94 -31.26 -13.89
C GLY A 296 -62.36 -30.41 -12.72
N LEU A 297 -63.46 -30.82 -12.10
CA LEU A 297 -63.91 -30.28 -10.83
C LEU A 297 -63.42 -31.17 -9.70
N GLY A 298 -62.63 -30.60 -8.82
CA GLY A 298 -62.25 -31.28 -7.59
C GLY A 298 -62.75 -30.51 -6.38
N CYS A 299 -63.23 -31.24 -5.39
CA CYS A 299 -63.87 -30.65 -4.22
C CYS A 299 -63.42 -31.39 -2.99
N THR A 300 -62.89 -30.65 -2.01
CA THR A 300 -62.42 -31.27 -0.78
C THR A 300 -63.53 -32.04 -0.09
N GLU A 301 -64.72 -31.44 -0.01
CA GLU A 301 -65.87 -32.09 0.62
C GLU A 301 -66.46 -33.20 -0.22
N ASN A 302 -65.96 -33.43 -1.44
CA ASN A 302 -66.27 -34.63 -2.21
C ASN A 302 -65.08 -35.57 -2.32
N SER A 303 -64.13 -35.45 -1.39
CA SER A 303 -63.04 -36.41 -1.18
C SER A 303 -61.97 -36.40 -2.27
N ALA A 304 -62.33 -36.20 -3.52
CA ALA A 304 -61.38 -36.33 -4.61
C ALA A 304 -62.00 -35.75 -5.88
N ILE A 305 -61.36 -36.02 -7.01
CA ILE A 305 -61.85 -35.59 -8.31
C ILE A 305 -63.30 -36.02 -8.50
N SER A 306 -64.10 -35.11 -9.05
CA SER A 306 -65.53 -35.27 -9.13
C SER A 306 -66.09 -35.26 -10.54
N SER A 307 -65.53 -34.49 -11.46
CA SER A 307 -66.03 -34.46 -12.82
C SER A 307 -64.92 -34.19 -13.81
N LEU A 308 -65.12 -34.63 -15.05
CA LEU A 308 -64.17 -34.47 -16.13
C LEU A 308 -64.87 -33.97 -17.38
N TYR A 309 -64.25 -33.01 -18.06
CA TYR A 309 -64.62 -32.64 -19.42
C TYR A 309 -63.43 -32.85 -20.35
N HIS A 310 -63.64 -33.57 -21.44
CA HIS A 310 -62.59 -33.80 -22.42
C HIS A 310 -62.61 -32.66 -23.44
N ILE A 311 -61.52 -31.92 -23.51
CA ILE A 311 -61.36 -30.82 -24.46
C ILE A 311 -60.84 -31.42 -25.76
N GLN A 312 -61.75 -31.69 -26.70
CA GLN A 312 -61.39 -32.52 -27.84
C GLN A 312 -60.59 -31.79 -28.90
N SER A 313 -60.76 -30.48 -29.02
CA SER A 313 -59.98 -29.70 -29.98
C SER A 313 -60.01 -28.24 -29.57
N ALA A 314 -59.16 -27.45 -30.23
CA ALA A 314 -59.16 -26.02 -29.99
C ALA A 314 -60.48 -25.37 -30.39
N ALA A 315 -61.25 -26.01 -31.27
CA ALA A 315 -62.53 -25.45 -31.69
C ALA A 315 -63.56 -25.47 -30.58
N ALA A 316 -63.35 -26.27 -29.55
CA ALA A 316 -64.29 -26.37 -28.45
C ALA A 316 -64.10 -25.27 -27.42
N LEU A 317 -63.34 -24.23 -27.75
CA LEU A 317 -62.98 -23.19 -26.81
C LEU A 317 -63.32 -21.83 -27.39
N SER A 318 -63.68 -20.91 -26.50
CA SER A 318 -64.01 -19.55 -26.90
C SER A 318 -63.73 -18.61 -25.74
N SER A 319 -63.48 -17.35 -26.08
CA SER A 319 -63.20 -16.34 -25.08
C SER A 319 -64.48 -15.89 -24.39
N PRO A 322 -65.78 -19.91 -20.12
CA PRO A 322 -64.95 -20.84 -19.37
C PRO A 322 -65.18 -22.29 -19.78
N VAL A 323 -64.14 -23.10 -19.65
CA VAL A 323 -64.21 -24.50 -20.08
C VAL A 323 -65.09 -25.27 -19.09
N PRO A 324 -66.02 -26.10 -19.57
CA PRO A 324 -66.85 -26.89 -18.65
C PRO A 324 -66.01 -27.81 -17.80
N VAL A 325 -66.54 -28.16 -16.62
CA VAL A 325 -65.94 -29.18 -15.79
C VAL A 325 -66.52 -30.57 -16.05
N GLY A 326 -67.57 -30.66 -16.86
CA GLY A 326 -67.97 -31.93 -17.44
C GLY A 326 -69.08 -32.69 -16.75
N THR A 327 -68.92 -34.01 -16.68
CA THR A 327 -69.90 -34.93 -16.14
C THR A 327 -69.28 -35.75 -15.01
N PRO A 328 -70.08 -36.18 -14.04
CA PRO A 328 -69.53 -36.75 -12.81
C PRO A 328 -68.76 -38.03 -13.05
N LEU A 329 -67.89 -38.33 -12.08
CA LEU A 329 -67.19 -39.59 -12.02
C LEU A 329 -68.15 -40.67 -11.51
N PRO A 330 -67.74 -41.94 -11.56
CA PRO A 330 -68.61 -43.00 -11.03
C PRO A 330 -69.07 -42.73 -9.62
N LEU A 331 -70.35 -43.00 -9.36
CA LEU A 331 -71.03 -42.86 -8.08
C LEU A 331 -71.09 -41.43 -7.59
N VAL A 332 -70.65 -40.47 -8.39
CA VAL A 332 -70.83 -39.06 -8.11
C VAL A 332 -72.03 -38.54 -8.87
N GLU A 333 -72.81 -37.69 -8.24
CA GLU A 333 -73.92 -37.01 -8.88
C GLU A 333 -73.75 -35.52 -8.64
N MET A 334 -73.97 -34.73 -9.69
CA MET A 334 -73.79 -33.29 -9.60
C MET A 334 -75.03 -32.61 -10.18
N VAL A 335 -75.58 -31.67 -9.43
CA VAL A 335 -76.79 -30.95 -9.84
C VAL A 335 -76.55 -29.46 -9.67
N VAL A 336 -76.96 -28.68 -10.65
CA VAL A 336 -77.00 -27.22 -10.54
C VAL A 336 -78.45 -26.83 -10.23
N PHE A 337 -78.67 -26.23 -9.06
CA PHE A 337 -80.00 -25.92 -8.57
C PHE A 337 -80.28 -24.43 -8.66
N ASN A 338 -81.49 -24.09 -9.08
CA ASN A 338 -81.97 -22.72 -9.02
C ASN A 338 -82.56 -22.43 -7.64
N GLU A 339 -83.03 -21.19 -7.45
CA GLU A 339 -83.44 -20.71 -6.14
C GLU A 339 -84.59 -21.51 -5.56
N ARG A 340 -85.36 -22.22 -6.37
CA ARG A 340 -86.47 -23.03 -5.87
C ARG A 340 -86.15 -24.52 -5.83
N LEU A 341 -84.87 -24.88 -5.91
CA LEU A 341 -84.42 -26.28 -5.87
C LEU A 341 -84.99 -27.08 -7.03
N GLN A 342 -85.01 -26.47 -8.21
CA GLN A 342 -85.20 -27.14 -9.48
C GLN A 342 -83.89 -27.24 -10.23
N PRO A 343 -83.64 -28.34 -10.93
CA PRO A 343 -82.44 -28.42 -11.76
C PRO A 343 -82.47 -27.36 -12.84
N CYS A 344 -81.36 -26.66 -13.00
CA CYS A 344 -81.31 -25.55 -13.93
C CYS A 344 -81.44 -26.03 -15.36
N THR A 345 -82.13 -25.27 -16.18
CA THR A 345 -82.15 -25.51 -17.61
C THR A 345 -80.85 -25.02 -18.24
N CYS A 346 -80.61 -25.45 -19.47
CA CYS A 346 -79.40 -25.05 -20.16
C CYS A 346 -79.34 -23.53 -20.28
N GLY A 347 -78.26 -22.95 -19.75
CA GLY A 347 -78.09 -21.52 -19.72
C GLY A 347 -78.72 -20.83 -18.53
N GLU A 348 -79.45 -21.56 -17.69
CA GLU A 348 -79.92 -21.01 -16.43
C GLU A 348 -78.84 -21.15 -15.37
N TYR A 349 -78.49 -20.05 -14.72
CA TYR A 349 -77.43 -20.03 -13.74
C TYR A 349 -77.96 -20.43 -12.37
N GLY A 350 -77.21 -21.28 -11.69
CA GLY A 350 -77.57 -21.71 -10.35
C GLY A 350 -76.37 -22.05 -9.50
N GLU A 351 -76.59 -22.81 -8.44
CA GLU A 351 -75.54 -23.19 -7.50
C GLU A 351 -75.28 -24.68 -7.62
N LEU A 352 -74.02 -25.06 -7.53
CA LEU A 352 -73.60 -26.43 -7.77
C LEU A 352 -73.70 -27.23 -6.48
N PHE A 353 -74.44 -28.32 -6.51
CA PHE A 353 -74.56 -29.26 -5.41
C PHE A 353 -74.01 -30.60 -5.84
N ILE A 354 -73.29 -31.27 -4.94
CA ILE A 354 -72.67 -32.55 -5.23
C ILE A 354 -73.22 -33.60 -4.27
N ALA A 355 -73.43 -34.81 -4.78
CA ALA A 355 -73.97 -35.89 -3.98
C ALA A 355 -73.32 -37.20 -4.41
N GLY A 356 -73.56 -38.25 -3.64
CA GLY A 356 -73.08 -39.57 -3.94
C GLY A 356 -71.94 -40.01 -3.04
N ALA A 357 -71.18 -40.98 -3.54
CA ALA A 357 -70.22 -41.71 -2.71
C ALA A 357 -69.10 -40.82 -2.21
N GLY A 358 -68.78 -39.76 -2.93
CA GLY A 358 -67.66 -38.92 -2.53
C GLY A 358 -67.93 -37.94 -1.43
N VAL A 359 -69.20 -37.69 -1.12
CA VAL A 359 -69.55 -36.61 -0.21
C VAL A 359 -69.00 -36.87 1.18
N ALA A 360 -68.43 -35.83 1.78
CA ALA A 360 -67.84 -35.96 3.10
C ALA A 360 -68.92 -36.26 4.15
N LEU A 361 -68.46 -36.75 5.29
CA LEU A 361 -69.36 -36.99 6.41
C LEU A 361 -69.76 -35.71 7.12
N GLY A 362 -69.01 -34.64 6.93
CA GLY A 362 -69.34 -33.37 7.54
C GLY A 362 -68.12 -32.67 8.08
N TYR A 363 -68.31 -31.49 8.66
CA TYR A 363 -67.24 -30.79 9.34
C TYR A 363 -67.23 -31.19 10.83
N SER A 364 -66.21 -30.70 11.53
CA SER A 364 -66.13 -30.99 12.96
C SER A 364 -67.19 -30.24 13.76
N ASP A 365 -67.59 -29.06 13.32
CA ASP A 365 -68.68 -28.44 14.04
C ASP A 365 -69.99 -28.70 13.32
N PRO A 366 -71.01 -29.19 14.02
CA PRO A 366 -72.26 -29.56 13.34
C PRO A 366 -73.05 -28.39 12.81
N GLN A 367 -72.78 -27.16 13.28
CA GLN A 367 -73.53 -26.02 12.77
C GLN A 367 -73.15 -25.72 11.33
N LEU A 368 -71.85 -25.68 11.03
CA LEU A 368 -71.40 -25.52 9.65
C LEU A 368 -71.78 -26.71 8.79
N THR A 369 -71.79 -27.91 9.36
CA THR A 369 -72.23 -29.09 8.61
C THR A 369 -73.67 -28.94 8.16
N ALA A 370 -74.53 -28.39 9.01
CA ALA A 370 -75.90 -28.12 8.61
C ALA A 370 -75.98 -26.99 7.60
N GLU A 371 -75.04 -26.05 7.65
CA GLU A 371 -75.04 -24.95 6.69
C GLU A 371 -74.74 -25.44 5.28
N ARG A 372 -73.84 -26.42 5.13
CA ARG A 372 -73.31 -26.76 3.83
C ARG A 372 -73.66 -28.15 3.34
N PHE A 373 -74.08 -29.06 4.22
CA PHE A 373 -74.57 -30.37 3.81
C PHE A 373 -76.06 -30.42 4.05
N ILE A 374 -76.82 -30.61 2.98
CA ILE A 374 -78.26 -30.41 2.98
C ILE A 374 -78.92 -31.62 2.34
N THR A 375 -79.99 -32.10 2.95
CA THR A 375 -80.74 -33.22 2.42
C THR A 375 -81.86 -32.69 1.53
N ILE A 376 -81.81 -33.04 0.25
CA ILE A 376 -82.78 -32.54 -0.73
C ILE A 376 -83.44 -33.71 -1.42
N PRO A 377 -84.74 -33.65 -1.69
CA PRO A 377 -85.38 -34.66 -2.56
C PRO A 377 -84.98 -34.42 -4.00
N TYR A 378 -84.31 -35.40 -4.59
CA TYR A 378 -83.91 -35.34 -5.98
C TYR A 378 -84.39 -36.60 -6.69
N GLN A 379 -85.07 -36.41 -7.83
CA GLN A 379 -85.77 -37.46 -8.54
C GLN A 379 -86.44 -38.46 -7.60
N GLY A 380 -87.23 -37.90 -6.67
CA GLY A 380 -88.04 -38.66 -5.75
C GLY A 380 -87.31 -39.31 -4.59
N THR A 381 -86.01 -39.09 -4.45
CA THR A 381 -85.24 -39.70 -3.38
C THR A 381 -84.58 -38.61 -2.56
N ASP A 382 -84.67 -38.74 -1.23
CA ASP A 382 -83.92 -37.87 -0.33
C ASP A 382 -82.44 -38.15 -0.46
N MET A 383 -81.66 -37.14 -0.86
CA MET A 383 -80.23 -37.31 -1.02
C MET A 383 -79.50 -36.20 -0.30
N LEU A 384 -78.33 -36.53 0.25
CA LEU A 384 -77.49 -35.57 0.95
C LEU A 384 -76.54 -34.93 -0.05
N PHE A 385 -76.60 -33.62 -0.15
CA PHE A 385 -75.77 -32.84 -1.06
C PHE A 385 -74.81 -31.98 -0.26
N TYR A 386 -73.54 -32.02 -0.64
CA TYR A 386 -72.66 -30.95 -0.24
C TYR A 386 -72.97 -29.72 -1.08
N ARG A 387 -73.14 -28.58 -0.43
CA ARG A 387 -73.52 -27.35 -1.11
C ARG A 387 -72.28 -26.50 -1.31
N THR A 388 -71.80 -26.44 -2.54
CA THR A 388 -70.68 -25.55 -2.84
C THR A 388 -71.21 -24.14 -2.95
N ASP A 389 -70.32 -23.19 -3.13
CA ASP A 389 -70.71 -21.81 -3.40
C ASP A 389 -70.26 -21.40 -4.79
N ASP A 390 -70.32 -22.35 -5.72
CA ASP A 390 -69.94 -22.14 -7.11
C ASP A 390 -71.18 -21.84 -7.91
N ARG A 391 -71.16 -20.74 -8.65
CA ARG A 391 -72.23 -20.41 -9.56
C ARG A 391 -71.97 -21.08 -10.90
N ALA A 392 -72.94 -21.84 -11.37
CA ALA A 392 -72.72 -22.74 -12.49
C ALA A 392 -73.99 -22.83 -13.32
N THR A 393 -73.86 -23.43 -14.50
CA THR A 393 -75.00 -23.71 -15.35
C THR A 393 -74.68 -24.98 -16.13
N TYR A 394 -75.65 -25.43 -16.93
CA TYR A 394 -75.48 -26.60 -17.77
C TYR A 394 -75.13 -26.22 -19.19
N ASP A 395 -74.17 -26.96 -19.75
CA ASP A 395 -73.84 -26.91 -21.17
C ASP A 395 -75.03 -27.44 -21.97
N GLN A 396 -75.03 -27.17 -23.29
CA GLN A 396 -76.10 -27.73 -24.12
C GLN A 396 -76.06 -29.25 -24.16
N ASP A 397 -74.90 -29.85 -23.89
CA ASP A 397 -74.79 -31.30 -23.81
C ASP A 397 -74.78 -31.77 -22.36
N ARG A 398 -75.31 -30.95 -21.45
CA ARG A 398 -75.45 -31.23 -20.03
C ARG A 398 -74.13 -31.44 -19.32
N ASN A 399 -73.02 -31.01 -19.91
CA ASN A 399 -71.84 -30.76 -19.11
C ASN A 399 -72.14 -29.62 -18.17
N ILE A 400 -71.45 -29.59 -17.03
CA ILE A 400 -71.62 -28.52 -16.06
C ILE A 400 -70.49 -27.52 -16.26
N VAL A 401 -70.84 -26.23 -16.31
CA VAL A 401 -69.88 -25.16 -16.52
C VAL A 401 -69.90 -24.26 -15.29
N LEU A 402 -68.75 -24.10 -14.65
CA LEU A 402 -68.59 -23.12 -13.58
C LEU A 402 -68.37 -21.73 -14.15
N VAL A 403 -69.08 -20.75 -13.59
CA VAL A 403 -68.97 -19.38 -14.07
C VAL A 403 -68.55 -18.40 -12.99
N GLY A 404 -68.61 -18.74 -11.71
CA GLY A 404 -68.17 -17.82 -10.68
C GLY A 404 -68.18 -18.47 -9.31
N ARG A 405 -68.05 -17.61 -8.30
CA ARG A 405 -67.86 -18.08 -6.93
C ARG A 405 -68.31 -16.99 -5.96
N GLY A 406 -68.61 -17.41 -4.72
CA GLY A 406 -69.10 -16.51 -3.70
C GLY A 406 -68.68 -16.90 -2.30
N ASN A 407 -69.20 -16.16 -1.34
CA ASN A 407 -69.00 -16.33 0.12
C ASN A 407 -67.52 -16.28 0.52
N HIS A 408 -67.23 -16.94 1.63
CA HIS A 408 -65.94 -16.94 2.33
C HIS A 408 -64.87 -17.72 1.59
N ILE A 409 -65.17 -18.33 0.46
CA ILE A 409 -64.16 -19.09 -0.24
C ILE A 409 -63.41 -18.13 -1.16
N CYS A 410 -62.10 -18.12 -1.03
CA CYS A 410 -61.21 -17.31 -1.84
C CYS A 410 -60.38 -18.25 -2.69
N LYS A 411 -60.38 -18.05 -4.00
CA LYS A 411 -59.72 -18.99 -4.90
C LYS A 411 -58.40 -18.36 -5.33
N ILE A 412 -57.36 -18.62 -4.55
CA ILE A 412 -56.00 -18.22 -4.86
C ILE A 412 -55.25 -19.51 -5.17
N ARG A 413 -54.91 -19.70 -6.44
CA ARG A 413 -54.28 -20.93 -6.92
C ARG A 413 -54.96 -22.19 -6.37
N GLY A 414 -56.28 -22.14 -6.19
CA GLY A 414 -57.03 -23.31 -5.78
C GLY A 414 -56.94 -23.69 -4.32
N PHE A 415 -56.27 -22.89 -3.48
CA PHE A 415 -56.06 -23.25 -2.09
C PHE A 415 -57.23 -22.93 -1.16
N ARG A 416 -58.16 -22.07 -1.56
CA ARG A 416 -59.34 -21.78 -0.75
C ARG A 416 -58.87 -21.06 0.50
N ILE A 417 -58.33 -19.87 0.32
CA ILE A 417 -57.70 -19.11 1.39
C ILE A 417 -58.74 -18.38 2.22
N ASN A 418 -58.45 -18.20 3.50
CA ASN A 418 -59.24 -17.36 4.40
C ASN A 418 -58.51 -16.04 4.61
N ILE A 419 -59.13 -14.94 4.20
CA ILE A 419 -58.45 -13.64 4.26
C ILE A 419 -58.34 -13.15 5.69
N ALA A 420 -59.40 -13.32 6.48
CA ALA A 420 -59.40 -12.84 7.87
C ALA A 420 -58.31 -13.51 8.71
N GLY A 421 -58.00 -14.77 8.42
CA GLY A 421 -56.94 -15.44 9.17
C GLY A 421 -55.57 -14.83 8.95
N ILE A 422 -55.26 -14.46 7.71
CA ILE A 422 -53.96 -13.85 7.44
C ILE A 422 -53.91 -12.43 8.00
N GLU A 423 -55.00 -11.69 7.93
CA GLU A 423 -55.09 -10.40 8.62
C GLU A 423 -54.75 -10.55 10.10
N HIS A 424 -55.37 -11.52 10.77
CA HIS A 424 -55.11 -11.75 12.19
C HIS A 424 -53.64 -12.09 12.44
N LEU A 425 -53.12 -13.03 11.67
CA LEU A 425 -51.73 -13.44 11.87
C LEU A 425 -50.77 -12.29 11.59
N LEU A 426 -51.10 -11.40 10.66
CA LEU A 426 -50.22 -10.26 10.42
C LEU A 426 -50.36 -9.21 11.51
N ARG A 427 -51.55 -9.06 12.08
CA ARG A 427 -51.73 -8.16 13.21
C ARG A 427 -50.98 -8.62 14.45
N LEU A 428 -50.62 -9.91 14.51
CA LEU A 428 -49.87 -10.44 15.65
C LEU A 428 -48.43 -9.96 15.67
N HIS A 429 -47.90 -9.49 14.55
CA HIS A 429 -46.51 -9.05 14.51
C HIS A 429 -46.33 -7.80 15.35
N HIS A 430 -45.15 -7.69 15.99
CA HIS A 430 -44.94 -6.62 16.96
C HIS A 430 -45.04 -5.25 16.33
N ALA A 431 -44.74 -5.13 15.03
CA ALA A 431 -44.97 -3.90 14.28
C ALA A 431 -46.36 -3.95 13.65
N VAL A 432 -47.36 -4.05 14.52
CA VAL A 432 -48.74 -4.36 14.15
C VAL A 432 -49.22 -3.47 13.03
N GLU A 433 -49.50 -2.21 13.35
CA GLU A 433 -50.11 -1.27 12.41
C GLU A 433 -51.49 -1.87 12.13
N ASP A 434 -51.91 -1.99 10.88
CA ASP A 434 -53.12 -2.73 10.54
C ASP A 434 -52.94 -3.24 9.12
N VAL A 435 -53.76 -4.22 8.74
CA VAL A 435 -53.67 -4.82 7.42
C VAL A 435 -55.08 -4.99 6.88
N LEU A 436 -55.22 -4.92 5.56
CA LEU A 436 -56.50 -5.08 4.89
C LEU A 436 -56.51 -6.30 3.97
N ILE A 437 -55.52 -6.43 3.10
CA ILE A 437 -55.36 -7.53 2.15
C ILE A 437 -56.52 -7.60 1.16
N VAL A 438 -56.19 -7.67 -0.13
CA VAL A 438 -57.19 -7.78 -1.19
C VAL A 438 -56.65 -8.71 -2.27
N VAL A 439 -57.54 -9.13 -3.16
CA VAL A 439 -57.18 -9.92 -4.32
C VAL A 439 -57.26 -9.04 -5.55
N GLU A 440 -56.27 -9.17 -6.44
CA GLU A 440 -56.16 -8.31 -7.60
C GLU A 440 -55.96 -9.15 -8.86
N GLU A 441 -56.49 -8.65 -9.97
CA GLU A 441 -56.43 -9.34 -11.25
C GLU A 441 -55.02 -9.22 -11.83
N THR A 442 -54.39 -10.37 -12.08
CA THR A 442 -53.06 -10.42 -12.65
C THR A 442 -53.11 -11.10 -14.02
N PRO A 443 -52.11 -10.90 -14.86
CA PRO A 443 -52.05 -11.66 -16.11
C PRO A 443 -52.06 -13.16 -15.91
N ASP A 444 -51.49 -13.64 -14.81
CA ASP A 444 -51.39 -15.07 -14.55
C ASP A 444 -52.54 -15.47 -13.60
N GLU A 445 -52.29 -16.11 -12.48
CA GLU A 445 -53.34 -16.38 -11.52
C GLU A 445 -53.54 -15.16 -10.63
N PRO A 446 -54.76 -14.93 -10.14
CA PRO A 446 -54.99 -13.77 -9.27
C PRO A 446 -54.11 -13.82 -8.04
N ARG A 447 -53.62 -12.66 -7.64
CA ARG A 447 -52.65 -12.53 -6.58
C ARG A 447 -53.29 -11.91 -5.34
N LEU A 448 -52.72 -12.22 -4.19
CA LEU A 448 -53.18 -11.69 -2.91
C LEU A 448 -52.30 -10.50 -2.54
N HIS A 449 -52.92 -9.37 -2.26
CA HIS A 449 -52.21 -8.11 -2.11
C HIS A 449 -52.40 -7.51 -0.73
N VAL A 461 -39.66 -5.85 4.54
CA VAL A 461 -40.97 -6.32 4.12
C VAL A 461 -41.00 -7.84 4.13
N ALA A 462 -39.86 -8.45 3.80
CA ALA A 462 -39.73 -9.89 3.87
C ALA A 462 -39.95 -10.42 5.28
N ASP A 463 -39.73 -9.58 6.30
CA ASP A 463 -39.95 -9.99 7.68
C ASP A 463 -41.40 -10.45 7.88
N LEU A 464 -42.35 -9.79 7.22
CA LEU A 464 -43.74 -10.20 7.36
C LEU A 464 -43.96 -11.58 6.73
N LYS A 465 -43.29 -11.85 5.62
CA LYS A 465 -43.43 -13.17 4.99
C LYS A 465 -42.80 -14.24 5.86
N ASN A 466 -41.62 -13.96 6.39
CA ASN A 466 -40.94 -14.90 7.29
C ASN A 466 -41.69 -15.06 8.60
N HIS A 467 -42.39 -14.00 9.04
CA HIS A 467 -43.28 -14.14 10.19
C HIS A 467 -44.42 -15.10 9.88
N LEU A 468 -45.15 -14.87 8.79
CA LEU A 468 -46.27 -15.75 8.45
C LEU A 468 -45.81 -17.18 8.21
N ALA A 469 -44.60 -17.35 7.66
CA ALA A 469 -44.11 -18.70 7.37
C ALA A 469 -43.92 -19.52 8.63
N MET A 470 -43.86 -18.89 9.80
CA MET A 470 -43.81 -19.61 11.06
C MET A 470 -45.19 -20.06 11.53
N HIS A 471 -46.24 -19.43 11.03
CA HIS A 471 -47.60 -19.70 11.48
C HIS A 471 -48.41 -20.48 10.47
N ALA A 472 -48.05 -20.45 9.20
CA ALA A 472 -48.88 -21.00 8.14
C ALA A 472 -47.95 -21.55 7.05
N PRO A 473 -48.48 -22.41 6.18
CA PRO A 473 -47.65 -22.91 5.08
C PRO A 473 -47.32 -21.82 4.08
N ALA A 474 -46.18 -21.99 3.41
CA ALA A 474 -45.67 -20.95 2.54
C ALA A 474 -46.63 -20.65 1.39
N TRP A 475 -47.44 -21.63 0.98
CA TRP A 475 -48.42 -21.37 -0.05
C TRP A 475 -49.52 -20.43 0.42
N MET A 476 -49.62 -20.21 1.73
CA MET A 476 -50.67 -19.36 2.29
C MET A 476 -50.26 -17.91 2.36
N ILE A 477 -49.00 -17.58 2.12
CA ILE A 477 -48.49 -16.22 2.25
C ILE A 477 -48.93 -15.37 1.06
N PRO A 478 -49.37 -14.14 1.29
CA PRO A 478 -49.66 -13.24 0.17
C PRO A 478 -48.39 -12.84 -0.56
N GLU A 479 -48.47 -12.81 -1.90
CA GLU A 479 -47.28 -12.59 -2.71
C GLU A 479 -46.91 -11.11 -2.86
N LYS A 480 -47.83 -10.20 -2.56
CA LYS A 480 -47.56 -8.77 -2.69
C LYS A 480 -47.90 -8.08 -1.38
N PHE A 481 -47.01 -7.20 -0.92
CA PHE A 481 -47.18 -6.50 0.34
C PHE A 481 -47.12 -4.98 0.15
N SER A 482 -47.71 -4.49 -0.94
CA SER A 482 -47.75 -3.07 -1.25
C SER A 482 -46.39 -2.38 -1.10
N ASP A 512 -52.81 11.45 -13.84
CA ASP A 512 -51.86 10.58 -13.16
C ASP A 512 -50.57 10.47 -13.95
N ASN A 513 -50.56 11.09 -15.13
CA ASN A 513 -49.41 11.05 -16.03
C ASN A 513 -48.16 11.68 -15.42
N VAL A 514 -48.28 12.30 -14.25
CA VAL A 514 -47.12 12.88 -13.58
C VAL A 514 -46.11 11.80 -13.22
N GLU A 515 -46.57 10.64 -12.78
CA GLU A 515 -45.64 9.55 -12.49
C GLU A 515 -44.89 9.14 -13.74
N GLN A 516 -45.60 9.02 -14.87
CA GLN A 516 -44.93 8.70 -16.13
C GLN A 516 -43.95 9.79 -16.51
N GLN A 517 -44.35 11.05 -16.33
CA GLN A 517 -43.49 12.18 -16.68
C GLN A 517 -42.25 12.21 -15.80
N LEU A 518 -42.43 12.09 -14.48
CA LEU A 518 -41.28 12.10 -13.58
C LEU A 518 -40.35 10.93 -13.83
N LEU A 519 -40.90 9.77 -14.16
CA LEU A 519 -40.05 8.62 -14.44
C LEU A 519 -39.20 8.88 -15.67
N SER A 520 -39.82 9.41 -16.73
CA SER A 520 -39.09 9.72 -17.95
C SER A 520 -38.10 10.85 -17.74
N ILE A 521 -38.45 11.84 -16.93
CA ILE A 521 -37.52 12.93 -16.63
C ILE A 521 -36.23 12.38 -16.05
N TRP A 522 -36.33 11.50 -15.04
CA TRP A 522 -35.13 10.89 -14.50
C TRP A 522 -34.52 9.88 -15.46
N GLN A 523 -35.33 9.34 -16.39
CA GLN A 523 -34.79 8.42 -17.38
C GLN A 523 -33.80 9.13 -18.30
N ALA A 524 -33.95 10.44 -18.50
CA ALA A 524 -32.91 11.21 -19.16
C ALA A 524 -31.56 11.00 -18.51
N ILE A 525 -31.56 10.46 -17.29
CA ILE A 525 -30.36 10.08 -16.58
C ILE A 525 -30.25 8.57 -16.43
N ILE A 526 -31.38 7.89 -16.19
CA ILE A 526 -31.37 6.47 -15.87
C ILE A 526 -31.37 5.58 -17.10
N HIS A 527 -31.78 6.09 -18.26
CA HIS A 527 -31.61 5.33 -19.49
C HIS A 527 -30.15 5.04 -19.80
N SER A 528 -29.22 5.72 -19.14
CA SER A 528 -27.81 5.42 -19.30
C SER A 528 -27.40 4.12 -18.61
N ASN A 532 -35.78 2.51 -14.07
CA ASN A 532 -36.41 1.82 -12.95
C ASN A 532 -37.60 2.65 -12.47
N PRO A 533 -38.57 2.02 -11.79
CA PRO A 533 -39.78 2.74 -11.39
C PRO A 533 -39.71 3.46 -10.06
N GLN A 534 -40.87 3.72 -9.46
CA GLN A 534 -41.06 4.78 -8.49
C GLN A 534 -40.57 4.44 -7.09
N GLU A 535 -39.90 3.31 -6.87
CA GLU A 535 -39.44 3.02 -5.52
C GLU A 535 -38.34 1.98 -5.48
N ASN A 536 -37.57 1.84 -6.57
CA ASN A 536 -36.55 0.81 -6.59
C ASN A 536 -35.36 1.21 -5.72
N LEU A 537 -35.03 2.50 -5.70
CA LEU A 537 -33.89 3.02 -4.97
C LEU A 537 -34.21 4.19 -4.07
N LEU A 538 -35.33 4.87 -4.28
CA LEU A 538 -35.80 5.99 -3.44
C LEU A 538 -34.74 7.08 -3.51
N ASP A 539 -34.42 7.74 -2.40
CA ASP A 539 -33.34 8.72 -2.44
C ASP A 539 -32.03 7.98 -2.62
N GLN A 540 -31.61 7.81 -3.87
CA GLN A 540 -30.43 7.01 -4.16
C GLN A 540 -29.16 7.75 -3.75
N GLY A 542 -25.72 10.69 -3.63
CA GLY A 542 -25.46 12.10 -3.40
C GLY A 542 -24.78 12.79 -4.57
N ASN A 543 -25.02 12.27 -5.78
CA ASN A 543 -24.46 12.88 -6.98
C ASN A 543 -25.26 14.15 -7.28
N SER A 544 -24.81 15.25 -6.68
CA SER A 544 -25.33 16.60 -6.87
C SER A 544 -25.95 16.83 -8.24
N LEU A 545 -25.13 16.73 -9.29
CA LEU A 545 -25.52 17.19 -10.62
C LEU A 545 -26.82 16.54 -11.07
N HIS A 546 -26.95 15.23 -10.83
CA HIS A 546 -28.16 14.53 -11.25
C HIS A 546 -29.38 15.03 -10.49
N PHE A 547 -29.23 15.26 -9.19
CA PHE A 547 -30.37 15.71 -8.40
C PHE A 547 -30.75 17.15 -8.74
N ILE A 548 -29.76 18.00 -9.06
CA ILE A 548 -30.05 19.37 -9.46
C ILE A 548 -30.76 19.42 -10.80
N LYS A 549 -30.25 18.66 -11.77
CA LYS A 549 -30.90 18.57 -13.07
C LYS A 549 -32.34 18.08 -12.95
N LEU A 550 -32.56 17.06 -12.13
CA LEU A 550 -33.91 16.50 -11.97
C LEU A 550 -34.88 17.52 -11.38
N ALA A 551 -34.47 18.22 -10.33
CA ALA A 551 -35.36 19.20 -9.71
C ALA A 551 -35.67 20.36 -10.65
N SER A 552 -34.68 20.83 -11.41
CA SER A 552 -34.94 21.94 -12.32
C SER A 552 -35.86 21.55 -13.46
N MET A 553 -35.65 20.36 -14.06
CA MET A 553 -36.49 19.93 -15.17
C MET A 553 -37.93 19.70 -14.72
N VAL A 554 -38.12 19.20 -13.51
CA VAL A 554 -39.48 19.10 -12.98
C VAL A 554 -40.10 20.48 -12.89
N SER A 555 -39.35 21.45 -12.37
CA SER A 555 -39.87 22.81 -12.28
C SER A 555 -40.13 23.37 -13.66
N LYS A 556 -39.35 22.94 -14.66
CA LYS A 556 -39.48 23.45 -16.01
C LYS A 556 -40.64 22.79 -16.75
N THR A 557 -40.79 21.47 -16.57
CA THR A 557 -41.83 20.74 -17.30
C THR A 557 -43.20 20.93 -16.67
N PHE A 558 -43.25 21.21 -15.37
CA PHE A 558 -44.48 21.63 -14.73
C PHE A 558 -44.51 23.16 -14.66
N ASN A 559 -45.15 23.68 -13.62
CA ASN A 559 -45.20 25.11 -13.39
C ASN A 559 -45.18 25.34 -11.89
N LEU A 560 -44.18 24.78 -11.23
CA LEU A 560 -44.03 24.86 -9.78
C LEU A 560 -42.56 24.86 -9.43
N ALA A 561 -42.23 25.60 -8.36
CA ALA A 561 -40.86 25.66 -7.88
C ALA A 561 -40.56 24.39 -7.09
N VAL A 562 -39.64 23.59 -7.62
CA VAL A 562 -39.18 22.37 -6.98
C VAL A 562 -37.70 22.49 -6.74
N SER A 563 -37.28 22.34 -5.50
CA SER A 563 -35.87 22.42 -5.15
C SER A 563 -35.31 21.03 -4.92
N PRO A 564 -33.97 20.90 -4.91
CA PRO A 564 -33.39 19.61 -4.52
C PRO A 564 -33.83 19.17 -3.14
N ALA A 565 -34.13 20.13 -2.25
CA ALA A 565 -34.65 19.78 -0.93
C ALA A 565 -36.01 19.15 -1.03
N ASP A 566 -36.84 19.64 -1.96
CA ASP A 566 -38.16 19.04 -2.18
C ASP A 566 -38.03 17.62 -2.70
N ILE A 567 -37.04 17.36 -3.55
CA ILE A 567 -36.82 16.01 -4.05
C ILE A 567 -36.38 15.09 -2.91
N PHE A 568 -35.47 15.57 -2.06
CA PHE A 568 -34.98 14.73 -0.97
C PHE A 568 -36.03 14.49 0.11
N THR A 569 -36.91 15.46 0.32
CA THR A 569 -37.97 15.30 1.31
C THR A 569 -39.13 14.45 0.79
N ALA A 570 -39.39 14.52 -0.51
CA ALA A 570 -40.39 13.64 -1.12
C ALA A 570 -39.95 12.17 -1.01
N GLY A 571 -38.75 11.88 -1.49
CA GLY A 571 -38.18 10.55 -1.35
C GLY A 571 -38.11 9.76 -2.64
N THR A 572 -39.19 9.77 -3.43
CA THR A 572 -39.23 9.00 -4.67
C THR A 572 -40.18 9.66 -5.65
N ILE A 573 -40.22 9.11 -6.87
CA ILE A 573 -40.97 9.73 -7.95
C ILE A 573 -42.45 9.73 -7.61
N ALA A 574 -42.92 8.67 -6.94
CA ALA A 574 -44.32 8.58 -6.58
C ALA A 574 -44.67 9.63 -5.54
N ALA A 575 -43.90 9.72 -4.47
CA ALA A 575 -44.15 10.77 -3.49
C ALA A 575 -43.90 12.15 -4.10
N LEU A 576 -42.98 12.24 -5.06
CA LEU A 576 -42.78 13.51 -5.77
C LEU A 576 -44.04 13.88 -6.54
N ALA A 577 -44.64 12.91 -7.24
CA ALA A 577 -45.89 13.17 -7.95
C ALA A 577 -47.02 13.48 -6.99
N GLN A 578 -47.05 12.83 -5.83
CA GLN A 578 -48.06 13.15 -4.82
C GLN A 578 -47.98 14.60 -4.40
N THR A 579 -46.77 15.06 -4.05
CA THR A 579 -46.60 16.45 -3.67
C THR A 579 -46.87 17.38 -4.84
N ILE A 580 -46.52 16.95 -6.05
CA ILE A 580 -46.77 17.78 -7.23
C ILE A 580 -48.26 17.96 -7.44
N ARG A 581 -49.02 16.85 -7.40
CA ARG A 581 -50.46 16.95 -7.54
C ARG A 581 -51.07 17.68 -6.35
N GLN A 582 -50.42 17.62 -5.19
CA GLN A 582 -50.91 18.33 -4.01
C GLN A 582 -50.67 19.83 -4.16
N ARG A 583 -49.50 20.21 -4.66
CA ARG A 583 -49.13 21.61 -4.74
C ARG A 583 -49.70 22.31 -5.97
N GLN A 584 -50.33 21.57 -6.88
CA GLN A 584 -50.92 22.18 -8.06
C GLN A 584 -52.29 22.75 -7.74
N SER B 6 -11.45 -46.84 3.35
CA SER B 6 -11.48 -46.38 4.74
C SER B 6 -10.08 -46.40 5.31
N ALA B 7 -9.38 -45.27 5.24
CA ALA B 7 -7.95 -45.29 5.51
C ALA B 7 -7.62 -45.55 6.96
N TYR B 8 -8.60 -45.59 7.85
CA TYR B 8 -8.33 -45.88 9.26
C TYR B 8 -8.05 -47.36 9.50
N VAL B 9 -8.19 -48.19 8.46
CA VAL B 9 -7.94 -49.62 8.55
C VAL B 9 -6.47 -49.95 8.28
N TYR B 10 -5.67 -48.98 7.87
CA TYR B 10 -4.27 -49.21 7.58
C TYR B 10 -3.41 -48.43 8.56
N GLN B 11 -2.14 -48.81 8.61
CA GLN B 11 -1.16 -48.08 9.40
C GLN B 11 0.15 -48.04 8.62
N LEU B 12 0.88 -46.94 8.77
CA LEU B 12 2.18 -46.81 8.14
C LEU B 12 3.23 -47.67 8.84
N LYS B 13 4.10 -48.26 8.03
CA LYS B 13 5.33 -48.84 8.55
C LYS B 13 6.29 -47.75 8.98
N ALA B 14 7.26 -48.14 9.81
CA ALA B 14 8.30 -47.20 10.19
C ALA B 14 9.28 -46.98 9.04
N VAL B 15 9.99 -45.86 9.10
CA VAL B 15 10.92 -45.50 8.04
C VAL B 15 11.97 -46.58 7.79
N PRO B 16 12.61 -47.18 8.81
CA PRO B 16 13.58 -48.24 8.52
C PRO B 16 12.99 -49.42 7.80
N ASP B 17 11.76 -49.80 8.15
CA ASP B 17 11.15 -50.98 7.52
C ASP B 17 10.85 -50.70 6.07
N ILE B 18 10.41 -49.48 5.76
CA ILE B 18 10.16 -49.11 4.37
C ILE B 18 11.45 -49.10 3.57
N PHE B 19 12.51 -48.52 4.13
CA PHE B 19 13.78 -48.49 3.42
C PHE B 19 14.34 -49.88 3.21
N ASP B 20 14.20 -50.76 4.21
CA ASP B 20 14.72 -52.11 4.07
C ASP B 20 14.01 -52.87 2.97
N GLU B 21 12.68 -52.76 2.90
CA GLU B 21 11.92 -53.44 1.86
C GLU B 21 12.22 -52.84 0.49
N ILE B 22 12.38 -51.52 0.43
CA ILE B 22 12.69 -50.85 -0.83
C ILE B 22 14.04 -51.32 -1.36
N SER B 23 15.04 -51.34 -0.49
CA SER B 23 16.37 -51.74 -0.91
C SER B 23 16.47 -53.22 -1.27
N GLN B 24 15.53 -54.06 -0.81
CA GLN B 24 15.48 -55.43 -1.33
C GLN B 24 14.78 -55.52 -2.67
N ARG B 25 13.84 -54.61 -2.93
CA ARG B 25 13.11 -54.64 -4.20
C ARG B 25 13.88 -53.96 -5.32
N PHE B 26 14.79 -53.05 -5.01
CA PHE B 26 15.53 -52.29 -6.02
C PHE B 26 17.01 -52.27 -5.67
N PRO B 27 17.64 -53.44 -5.54
CA PRO B 27 19.02 -53.46 -5.02
C PRO B 27 20.02 -52.78 -5.95
N ASP B 28 19.83 -52.92 -7.26
CA ASP B 28 20.77 -52.40 -8.25
C ASP B 28 20.40 -51.01 -8.75
N ARG B 29 19.53 -50.30 -8.04
CA ARG B 29 19.20 -48.93 -8.38
C ARG B 29 20.09 -47.96 -7.63
N VAL B 30 20.36 -46.83 -8.26
CA VAL B 30 21.19 -45.79 -7.66
C VAL B 30 20.37 -45.08 -6.60
N ALA B 31 20.88 -45.06 -5.37
CA ALA B 31 20.24 -44.37 -4.26
C ALA B 31 20.83 -43.00 -3.98
N LEU B 32 22.16 -42.90 -3.95
CA LEU B 32 22.84 -41.64 -3.70
C LEU B 32 23.84 -41.34 -4.81
N ILE B 33 23.93 -40.07 -5.18
CA ILE B 33 24.96 -39.57 -6.08
C ILE B 33 25.62 -38.38 -5.40
N PHE B 34 26.94 -38.43 -5.25
CA PHE B 34 27.72 -37.30 -4.74
C PHE B 34 28.93 -37.12 -5.64
N ASP B 35 29.08 -35.92 -6.19
CA ASP B 35 30.01 -35.70 -7.29
C ASP B 35 29.81 -36.77 -8.35
N GLN B 36 30.84 -37.55 -8.62
CA GLN B 36 30.75 -38.64 -9.58
C GLN B 36 30.49 -39.98 -8.92
N ARG B 37 30.44 -40.04 -7.60
CA ARG B 37 30.27 -41.30 -6.88
C ARG B 37 28.80 -41.68 -6.85
N LYS B 38 28.52 -42.89 -7.35
CA LYS B 38 27.16 -43.45 -7.42
C LYS B 38 27.05 -44.61 -6.45
N ILE B 39 26.10 -44.54 -5.54
CA ILE B 39 25.91 -45.60 -4.55
C ILE B 39 24.55 -46.23 -4.74
N THR B 40 24.51 -47.55 -4.81
CA THR B 40 23.27 -48.28 -5.03
C THR B 40 22.57 -48.55 -3.70
N TYR B 41 21.32 -48.99 -3.80
CA TYR B 41 20.54 -49.33 -2.60
C TYR B 41 21.13 -50.52 -1.88
N ARG B 42 21.71 -51.47 -2.63
CA ARG B 42 22.38 -52.59 -2.00
C ARG B 42 23.51 -52.11 -1.09
N GLU B 43 24.41 -51.29 -1.64
CA GLU B 43 25.53 -50.78 -0.87
C GLU B 43 25.06 -49.86 0.25
N LEU B 44 24.07 -49.01 -0.04
CA LEU B 44 23.55 -48.09 0.97
C LEU B 44 22.96 -48.85 2.16
N ALA B 45 22.21 -49.90 1.89
CA ALA B 45 21.63 -50.69 2.96
C ALA B 45 22.71 -51.38 3.79
N GLU B 46 23.75 -51.88 3.13
CA GLU B 46 24.85 -52.49 3.86
C GLU B 46 25.49 -51.52 4.84
N GLN B 47 25.80 -50.32 4.39
CA GLN B 47 26.42 -49.34 5.27
C GLN B 47 25.48 -48.88 6.38
N CYS B 48 24.18 -48.76 6.06
CA CYS B 48 23.23 -48.37 7.09
C CYS B 48 23.18 -49.39 8.22
N SER B 49 23.16 -50.68 7.87
CA SER B 49 23.10 -51.71 8.91
C SER B 49 24.39 -51.77 9.70
N ALA B 50 25.53 -51.67 9.01
CA ALA B 50 26.82 -51.64 9.70
C ALA B 50 26.90 -50.46 10.65
N LEU B 51 26.50 -49.28 10.20
CA LEU B 51 26.56 -48.10 11.05
C LEU B 51 25.59 -48.21 12.22
N ALA B 52 24.44 -48.82 12.02
CA ALA B 52 23.49 -49.02 13.10
C ALA B 52 24.08 -49.91 14.18
N ALA B 53 24.76 -50.99 13.78
CA ALA B 53 25.46 -51.82 14.75
C ALA B 53 26.52 -51.03 15.48
N VAL B 54 27.26 -50.18 14.77
CA VAL B 54 28.30 -49.37 15.39
C VAL B 54 27.70 -48.40 16.40
N LEU B 55 26.58 -47.76 16.04
CA LEU B 55 25.95 -46.84 16.97
C LEU B 55 25.45 -47.55 18.22
N GLN B 56 24.96 -48.78 18.06
CA GLN B 56 24.59 -49.57 19.23
C GLN B 56 25.79 -49.91 20.08
N ASN B 57 26.94 -50.16 19.45
CA ASN B 57 28.15 -50.43 20.21
C ASN B 57 28.56 -49.24 21.06
N ASN B 58 28.27 -48.03 20.60
CA ASN B 58 28.54 -46.81 21.36
C ASN B 58 27.41 -46.43 22.29
N CYS B 59 26.54 -47.37 22.65
CA CYS B 59 25.53 -47.22 23.68
C CYS B 59 24.37 -46.32 23.26
N LEU B 60 24.14 -46.15 21.95
CA LEU B 60 22.90 -45.52 21.50
C LEU B 60 21.77 -46.54 21.51
N ILE B 61 20.65 -46.18 22.10
CA ILE B 61 19.51 -47.06 22.23
C ILE B 61 18.24 -46.31 21.83
N LYS B 62 17.17 -47.06 21.65
CA LYS B 62 15.87 -46.50 21.28
C LYS B 62 15.47 -45.39 22.21
N GLY B 63 15.08 -44.26 21.62
CA GLY B 63 14.65 -43.11 22.38
C GLY B 63 15.72 -42.10 22.68
N ASP B 64 16.98 -42.42 22.38
CA ASP B 64 18.05 -41.46 22.60
C ASP B 64 17.92 -40.30 21.62
N ILE B 65 18.09 -39.09 22.14
CA ILE B 65 18.05 -37.88 21.34
C ILE B 65 19.44 -37.63 20.77
N VAL B 66 19.61 -37.87 19.48
CA VAL B 66 20.91 -37.80 18.83
C VAL B 66 20.86 -36.69 17.79
N ALA B 67 21.75 -35.72 17.93
CA ALA B 67 21.89 -34.64 16.97
C ALA B 67 22.90 -34.99 15.87
N ILE B 68 22.65 -34.45 14.68
CA ILE B 68 23.55 -34.60 13.55
C ILE B 68 23.97 -33.22 13.07
N LYS B 69 25.28 -33.00 12.92
CA LYS B 69 25.82 -31.81 12.27
C LYS B 69 26.85 -32.32 11.27
N ILE B 70 26.38 -32.69 10.07
CA ILE B 70 27.23 -33.22 9.02
C ILE B 70 26.93 -32.47 7.74
N GLU B 71 27.98 -32.08 7.02
CA GLU B 71 27.79 -31.45 5.72
C GLU B 71 27.20 -32.45 4.73
N ARG B 72 26.53 -31.92 3.72
CA ARG B 72 25.98 -32.75 2.67
C ARG B 72 27.04 -33.64 2.04
N SER B 73 26.83 -34.94 2.17
CA SER B 73 27.75 -35.99 1.78
C SER B 73 26.97 -37.30 1.83
N PRO B 74 27.50 -38.38 1.25
CA PRO B 74 26.80 -39.67 1.39
C PRO B 74 26.64 -40.11 2.84
N GLU B 75 27.66 -39.88 3.65
CA GLU B 75 27.63 -40.35 5.03
C GLU B 75 26.52 -39.70 5.85
N LEU B 76 26.08 -38.49 5.46
CA LEU B 76 24.99 -37.83 6.15
C LEU B 76 23.71 -38.65 6.14
N TYR B 77 23.33 -39.16 4.97
CA TYR B 77 22.11 -39.95 4.86
C TYR B 77 22.26 -41.35 5.43
N ILE B 78 23.47 -41.90 5.39
CA ILE B 78 23.72 -43.15 6.07
C ILE B 78 23.45 -42.99 7.56
N PHE B 79 23.89 -41.88 8.14
CA PHE B 79 23.65 -41.64 9.56
C PHE B 79 22.16 -41.45 9.84
N MET B 80 21.47 -40.72 8.98
CA MET B 80 20.04 -40.51 9.18
C MET B 80 19.30 -41.85 9.17
N LEU B 81 19.56 -42.68 8.17
CA LEU B 81 18.88 -43.97 8.07
C LEU B 81 19.23 -44.89 9.23
N ALA B 82 20.50 -44.90 9.64
CA ALA B 82 20.93 -45.76 10.73
C ALA B 82 20.31 -45.34 12.06
N LEU B 83 20.27 -44.03 12.33
CA LEU B 83 19.66 -43.55 13.56
C LEU B 83 18.18 -43.90 13.61
N MET B 84 17.49 -43.82 12.47
CA MET B 84 16.13 -44.32 12.41
C MET B 84 16.07 -45.80 12.75
N LYS B 85 16.96 -46.59 12.17
CA LYS B 85 16.91 -48.04 12.35
C LYS B 85 17.04 -48.42 13.80
N ILE B 86 17.93 -47.76 14.55
CA ILE B 86 18.12 -48.12 15.95
C ILE B 86 17.09 -47.47 16.86
N GLY B 87 16.14 -46.72 16.31
CA GLY B 87 15.09 -46.11 17.10
C GLY B 87 15.46 -44.84 17.82
N ALA B 88 16.56 -44.19 17.45
CA ALA B 88 16.91 -42.90 18.00
C ALA B 88 16.03 -41.80 17.40
N VAL B 89 16.11 -40.62 18.02
CA VAL B 89 15.38 -39.44 17.57
C VAL B 89 16.38 -38.42 17.05
N MET B 90 16.30 -38.12 15.77
CA MET B 90 17.26 -37.22 15.14
C MET B 90 17.01 -35.77 15.54
N VAL B 91 18.10 -35.03 15.67
CA VAL B 91 18.06 -33.57 15.74
C VAL B 91 19.00 -33.05 14.67
N PRO B 92 18.54 -32.83 13.44
CA PRO B 92 19.43 -32.33 12.39
C PRO B 92 19.81 -30.88 12.65
N VAL B 93 21.10 -30.60 12.58
CA VAL B 93 21.63 -29.27 12.84
C VAL B 93 22.23 -28.75 11.55
N ASN B 94 21.94 -27.49 11.25
CA ASN B 94 22.54 -26.83 10.10
C ASN B 94 24.05 -26.79 10.28
N SER B 95 24.78 -27.26 9.27
CA SER B 95 26.22 -27.41 9.40
C SER B 95 26.93 -26.07 9.43
N ASN B 96 26.30 -25.01 8.95
CA ASN B 96 26.85 -23.66 9.02
C ASN B 96 26.37 -22.88 10.24
N SER B 97 25.62 -23.52 11.14
CA SER B 97 25.09 -22.79 12.29
C SER B 97 26.21 -22.40 13.24
N PRO B 98 26.15 -21.22 13.84
CA PRO B 98 27.14 -20.86 14.85
C PRO B 98 26.94 -21.64 16.13
N GLU B 99 28.04 -21.92 16.82
CA GLU B 99 27.99 -22.88 17.92
C GLU B 99 27.19 -22.37 19.10
N ARG B 100 26.98 -21.06 19.22
CA ARG B 100 26.06 -20.57 20.24
C ARG B 100 24.64 -20.98 19.92
N TYR B 101 24.24 -20.88 18.65
CA TYR B 101 22.91 -21.33 18.25
C TYR B 101 22.79 -22.84 18.35
N ILE B 102 23.85 -23.57 18.06
CA ILE B 102 23.86 -25.02 18.22
C ILE B 102 23.61 -25.40 19.68
N GLY B 103 24.25 -24.68 20.60
CA GLY B 103 24.02 -24.96 22.01
C GLY B 103 22.58 -24.80 22.42
N GLU B 104 21.94 -23.71 21.97
CA GLU B 104 20.54 -23.49 22.32
C GLU B 104 19.65 -24.55 21.69
N VAL B 105 19.99 -24.98 20.48
CA VAL B 105 19.21 -26.03 19.82
C VAL B 105 19.31 -27.34 20.58
N LEU B 106 20.53 -27.75 20.92
CA LEU B 106 20.71 -29.01 21.63
C LEU B 106 20.08 -28.96 23.02
N SER B 107 20.11 -27.79 23.67
CA SER B 107 19.46 -27.65 24.97
C SER B 107 17.95 -27.69 24.85
N ALA B 108 17.40 -27.03 23.83
CA ALA B 108 15.95 -27.03 23.66
C ALA B 108 15.42 -28.41 23.28
N ALA B 109 16.21 -29.18 22.53
CA ALA B 109 15.82 -30.53 22.13
C ALA B 109 16.03 -31.55 23.23
N GLY B 110 16.95 -31.30 24.16
CA GLY B 110 17.36 -32.31 25.09
C GLY B 110 18.28 -33.34 24.48
N ALA B 111 19.14 -32.91 23.56
CA ALA B 111 20.04 -33.85 22.90
C ALA B 111 21.06 -34.38 23.88
N ARG B 112 21.23 -35.69 23.91
CA ARG B 112 22.24 -36.34 24.73
C ARG B 112 23.51 -36.64 23.97
N TYR B 113 23.45 -36.72 22.64
CA TYR B 113 24.61 -36.94 21.80
C TYR B 113 24.61 -35.94 20.66
N LEU B 114 25.80 -35.67 20.13
CA LEU B 114 25.95 -34.84 18.95
C LEU B 114 26.99 -35.47 18.04
N ILE B 115 26.58 -35.90 16.86
CA ILE B 115 27.47 -36.53 15.89
C ILE B 115 27.82 -35.49 14.84
N SER B 116 29.11 -35.22 14.69
CA SER B 116 29.56 -34.15 13.81
C SER B 116 30.79 -34.57 13.03
N ASP B 117 30.90 -34.05 11.82
CA ASP B 117 32.10 -34.15 11.01
C ASP B 117 33.13 -33.08 11.34
N ASP B 118 32.88 -32.27 12.37
CA ASP B 118 33.83 -31.25 12.81
C ASP B 118 33.72 -31.16 14.32
N VAL B 119 34.63 -31.82 15.03
CA VAL B 119 34.60 -31.83 16.48
C VAL B 119 34.98 -30.46 17.05
N THR B 120 35.70 -29.65 16.28
CA THR B 120 36.14 -28.35 16.77
C THR B 120 35.05 -27.30 16.70
N SER B 121 34.10 -27.44 15.78
CA SER B 121 33.10 -26.41 15.54
C SER B 121 31.83 -26.61 16.34
N VAL B 122 31.88 -27.39 17.42
CA VAL B 122 30.67 -27.70 18.17
C VAL B 122 30.88 -27.28 19.63
N PRO B 123 29.82 -26.94 20.34
CA PRO B 123 29.97 -26.49 21.73
C PRO B 123 29.93 -27.65 22.71
N GLY B 124 30.48 -27.39 23.89
CA GLY B 124 30.37 -28.35 24.97
C GLY B 124 29.08 -28.18 25.75
N GLY B 125 28.68 -29.25 26.40
CA GLY B 125 27.45 -29.22 27.19
C GLY B 125 27.07 -30.58 27.70
N ALA B 126 25.78 -30.76 27.93
CA ALA B 126 25.26 -32.02 28.47
C ALA B 126 25.32 -33.17 27.48
N TRP B 127 25.85 -32.95 26.28
CA TRP B 127 25.85 -33.98 25.25
C TRP B 127 27.25 -34.55 25.05
N HIS B 128 27.31 -35.83 24.72
CA HIS B 128 28.55 -36.44 24.25
C HIS B 128 28.70 -36.21 22.76
N VAL B 129 29.86 -35.71 22.35
CA VAL B 129 30.13 -35.40 20.95
C VAL B 129 30.85 -36.58 20.33
N LEU B 130 30.47 -36.93 19.10
CA LEU B 130 31.02 -38.08 18.41
C LEU B 130 31.45 -37.69 17.01
N SER B 131 32.62 -38.18 16.60
CA SER B 131 33.10 -37.92 15.25
C SER B 131 32.36 -38.81 14.27
N SER B 132 31.72 -38.20 13.28
CA SER B 132 31.14 -38.97 12.18
C SER B 132 32.16 -39.90 11.55
N ARG B 133 33.35 -39.37 11.27
CA ARG B 133 34.35 -40.14 10.53
C ARG B 133 34.86 -41.36 11.31
N THR B 134 35.05 -41.23 12.62
CA THR B 134 35.48 -42.39 13.40
C THR B 134 34.47 -43.53 13.31
N LEU B 135 33.18 -43.21 13.41
CA LEU B 135 32.15 -44.24 13.38
C LEU B 135 32.04 -44.87 12.00
N ILE B 136 32.15 -44.06 10.95
CA ILE B 136 32.10 -44.59 9.59
C ILE B 136 33.30 -45.49 9.33
N GLN B 137 34.46 -45.09 9.83
CA GLN B 137 35.65 -45.94 9.69
C GLN B 137 35.50 -47.24 10.46
N ASN B 138 34.77 -47.23 11.59
CA ASN B 138 34.50 -48.48 12.30
C ASN B 138 33.47 -49.36 11.60
N CYS B 139 32.77 -48.84 10.60
CA CYS B 139 31.85 -49.66 9.81
C CYS B 139 32.55 -50.74 8.98
N THR B 140 33.89 -50.72 8.92
CA THR B 140 34.62 -51.76 8.22
C THR B 140 34.50 -53.13 8.88
N GLN B 141 33.89 -53.15 10.06
CA GLN B 141 33.63 -54.33 10.95
C GLN B 141 32.31 -55.04 10.58
N GLN B 142 31.66 -54.58 9.52
CA GLN B 142 30.46 -55.16 8.93
C GLN B 142 29.75 -56.25 9.73
N ARG B 143 29.24 -55.91 10.91
CA ARG B 143 28.61 -56.89 11.78
C ARG B 143 27.11 -56.64 11.79
N SER B 144 26.36 -57.61 12.30
CA SER B 144 24.91 -57.52 12.31
C SER B 144 24.42 -57.33 13.73
N GLY B 145 23.43 -56.46 13.89
CA GLY B 145 22.81 -56.20 15.18
C GLY B 145 21.32 -56.42 15.14
N ASN B 146 20.69 -56.21 16.30
CA ASN B 146 19.26 -56.40 16.46
C ASN B 146 18.60 -55.07 16.74
N TYR B 147 17.67 -54.67 15.89
CA TYR B 147 17.04 -53.37 15.99
C TYR B 147 15.58 -53.51 16.41
N PRO B 148 15.07 -52.53 17.17
CA PRO B 148 13.68 -52.64 17.65
C PRO B 148 12.66 -52.48 16.53
N VAL B 149 11.51 -53.11 16.73
CA VAL B 149 10.33 -52.86 15.91
C VAL B 149 9.70 -51.54 16.33
N LEU B 150 9.59 -50.62 15.38
CA LEU B 150 9.12 -49.26 15.64
C LEU B 150 7.72 -49.05 15.09
N SER B 151 6.92 -48.28 15.82
CA SER B 151 5.58 -47.93 15.39
C SER B 151 5.60 -46.62 14.61
N ALA B 152 4.58 -46.45 13.78
CA ALA B 152 4.44 -45.23 13.00
C ALA B 152 4.38 -44.00 13.88
N ASP B 153 3.79 -44.12 15.07
CA ASP B 153 3.59 -42.99 15.96
C ASP B 153 4.78 -42.71 16.87
N ASP B 154 5.84 -43.51 16.77
CA ASP B 154 7.05 -43.25 17.51
C ASP B 154 7.74 -42.00 16.96
N PRO B 155 8.40 -41.23 17.82
CA PRO B 155 9.11 -40.04 17.33
C PRO B 155 10.29 -40.44 16.45
N ALA B 156 10.51 -39.65 15.42
CA ALA B 156 11.59 -39.92 14.46
C ALA B 156 12.63 -38.82 14.39
N LEU B 157 12.23 -37.56 14.44
CA LEU B 157 13.20 -36.47 14.38
C LEU B 157 12.61 -35.23 15.04
N ILE B 158 13.48 -34.29 15.39
CA ILE B 158 13.10 -33.02 15.99
C ILE B 158 13.52 -31.90 15.06
N LEU B 159 12.59 -31.00 14.78
CA LEU B 159 12.87 -29.78 14.03
C LEU B 159 12.57 -28.57 14.91
N MET B 160 13.22 -27.46 14.59
CA MET B 160 13.12 -26.24 15.37
C MET B 160 12.38 -25.15 14.60
N THR B 161 11.53 -24.42 15.32
CA THR B 161 10.96 -23.18 14.82
C THR B 161 11.05 -22.11 15.90
N SER B 162 11.20 -20.86 15.46
CA SER B 162 11.09 -19.71 16.35
C SER B 162 9.74 -19.06 16.09
N GLY B 163 8.71 -19.65 16.67
CA GLY B 163 7.35 -19.21 16.43
C GLY B 163 6.95 -18.04 17.30
N PRO B 168 14.31 -21.24 20.88
CA PRO B 168 13.53 -21.97 19.87
C PRO B 168 12.67 -23.05 20.50
N LYS B 169 11.49 -23.27 19.93
CA LYS B 169 10.61 -24.35 20.33
C LYS B 169 10.83 -25.57 19.44
N SER B 170 10.82 -26.75 20.05
CA SER B 170 11.11 -28.00 19.37
C SER B 170 9.80 -28.62 18.91
N VAL B 171 9.76 -29.05 17.65
CA VAL B 171 8.62 -29.78 17.10
C VAL B 171 9.06 -31.22 16.90
N LEU B 172 8.23 -32.16 17.38
CA LEU B 172 8.55 -33.57 17.34
C LEU B 172 7.75 -34.25 16.24
N ILE B 173 8.45 -34.88 15.30
CA ILE B 173 7.86 -35.47 14.11
C ILE B 173 7.78 -36.98 14.29
N ALA B 174 6.63 -37.55 13.98
CA ALA B 174 6.44 -38.99 14.08
C ALA B 174 7.05 -39.68 12.86
N HIS B 175 7.22 -41.00 12.97
CA HIS B 175 7.68 -41.78 11.82
C HIS B 175 6.70 -41.66 10.67
N ARG B 176 5.41 -41.78 10.94
CA ARG B 176 4.41 -41.66 9.89
C ARG B 176 4.54 -40.35 9.12
N GLY B 177 4.98 -39.29 9.79
CA GLY B 177 4.99 -37.98 9.17
C GLY B 177 5.93 -37.89 7.98
N ILE B 178 7.01 -38.67 7.99
CA ILE B 178 7.88 -38.77 6.83
C ILE B 178 7.71 -40.09 6.08
N ALA B 179 7.28 -41.16 6.76
CA ALA B 179 7.01 -42.42 6.07
C ALA B 179 5.90 -42.27 5.04
N ARG B 180 5.01 -41.30 5.23
CA ARG B 180 3.96 -41.06 4.24
C ARG B 180 4.53 -40.67 2.89
N LEU B 181 5.75 -40.14 2.84
CA LEU B 181 6.35 -39.75 1.58
C LEU B 181 6.73 -40.94 0.72
N GLY B 182 6.61 -42.16 1.23
CA GLY B 182 6.81 -43.35 0.44
C GLY B 182 5.61 -43.79 -0.37
N LEU B 183 4.52 -43.10 -0.23
CA LEU B 183 3.35 -43.34 -1.06
C LEU B 183 3.41 -42.47 -2.32
N PRO B 184 3.23 -43.04 -3.50
CA PRO B 184 3.21 -42.23 -4.72
C PRO B 184 2.14 -41.15 -4.64
N VAL B 185 2.50 -39.97 -5.12
CA VAL B 185 1.59 -38.83 -5.13
C VAL B 185 0.88 -38.81 -6.47
N PRO B 186 -0.46 -38.98 -6.50
CA PRO B 186 -1.15 -39.07 -7.79
C PRO B 186 -0.96 -37.86 -8.68
N ALA B 187 -0.77 -36.67 -8.09
CA ALA B 187 -0.53 -35.49 -8.91
C ALA B 187 0.82 -35.55 -9.60
N LEU B 188 1.82 -36.14 -8.96
CA LEU B 188 3.17 -36.15 -9.50
C LEU B 188 3.44 -37.37 -10.38
N GLY B 189 2.77 -38.48 -10.12
CA GLY B 189 3.11 -39.71 -10.82
C GLY B 189 4.52 -40.16 -10.53
N ASN B 190 4.99 -39.96 -9.30
CA ASN B 190 6.34 -40.32 -8.94
C ASN B 190 6.48 -41.82 -8.77
N SER B 191 7.72 -42.30 -8.85
CA SER B 191 8.00 -43.72 -8.87
C SER B 191 9.47 -43.93 -8.54
N GLU B 192 9.90 -45.19 -8.65
CA GLU B 192 11.32 -45.50 -8.54
C GLU B 192 12.13 -44.94 -9.71
N ARG B 193 11.49 -44.63 -10.82
CA ARG B 193 12.18 -44.15 -12.01
C ARG B 193 12.64 -42.70 -11.90
N ASP B 194 12.30 -42.01 -10.83
CA ASP B 194 12.59 -40.60 -10.69
C ASP B 194 13.93 -40.37 -10.02
N CYS B 195 14.38 -39.11 -10.06
CA CYS B 195 15.63 -38.71 -9.42
C CYS B 195 15.41 -37.37 -8.74
N TYR B 196 15.86 -37.25 -7.50
CA TYR B 196 15.65 -36.07 -6.70
C TYR B 196 16.98 -35.39 -6.37
N LEU B 197 16.97 -34.07 -6.46
CA LEU B 197 18.07 -33.23 -6.03
C LEU B 197 17.77 -32.68 -4.65
N GLN B 198 18.63 -32.96 -3.68
CA GLN B 198 18.50 -32.33 -2.38
C GLN B 198 19.28 -31.02 -2.35
N ILE B 199 18.59 -29.93 -2.05
CA ILE B 199 19.21 -28.62 -1.92
C ILE B 199 18.75 -27.89 -0.68
N ALA B 200 17.62 -28.25 -0.10
CA ALA B 200 17.19 -27.70 1.18
C ALA B 200 18.10 -28.20 2.30
N ASP B 201 18.17 -27.40 3.36
CA ASP B 201 19.02 -27.75 4.49
C ASP B 201 18.28 -28.73 5.40
N ILE B 202 19.05 -29.65 5.99
CA ILE B 202 18.45 -30.73 6.76
C ILE B 202 17.78 -30.22 8.02
N SER B 203 18.11 -29.01 8.49
CA SER B 203 17.44 -28.49 9.67
C SER B 203 16.00 -28.09 9.39
N PHE B 204 15.57 -28.11 8.13
CA PHE B 204 14.22 -27.70 7.77
C PHE B 204 13.42 -28.92 7.35
N ALA B 205 12.10 -28.84 7.55
CA ALA B 205 11.21 -29.88 7.04
C ALA B 205 11.35 -30.04 5.53
N ALA B 206 11.77 -28.99 4.83
CA ALA B 206 11.87 -29.02 3.38
C ALA B 206 12.72 -30.19 2.90
N SER B 207 13.78 -30.52 3.64
CA SER B 207 14.72 -31.55 3.21
C SER B 207 14.06 -32.91 3.13
N ALA B 208 13.02 -33.14 3.92
CA ALA B 208 12.29 -34.40 3.85
C ALA B 208 11.74 -34.65 2.46
N ASN B 209 11.09 -33.63 1.88
CA ASN B 209 10.54 -33.73 0.54
C ASN B 209 11.56 -34.28 -0.45
N GLU B 210 12.82 -33.90 -0.28
CA GLU B 210 13.85 -34.35 -1.22
C GLU B 210 14.42 -35.70 -0.78
N ILE B 211 14.66 -35.89 0.51
CA ILE B 211 15.36 -37.09 0.96
C ILE B 211 14.42 -38.29 0.89
N TRP B 212 13.34 -38.24 1.66
CA TRP B 212 12.54 -39.44 1.90
C TRP B 212 11.69 -39.80 0.69
N MET B 213 11.08 -38.80 0.04
CA MET B 213 10.38 -39.07 -1.21
C MET B 213 11.27 -39.79 -2.21
N ALA B 214 12.58 -39.52 -2.17
CA ALA B 214 13.52 -40.30 -2.96
C ALA B 214 13.74 -41.69 -2.36
N LEU B 215 14.23 -41.74 -1.11
CA LEU B 215 14.76 -43.00 -0.57
C LEU B 215 13.67 -44.00 -0.23
N LEU B 216 12.43 -43.57 -0.05
CA LEU B 216 11.36 -44.46 0.34
C LEU B 216 10.51 -44.92 -0.83
N THR B 217 10.84 -44.48 -2.05
CA THR B 217 10.16 -44.95 -3.25
C THR B 217 11.07 -45.72 -4.19
N GLY B 218 12.36 -45.86 -3.86
CA GLY B 218 13.29 -46.47 -4.77
C GLY B 218 13.90 -45.52 -5.78
N ALA B 219 13.67 -44.22 -5.65
CA ALA B 219 14.18 -43.25 -6.59
C ALA B 219 15.61 -42.87 -6.22
N CYS B 220 16.22 -42.02 -7.03
CA CYS B 220 17.60 -41.61 -6.83
C CYS B 220 17.65 -40.24 -6.17
N LEU B 221 18.61 -40.08 -5.27
CA LEU B 221 18.86 -38.80 -4.61
C LEU B 221 20.24 -38.32 -5.01
N THR B 222 20.31 -37.22 -5.74
CA THR B 222 21.57 -36.59 -6.09
C THR B 222 21.84 -35.44 -5.14
N ILE B 223 23.07 -35.36 -4.64
CA ILE B 223 23.40 -34.55 -3.48
C ILE B 223 24.13 -33.30 -3.95
N ALA B 224 23.53 -32.13 -3.69
CA ALA B 224 24.17 -30.89 -4.02
C ALA B 224 25.34 -30.64 -3.08
N PRO B 225 26.40 -30.00 -3.55
CA PRO B 225 27.57 -29.75 -2.70
C PRO B 225 27.20 -28.91 -1.50
N PRO B 226 27.96 -29.01 -0.42
CA PRO B 226 27.67 -28.20 0.78
C PRO B 226 27.77 -26.71 0.51
N GLY B 227 27.16 -25.96 1.40
CA GLY B 227 27.18 -24.52 1.33
C GLY B 227 25.96 -23.93 0.65
N LEU B 228 26.10 -22.67 0.26
CA LEU B 228 25.01 -21.99 -0.41
C LEU B 228 24.75 -22.60 -1.79
N PRO B 229 23.52 -22.54 -2.26
CA PRO B 229 23.23 -22.95 -3.64
C PRO B 229 24.03 -22.24 -4.71
N ASP B 230 25.06 -22.88 -5.25
CA ASP B 230 25.77 -22.34 -6.40
C ASP B 230 24.90 -22.66 -7.61
N LEU B 231 24.08 -21.68 -8.00
CA LEU B 231 22.96 -21.93 -8.92
C LEU B 231 23.43 -22.47 -10.26
N MET B 232 24.59 -22.04 -10.74
CA MET B 232 25.05 -22.52 -12.03
C MET B 232 25.51 -23.97 -11.96
N ALA B 233 26.13 -24.36 -10.83
CA ALA B 233 26.43 -25.77 -10.60
C ALA B 233 25.18 -26.64 -10.52
N LEU B 234 24.10 -26.13 -9.91
CA LEU B 234 22.88 -26.93 -9.82
C LEU B 234 22.30 -27.20 -11.20
N ALA B 235 22.33 -26.22 -12.10
CA ALA B 235 21.84 -26.44 -13.45
C ALA B 235 22.63 -27.56 -14.13
N ARG B 236 23.96 -27.53 -14.02
CA ARG B 236 24.75 -28.60 -14.60
C ARG B 236 24.43 -29.93 -13.93
N GLN B 237 24.26 -29.92 -12.60
CA GLN B 237 24.02 -31.16 -11.88
C GLN B 237 22.65 -31.73 -12.21
N ILE B 238 21.63 -30.88 -12.30
CA ILE B 238 20.29 -31.33 -12.66
C ILE B 238 20.32 -32.03 -14.01
N GLU B 239 21.07 -31.46 -14.96
CA GLU B 239 21.16 -32.06 -16.28
C GLU B 239 22.01 -33.32 -16.27
N SER B 240 23.15 -33.27 -15.60
CA SER B 240 24.09 -34.40 -15.62
C SER B 240 23.47 -35.64 -15.01
N ASP B 241 22.73 -35.48 -13.91
CA ASP B 241 22.14 -36.61 -13.20
C ASP B 241 20.69 -36.82 -13.55
N ASN B 242 20.17 -36.08 -14.54
CA ASN B 242 18.83 -36.27 -15.06
C ASN B 242 17.78 -36.21 -13.96
N VAL B 243 17.84 -35.14 -13.16
CA VAL B 243 16.84 -34.93 -12.13
C VAL B 243 15.47 -34.82 -12.78
N THR B 244 14.49 -35.54 -12.23
CA THR B 244 13.12 -35.50 -12.73
C THR B 244 12.14 -34.87 -11.77
N MET B 245 12.44 -34.84 -10.48
CA MET B 245 11.58 -34.21 -9.49
C MET B 245 12.39 -33.13 -8.78
N LEU B 246 11.98 -31.88 -8.94
CA LEU B 246 12.73 -30.75 -8.42
C LEU B 246 11.87 -29.96 -7.45
N PHE B 247 12.32 -29.86 -6.20
CA PHE B 247 11.64 -29.06 -5.19
C PHE B 247 12.45 -27.80 -4.93
N LEU B 248 11.79 -26.66 -4.98
CA LEU B 248 12.45 -25.37 -4.84
C LEU B 248 11.62 -24.50 -3.91
N SER B 249 12.31 -23.67 -3.14
CA SER B 249 11.61 -22.60 -2.43
C SER B 249 11.15 -21.52 -3.40
N GLY B 250 10.21 -20.71 -2.93
CA GLY B 250 9.71 -19.62 -3.75
C GLY B 250 10.79 -18.65 -4.18
N GLY B 251 11.71 -18.32 -3.27
CA GLY B 251 12.77 -17.39 -3.62
C GLY B 251 13.70 -17.94 -4.69
N LEU B 252 14.18 -19.17 -4.48
CA LEU B 252 15.09 -19.76 -5.45
C LEU B 252 14.38 -20.01 -6.76
N PHE B 253 13.09 -20.30 -6.71
CA PHE B 253 12.27 -20.39 -7.91
C PHE B 253 12.26 -19.06 -8.65
N ARG B 254 12.13 -17.96 -7.91
CA ARG B 254 12.22 -16.65 -8.53
C ARG B 254 13.57 -16.44 -9.22
N LEU B 255 14.66 -16.88 -8.60
CA LEU B 255 15.97 -16.76 -9.25
C LEU B 255 15.99 -17.56 -10.54
N PHE B 256 15.46 -18.78 -10.52
CA PHE B 256 15.38 -19.58 -11.73
C PHE B 256 14.46 -18.96 -12.76
N VAL B 257 13.35 -18.37 -12.32
CA VAL B 257 12.42 -17.75 -13.28
C VAL B 257 13.09 -16.58 -13.99
N GLU B 258 13.82 -15.78 -13.21
CA GLU B 258 14.47 -14.54 -13.71
C GLU B 258 15.79 -14.84 -14.43
N VAL B 259 16.39 -16.01 -14.26
CA VAL B 259 17.69 -16.14 -14.97
C VAL B 259 17.71 -17.26 -16.01
N SER B 260 18.28 -18.41 -15.61
CA SER B 260 18.50 -19.63 -16.44
C SER B 260 17.27 -20.55 -16.40
N VAL B 261 16.09 -19.99 -16.62
CA VAL B 261 14.80 -20.74 -16.62
C VAL B 261 14.94 -22.05 -17.41
N GLU B 262 15.76 -22.07 -18.45
CA GLU B 262 15.87 -23.32 -19.19
C GLU B 262 16.22 -24.51 -18.31
N THR B 263 16.74 -24.29 -17.11
CA THR B 263 17.02 -25.40 -16.20
C THR B 263 15.76 -26.11 -15.73
N LEU B 264 14.66 -25.38 -15.56
CA LEU B 264 13.45 -25.93 -14.95
C LEU B 264 12.74 -26.96 -15.81
N HIS B 265 13.17 -27.22 -17.03
CA HIS B 265 12.45 -28.15 -17.89
C HIS B 265 13.24 -29.40 -18.23
N ILE B 266 14.41 -29.58 -17.64
CA ILE B 266 15.09 -30.87 -17.68
C ILE B 266 14.26 -31.91 -16.92
N PRO B 267 13.70 -31.59 -15.72
CA PRO B 267 12.84 -32.58 -15.06
C PRO B 267 11.44 -32.67 -15.65
N ASP B 268 10.58 -33.47 -15.02
CA ASP B 268 9.17 -33.55 -15.39
C ASP B 268 8.30 -32.58 -14.60
N CYS B 269 8.52 -32.48 -13.30
CA CYS B 269 7.73 -31.64 -12.42
C CYS B 269 8.65 -30.79 -11.55
N VAL B 270 8.28 -29.53 -11.36
CA VAL B 270 8.95 -28.64 -10.43
C VAL B 270 7.92 -28.18 -9.42
N VAL B 271 8.19 -28.39 -8.13
CA VAL B 271 7.25 -28.07 -7.06
C VAL B 271 7.80 -26.88 -6.28
N VAL B 272 7.06 -25.78 -6.31
CA VAL B 272 7.36 -24.58 -5.53
C VAL B 272 6.42 -24.51 -4.34
N SER B 273 6.98 -24.30 -3.15
CA SER B 273 6.19 -24.35 -1.94
C SER B 273 6.85 -23.48 -0.87
N GLY B 274 6.04 -23.12 0.14
CA GLY B 274 6.53 -22.43 1.31
C GLY B 274 6.15 -20.97 1.38
N ASP B 275 5.82 -20.34 0.25
CA ASP B 275 5.58 -18.91 0.20
C ASP B 275 4.63 -18.62 -0.95
N PHE B 276 4.00 -17.44 -0.88
CA PHE B 276 2.99 -17.06 -1.86
C PHE B 276 3.56 -17.01 -3.27
N VAL B 277 4.54 -16.13 -3.50
CA VAL B 277 5.23 -15.99 -4.78
C VAL B 277 4.33 -15.30 -5.80
N ASN B 278 4.92 -14.47 -6.66
CA ASN B 278 4.15 -13.70 -7.63
C ASN B 278 3.60 -14.61 -8.73
N PRO B 279 2.31 -14.52 -9.04
CA PRO B 279 1.73 -15.39 -10.08
C PRO B 279 2.36 -15.24 -11.45
N ARG B 280 2.84 -14.04 -11.78
CA ARG B 280 3.43 -13.83 -13.10
C ARG B 280 4.63 -14.74 -13.34
N LEU B 281 5.41 -14.99 -12.28
CA LEU B 281 6.56 -15.89 -12.42
C LEU B 281 6.11 -17.29 -12.79
N PHE B 282 5.06 -17.79 -12.12
CA PHE B 282 4.49 -19.08 -12.47
C PHE B 282 3.97 -19.08 -13.90
N SER B 283 3.36 -17.98 -14.33
CA SER B 283 2.83 -17.88 -15.69
C SER B 283 3.94 -18.03 -16.71
N VAL B 284 5.05 -17.31 -16.53
CA VAL B 284 6.16 -17.40 -17.46
C VAL B 284 6.77 -18.80 -17.45
N ALA B 285 6.80 -19.44 -16.27
CA ALA B 285 7.33 -20.80 -16.17
C ALA B 285 6.55 -21.80 -17.01
N VAL B 286 5.21 -21.78 -16.93
CA VAL B 286 4.45 -22.76 -17.69
C VAL B 286 4.60 -22.53 -19.20
N GLN B 287 4.72 -21.27 -19.63
CA GLN B 287 4.86 -21.00 -21.05
C GLN B 287 6.19 -21.51 -21.61
N ALA B 288 7.22 -21.59 -20.78
CA ALA B 288 8.57 -21.82 -21.27
C ALA B 288 8.82 -23.27 -21.67
N GLY B 289 7.88 -24.16 -21.40
CA GLY B 289 8.05 -25.57 -21.72
C GLY B 289 6.96 -26.44 -21.14
N LYS B 292 5.90 -29.40 -15.76
CA LYS B 292 4.74 -29.14 -14.92
C LYS B 292 5.15 -28.36 -13.69
N ILE B 293 4.50 -27.21 -13.49
CA ILE B 293 4.77 -26.32 -12.36
C ILE B 293 3.66 -26.44 -11.33
N PHE B 294 4.04 -26.63 -10.08
CA PHE B 294 3.11 -26.80 -8.98
C PHE B 294 3.34 -25.70 -7.95
N ASN B 295 2.26 -25.27 -7.32
CA ASN B 295 2.32 -24.48 -6.09
C ASN B 295 1.94 -25.41 -4.95
N GLY B 296 2.73 -25.38 -3.88
CA GLY B 296 2.58 -26.36 -2.82
C GLY B 296 2.52 -25.72 -1.44
N LEU B 297 1.81 -26.39 -0.55
CA LEU B 297 1.75 -26.02 0.86
C LEU B 297 2.79 -26.83 1.62
N GLY B 298 3.73 -26.15 2.25
CA GLY B 298 4.68 -26.79 3.13
C GLY B 298 4.51 -26.29 4.56
N CYS B 299 4.55 -27.22 5.51
CA CYS B 299 4.31 -26.91 6.91
C CYS B 299 5.23 -27.77 7.76
N THR B 300 6.03 -27.12 8.60
CA THR B 300 6.92 -27.87 9.49
C THR B 300 6.13 -28.82 10.39
N GLU B 301 5.03 -28.32 10.97
CA GLU B 301 4.22 -29.14 11.86
C GLU B 301 3.44 -30.22 11.15
N ASN B 302 3.51 -30.29 9.82
CA ASN B 302 2.99 -31.43 9.07
C ASN B 302 4.11 -32.26 8.45
N SER B 303 5.30 -32.17 9.02
CA SER B 303 6.44 -33.02 8.73
C SER B 303 7.09 -32.76 7.37
N ALA B 304 6.30 -32.40 6.37
CA ALA B 304 6.83 -32.26 5.02
C ALA B 304 5.76 -31.61 4.14
N ILE B 305 6.01 -31.61 2.82
CA ILE B 305 5.06 -31.08 1.86
C ILE B 305 3.69 -31.72 2.07
N SER B 306 2.65 -30.91 1.93
CA SER B 306 1.31 -31.34 2.31
C SER B 306 0.30 -31.34 1.17
N SER B 307 0.40 -30.39 0.22
CA SER B 307 -0.56 -30.35 -0.86
C SER B 307 0.07 -29.80 -2.13
N LEU B 308 -0.53 -30.17 -3.26
CA LEU B 308 -0.05 -29.79 -4.59
C LEU B 308 -1.19 -29.26 -5.44
N TYR B 309 -0.91 -28.20 -6.18
CA TYR B 309 -1.78 -27.74 -7.25
C TYR B 309 -1.02 -27.81 -8.56
N PRO B 322 -5.20 -14.99 -7.16
CA PRO B 322 -4.67 -15.76 -6.03
C PRO B 322 -4.52 -17.24 -6.37
N VAL B 323 -3.28 -17.70 -6.42
CA VAL B 323 -3.00 -19.08 -6.80
C VAL B 323 -3.36 -20.02 -5.65
N PRO B 324 -4.16 -21.05 -5.89
CA PRO B 324 -4.41 -22.06 -4.85
C PRO B 324 -3.18 -22.89 -4.55
N VAL B 325 -3.18 -23.47 -3.33
CA VAL B 325 -2.17 -24.46 -2.98
C VAL B 325 -2.61 -25.89 -3.28
N GLY B 326 -3.85 -26.11 -3.67
CA GLY B 326 -4.21 -27.37 -4.30
C GLY B 326 -4.88 -28.42 -3.43
N THR B 327 -4.48 -29.68 -3.62
CA THR B 327 -5.09 -30.79 -2.93
C THR B 327 -4.05 -31.61 -2.17
N PRO B 328 -4.42 -32.22 -1.05
CA PRO B 328 -3.44 -32.84 -0.17
C PRO B 328 -2.77 -34.04 -0.81
N LEU B 329 -1.61 -34.38 -0.26
CA LEU B 329 -0.94 -35.62 -0.59
C LEU B 329 -1.65 -36.77 0.10
N PRO B 330 -1.32 -38.02 -0.25
CA PRO B 330 -1.94 -39.17 0.42
C PRO B 330 -1.84 -39.10 1.94
N LEU B 331 -2.94 -39.48 2.59
CA LEU B 331 -3.08 -39.53 4.04
C LEU B 331 -2.99 -38.17 4.71
N VAL B 332 -2.89 -37.09 3.95
CA VAL B 332 -3.01 -35.75 4.49
C VAL B 332 -4.43 -35.27 4.27
N GLU B 333 -4.99 -34.59 5.26
CA GLU B 333 -6.33 -34.02 5.15
C GLU B 333 -6.26 -32.56 5.53
N MET B 334 -6.96 -31.72 4.76
CA MET B 334 -6.95 -30.29 4.97
C MET B 334 -8.39 -29.76 4.94
N VAL B 335 -8.74 -28.95 5.94
CA VAL B 335 -10.07 -28.39 6.07
C VAL B 335 -9.94 -26.90 6.29
N VAL B 336 -10.80 -26.13 5.63
CA VAL B 336 -10.94 -24.71 5.90
C VAL B 336 -12.15 -24.52 6.79
N PHE B 337 -11.93 -24.02 7.99
CA PHE B 337 -12.98 -23.86 8.99
C PHE B 337 -13.36 -22.40 9.11
N ASN B 338 -14.66 -22.13 9.18
CA ASN B 338 -15.11 -20.78 9.45
C ASN B 338 -15.10 -20.50 10.95
N GLU B 339 -15.51 -19.29 11.32
CA GLU B 339 -15.41 -18.85 12.71
C GLU B 339 -16.23 -19.74 13.65
N ARG B 340 -17.19 -20.48 13.11
CA ARG B 340 -17.99 -21.42 13.89
C ARG B 340 -17.53 -22.86 13.72
N LEU B 341 -16.34 -23.07 13.14
CA LEU B 341 -15.76 -24.40 12.96
C LEU B 341 -16.66 -25.27 12.09
N GLN B 342 -17.26 -24.66 11.08
CA GLN B 342 -17.94 -25.32 10.00
C GLN B 342 -17.12 -25.24 8.72
N PRO B 343 -17.14 -26.28 7.89
CA PRO B 343 -16.41 -26.22 6.62
C PRO B 343 -16.94 -25.10 5.74
N CYS B 344 -16.03 -24.31 5.21
CA CYS B 344 -16.40 -23.15 4.40
C CYS B 344 -16.96 -23.58 3.05
N THR B 345 -17.93 -22.81 2.57
CA THR B 345 -18.37 -22.91 1.19
C THR B 345 -17.37 -22.23 0.27
N CYS B 346 -17.53 -22.46 -1.04
CA CYS B 346 -16.63 -21.86 -2.01
C CYS B 346 -16.68 -20.34 -1.92
N GLY B 347 -15.50 -19.75 -1.66
CA GLY B 347 -15.36 -18.32 -1.50
C GLY B 347 -15.64 -17.80 -0.10
N GLU B 348 -16.05 -18.65 0.82
CA GLU B 348 -16.20 -18.25 2.21
C GLU B 348 -14.84 -18.32 2.91
N TYR B 349 -14.48 -17.24 3.60
CA TYR B 349 -13.17 -17.14 4.22
C TYR B 349 -13.14 -17.84 5.57
N GLY B 350 -12.08 -18.61 5.80
CA GLY B 350 -11.89 -19.27 7.08
C GLY B 350 -10.44 -19.49 7.43
N GLU B 351 -10.18 -20.38 8.39
CA GLU B 351 -8.83 -20.70 8.84
C GLU B 351 -8.49 -22.13 8.48
N LEU B 352 -7.25 -22.36 8.07
CA LEU B 352 -6.82 -23.65 7.55
C LEU B 352 -6.32 -24.54 8.68
N PHE B 353 -6.91 -25.73 8.77
CA PHE B 353 -6.51 -26.77 9.71
C PHE B 353 -6.03 -27.99 8.95
N ILE B 354 -4.95 -28.61 9.45
CA ILE B 354 -4.33 -29.74 8.78
C ILE B 354 -4.35 -30.95 9.70
N ALA B 355 -4.60 -32.13 9.13
CA ALA B 355 -4.71 -33.38 9.87
C ALA B 355 -4.15 -34.52 9.05
N GLY B 356 -4.05 -35.68 9.69
CA GLY B 356 -3.61 -36.89 9.04
C GLY B 356 -2.22 -37.33 9.47
N ALA B 357 -1.61 -38.14 8.60
CA ALA B 357 -0.38 -38.85 8.97
C ALA B 357 0.78 -37.90 9.23
N GLY B 358 0.78 -36.73 8.60
CA GLY B 358 1.90 -35.83 8.72
C GLY B 358 1.94 -35.00 9.98
N VAL B 359 0.84 -34.92 10.73
CA VAL B 359 0.76 -33.99 11.83
C VAL B 359 1.79 -34.34 12.89
N ALA B 360 2.48 -33.33 13.39
CA ALA B 360 3.50 -33.56 14.39
C ALA B 360 2.89 -34.06 15.69
N LEU B 361 3.75 -34.64 16.54
CA LEU B 361 3.32 -35.09 17.85
C LEU B 361 3.09 -33.92 18.79
N GLY B 362 3.61 -32.75 18.46
CA GLY B 362 3.43 -31.57 19.25
C GLY B 362 4.70 -30.75 19.37
N TYR B 363 4.62 -29.64 20.09
CA TYR B 363 5.78 -28.85 20.44
C TYR B 363 6.38 -29.37 21.74
N SER B 364 7.56 -28.85 22.07
CA SER B 364 8.15 -29.15 23.37
C SER B 364 7.42 -28.45 24.51
N ASP B 365 6.76 -27.32 24.21
CA ASP B 365 6.01 -26.59 25.22
C ASP B 365 4.56 -27.07 25.20
N PRO B 366 4.03 -27.58 26.30
CA PRO B 366 2.65 -28.12 26.27
C PRO B 366 1.59 -27.04 26.20
N GLN B 367 1.89 -25.82 26.63
CA GLN B 367 0.92 -24.74 26.53
C GLN B 367 0.73 -24.33 25.07
N LEU B 368 1.83 -24.17 24.34
CA LEU B 368 1.76 -23.88 22.91
C LEU B 368 1.12 -25.03 22.12
N THR B 369 1.35 -26.28 22.55
CA THR B 369 0.71 -27.40 21.86
C THR B 369 -0.79 -27.35 21.96
N ALA B 370 -1.31 -27.01 23.15
CA ALA B 370 -2.75 -26.86 23.29
C ALA B 370 -3.28 -25.65 22.56
N GLU B 371 -2.47 -24.58 22.43
CA GLU B 371 -2.94 -23.43 21.68
C GLU B 371 -3.08 -23.73 20.19
N ARG B 372 -2.24 -24.58 19.63
CA ARG B 372 -2.20 -24.75 18.19
C ARG B 372 -2.61 -26.12 17.68
N PHE B 373 -2.61 -27.15 18.52
CA PHE B 373 -3.10 -28.46 18.10
C PHE B 373 -4.41 -28.73 18.80
N ILE B 374 -5.46 -28.93 18.01
CA ILE B 374 -6.84 -28.91 18.48
C ILE B 374 -7.54 -30.14 17.93
N THR B 375 -8.31 -30.81 18.78
CA THR B 375 -9.10 -31.95 18.34
C THR B 375 -10.50 -31.45 17.97
N ILE B 376 -10.85 -31.62 16.70
CA ILE B 376 -12.12 -31.12 16.17
C ILE B 376 -12.86 -32.27 15.52
N PRO B 377 -14.18 -32.36 15.68
CA PRO B 377 -14.97 -33.35 14.94
C PRO B 377 -15.10 -32.98 13.47
N TYR B 378 -14.63 -33.86 12.60
CA TYR B 378 -14.77 -33.73 11.15
C TYR B 378 -15.45 -35.00 10.69
N GLN B 379 -16.38 -34.86 9.75
CA GLN B 379 -17.42 -35.86 9.52
C GLN B 379 -18.01 -36.27 10.87
N GLY B 380 -17.94 -37.53 11.29
CA GLY B 380 -18.40 -37.93 12.59
C GLY B 380 -17.37 -38.28 13.64
N THR B 381 -16.09 -38.06 13.38
CA THR B 381 -15.03 -38.52 14.26
C THR B 381 -14.20 -37.37 14.80
N ASP B 382 -13.84 -37.46 16.09
CA ASP B 382 -12.89 -36.53 16.68
C ASP B 382 -11.54 -36.71 16.01
N MET B 383 -11.03 -35.63 15.41
CA MET B 383 -9.80 -35.66 14.65
C MET B 383 -8.88 -34.53 15.11
N LEU B 384 -7.58 -34.80 15.09
CA LEU B 384 -6.57 -33.84 15.55
C LEU B 384 -6.16 -32.96 14.39
N PHE B 385 -6.33 -31.65 14.56
CA PHE B 385 -5.97 -30.66 13.56
C PHE B 385 -4.86 -29.77 14.09
N TYR B 386 -3.81 -29.60 13.29
CA TYR B 386 -2.91 -28.48 13.47
C TYR B 386 -3.55 -27.22 12.90
N ARG B 387 -3.48 -26.13 13.67
CA ARG B 387 -4.12 -24.87 13.29
C ARG B 387 -3.04 -23.96 12.70
N THR B 388 -3.13 -23.73 11.40
CA THR B 388 -2.18 -22.85 10.73
C THR B 388 -2.55 -21.40 11.02
N ASP B 389 -1.72 -20.47 10.57
CA ASP B 389 -1.98 -19.05 10.70
C ASP B 389 -2.33 -18.44 9.35
N ASP B 390 -2.91 -19.24 8.47
CA ASP B 390 -3.32 -18.80 7.15
C ASP B 390 -4.84 -18.68 7.09
N ARG B 391 -5.31 -17.51 6.67
CA ARG B 391 -6.73 -17.34 6.39
C ARG B 391 -6.94 -17.75 4.94
N ALA B 392 -7.88 -18.66 4.72
CA ALA B 392 -7.99 -19.36 3.45
C ALA B 392 -9.45 -19.59 3.11
N THR B 393 -9.67 -20.04 1.87
CA THR B 393 -11.00 -20.40 1.43
C THR B 393 -10.87 -21.53 0.41
N TYR B 394 -12.02 -22.00 -0.07
CA TYR B 394 -12.08 -23.03 -1.09
C TYR B 394 -12.28 -22.45 -2.48
N ASP B 395 -11.55 -23.02 -3.44
CA ASP B 395 -11.70 -22.66 -4.84
C ASP B 395 -13.10 -23.03 -5.31
N GLN B 396 -13.47 -22.53 -6.49
CA GLN B 396 -14.73 -22.91 -7.11
C GLN B 396 -14.77 -24.41 -7.43
N ASP B 397 -13.61 -25.05 -7.58
CA ASP B 397 -13.53 -26.49 -7.79
C ASP B 397 -13.09 -27.24 -6.55
N ARG B 398 -13.29 -26.66 -5.36
CA ARG B 398 -12.94 -27.25 -4.08
C ARG B 398 -11.44 -27.46 -3.89
N ASN B 399 -10.61 -26.83 -4.70
CA ASN B 399 -9.22 -26.65 -4.33
C ASN B 399 -9.13 -25.70 -3.14
N ILE B 400 -8.05 -25.82 -2.38
CA ILE B 400 -7.83 -24.95 -1.23
C ILE B 400 -6.94 -23.80 -1.66
N VAL B 401 -7.36 -22.57 -1.32
CA VAL B 401 -6.64 -21.36 -1.70
C VAL B 401 -6.23 -20.63 -0.44
N LEU B 402 -4.93 -20.34 -0.32
CA LEU B 402 -4.45 -19.45 0.71
C LEU B 402 -4.68 -18.02 0.24
N VAL B 403 -5.21 -17.17 1.12
CA VAL B 403 -5.51 -15.80 0.71
C VAL B 403 -4.87 -14.73 1.60
N GLY B 404 -4.52 -15.02 2.84
CA GLY B 404 -3.94 -13.97 3.65
C GLY B 404 -3.65 -14.40 5.07
N ARG B 405 -3.51 -13.38 5.92
CA ARG B 405 -3.31 -13.48 7.37
C ARG B 405 -1.87 -13.76 7.75
N GLY B 406 -1.54 -13.40 8.99
CA GLY B 406 -0.24 -13.61 9.57
C GLY B 406 -0.16 -12.86 10.88
N ASN B 407 0.81 -11.94 11.01
CA ASN B 407 1.03 -11.16 12.23
C ASN B 407 1.19 -12.04 13.46
N HIS B 408 0.29 -13.02 13.63
CA HIS B 408 0.39 -13.94 14.76
C HIS B 408 1.55 -14.90 14.57
N ILE B 409 2.07 -14.98 13.34
CA ILE B 409 3.22 -15.77 12.93
C ILE B 409 3.83 -15.04 11.75
N CYS B 410 5.14 -14.85 11.73
CA CYS B 410 5.74 -14.03 10.69
C CYS B 410 6.49 -14.92 9.70
N LYS B 411 6.13 -14.82 8.43
CA LYS B 411 6.73 -15.63 7.37
C LYS B 411 7.37 -14.72 6.32
N ILE B 412 8.68 -14.54 6.37
CA ILE B 412 9.41 -13.81 5.34
C ILE B 412 10.26 -14.81 4.57
N ARG B 413 10.17 -14.77 3.25
CA ARG B 413 10.80 -15.76 2.38
C ARG B 413 10.43 -17.18 2.76
N PHE B 415 10.71 -18.98 5.51
CA PHE B 415 11.14 -19.19 6.90
C PHE B 415 10.03 -18.83 7.87
N ARG B 416 10.29 -19.08 9.15
CA ARG B 416 9.49 -18.54 10.24
C ARG B 416 10.41 -17.91 11.26
N ILE B 417 10.09 -16.68 11.65
CA ILE B 417 11.00 -15.82 12.40
C ILE B 417 10.20 -15.19 13.53
N ASN B 418 10.84 -14.99 14.67
CA ASN B 418 10.33 -14.15 15.74
C ASN B 418 11.13 -12.85 15.74
N ILE B 419 10.44 -11.74 15.51
CA ILE B 419 11.13 -10.46 15.35
C ILE B 419 11.68 -9.99 16.70
N ALA B 420 10.91 -10.20 17.76
CA ALA B 420 11.35 -9.77 19.08
C ALA B 420 12.65 -10.45 19.47
N GLY B 421 12.88 -11.67 19.00
CA GLY B 421 14.14 -12.32 19.30
C GLY B 421 15.31 -11.59 18.67
N ILE B 422 15.15 -11.12 17.43
CA ILE B 422 16.24 -10.34 16.82
C ILE B 422 16.35 -9.00 17.51
N GLU B 423 15.22 -8.39 17.87
CA GLU B 423 15.26 -7.18 18.68
C GLU B 423 16.09 -7.43 19.92
N HIS B 424 15.80 -8.51 20.65
CA HIS B 424 16.54 -8.80 21.87
C HIS B 424 18.00 -9.05 21.54
N LEU B 425 18.24 -9.87 20.52
CA LEU B 425 19.60 -10.20 20.10
C LEU B 425 20.36 -8.95 19.67
N LEU B 426 19.67 -7.98 19.09
CA LEU B 426 20.35 -6.75 18.71
C LEU B 426 20.64 -5.86 19.92
N ARG B 427 19.78 -5.89 20.93
CA ARG B 427 20.04 -5.11 22.15
C ARG B 427 21.27 -5.57 22.92
N LEU B 428 21.78 -6.78 22.68
CA LEU B 428 23.01 -7.15 23.36
C LEU B 428 24.20 -6.33 22.87
N HIS B 429 24.09 -5.70 21.71
CA HIS B 429 25.21 -4.93 21.19
C HIS B 429 25.42 -3.72 22.08
N HIS B 430 26.69 -3.44 22.39
CA HIS B 430 26.99 -2.38 23.36
C HIS B 430 26.69 -0.98 22.86
N ALA B 431 26.81 -0.72 21.56
CA ALA B 431 26.53 0.62 21.03
C ALA B 431 25.09 0.85 20.60
N VAL B 432 24.18 -0.08 20.86
CA VAL B 432 22.81 0.02 20.39
C VAL B 432 21.91 0.27 21.60
N GLU B 433 21.25 1.43 21.63
CA GLU B 433 20.40 1.70 22.78
C GLU B 433 19.05 1.03 22.59
N ASP B 434 18.48 1.10 21.39
CA ASP B 434 17.24 0.39 21.10
C ASP B 434 17.21 0.09 19.60
N VAL B 435 16.40 -0.90 19.23
CA VAL B 435 16.18 -1.25 17.84
C VAL B 435 14.73 -1.68 17.66
N LEU B 436 14.13 -1.26 16.56
CA LEU B 436 12.81 -1.73 16.16
C LEU B 436 12.88 -2.30 14.75
N ILE B 437 12.19 -3.41 14.54
CA ILE B 437 12.18 -4.10 13.26
C ILE B 437 10.75 -4.15 12.74
N VAL B 438 10.58 -3.86 11.45
CA VAL B 438 9.26 -3.89 10.84
C VAL B 438 9.30 -4.56 9.47
N GLU B 441 7.43 -4.23 2.23
CA GLU B 441 6.95 -5.06 1.13
C GLU B 441 7.73 -4.79 -0.16
N THR B 442 8.93 -5.35 -0.24
CA THR B 442 9.76 -5.22 -1.42
C THR B 442 9.10 -5.92 -2.61
N PRO B 443 9.47 -5.54 -3.84
CA PRO B 443 8.76 -6.07 -5.01
C PRO B 443 8.74 -7.59 -5.14
N ASP B 444 9.84 -8.27 -4.86
CA ASP B 444 9.92 -9.72 -5.09
C ASP B 444 9.67 -10.53 -3.82
N GLU B 445 10.45 -10.27 -2.77
CA GLU B 445 10.17 -10.82 -1.46
C GLU B 445 10.03 -9.69 -0.46
N PRO B 446 9.11 -9.78 0.50
CA PRO B 446 9.07 -8.76 1.55
C PRO B 446 10.35 -8.80 2.37
N ARG B 447 10.80 -7.62 2.77
CA ARG B 447 12.08 -7.48 3.45
C ARG B 447 11.90 -7.20 4.93
N LEU B 448 12.87 -7.64 5.71
CA LEU B 448 12.91 -7.40 7.15
C LEU B 448 13.81 -6.20 7.38
N HIS B 449 13.27 -5.16 8.02
CA HIS B 449 13.94 -3.86 8.05
C HIS B 449 14.11 -3.45 9.51
N ALA B 450 15.34 -3.23 9.92
CA ALA B 450 15.70 -2.93 11.30
C ALA B 450 16.06 -1.47 11.44
N CYS B 451 15.44 -0.80 12.41
CA CYS B 451 15.72 0.60 12.70
C CYS B 451 16.49 0.65 14.01
N TYR B 452 17.79 0.91 13.93
CA TYR B 452 18.63 1.06 15.11
C TYR B 452 18.62 2.51 15.56
N VAL B 453 18.68 2.72 16.87
CA VAL B 453 18.37 4.01 17.47
C VAL B 453 19.61 4.57 18.18
N THR B 454 19.83 5.87 18.00
CA THR B 454 20.84 6.65 18.73
C THR B 454 22.26 6.24 18.40
N GLN B 455 22.58 4.95 18.55
CA GLN B 455 23.83 4.38 18.09
C GLN B 455 25.05 5.05 18.74
N ASP B 456 26.23 4.78 18.20
CA ASP B 456 27.47 5.37 18.68
C ASP B 456 28.30 5.95 17.54
N ASP B 457 27.74 6.02 16.34
CA ASP B 457 28.36 6.65 15.17
C ASP B 457 29.52 5.84 14.63
N GLY B 458 30.35 5.27 15.51
CA GLY B 458 31.43 4.41 15.05
C GLY B 458 30.95 3.00 14.79
N LEU B 459 29.70 2.88 14.35
CA LEU B 459 29.01 1.61 14.20
C LEU B 459 28.51 1.48 12.78
N SER B 460 28.56 0.27 12.23
CA SER B 460 28.12 0.03 10.87
C SER B 460 27.15 -1.14 10.85
N VAL B 461 26.36 -1.18 9.76
CA VAL B 461 25.43 -2.29 9.57
C VAL B 461 26.16 -3.61 9.50
N ALA B 462 27.38 -3.61 8.95
CA ALA B 462 28.18 -4.84 8.91
C ALA B 462 28.51 -5.35 10.31
N ASP B 463 28.72 -4.44 11.26
CA ASP B 463 28.99 -4.86 12.63
C ASP B 463 27.79 -5.59 13.22
N LEU B 464 26.58 -5.07 12.99
CA LEU B 464 25.40 -5.70 13.56
C LEU B 464 25.09 -7.04 12.88
N LYS B 465 25.30 -7.12 11.57
CA LYS B 465 25.03 -8.38 10.89
C LYS B 465 26.04 -9.44 11.31
N ASN B 466 27.31 -9.08 11.39
CA ASN B 466 28.30 -10.00 11.88
C ASN B 466 28.09 -10.28 13.36
N HIS B 467 27.52 -9.33 14.11
CA HIS B 467 27.11 -9.59 15.48
C HIS B 467 26.04 -10.68 15.54
N LEU B 468 24.96 -10.50 14.78
CA LEU B 468 23.92 -11.52 14.74
C LEU B 468 24.45 -12.85 14.22
N ALA B 469 25.41 -12.80 13.31
CA ALA B 469 25.97 -14.02 12.73
C ALA B 469 26.66 -14.90 13.76
N MET B 470 26.98 -14.37 14.93
CA MET B 470 27.53 -15.21 15.99
C MET B 470 26.45 -15.92 16.80
N HIS B 471 25.22 -15.43 16.80
CA HIS B 471 24.18 -15.99 17.66
C HIS B 471 23.10 -16.75 16.91
N ALA B 472 22.90 -16.49 15.62
CA ALA B 472 21.75 -17.00 14.91
C ALA B 472 22.15 -17.34 13.48
N PRO B 473 21.34 -18.10 12.76
CA PRO B 473 21.65 -18.42 11.38
C PRO B 473 21.59 -17.17 10.49
N ALA B 474 22.43 -17.18 9.45
CA ALA B 474 22.53 -16.03 8.58
C ALA B 474 21.23 -15.72 7.85
N TRP B 475 20.39 -16.74 7.63
CA TRP B 475 19.11 -16.50 6.97
C TRP B 475 18.14 -15.73 7.85
N MET B 476 18.41 -15.64 9.14
CA MET B 476 17.51 -14.99 10.08
C MET B 476 17.78 -13.49 10.20
N ILE B 477 18.84 -12.99 9.58
CA ILE B 477 19.26 -11.59 9.67
C ILE B 477 18.37 -10.68 8.84
N PRO B 478 17.97 -9.52 9.35
CA PRO B 478 17.24 -8.55 8.52
C PRO B 478 18.13 -8.00 7.41
N GLU B 479 17.56 -7.86 6.22
CA GLU B 479 18.35 -7.47 5.07
C GLU B 479 18.58 -5.96 4.98
N LYS B 480 17.79 -5.16 5.67
CA LYS B 480 17.92 -3.71 5.63
C LYS B 480 17.99 -3.16 7.06
N PHE B 481 18.93 -2.24 7.27
CA PHE B 481 19.13 -1.61 8.57
C PHE B 481 19.01 -0.10 8.51
N SER B 482 18.28 0.42 7.53
CA SER B 482 18.08 1.86 7.36
C SER B 482 19.40 2.62 7.36
N VAL B 514 21.12 16.14 5.43
CA VAL B 514 22.35 16.69 5.98
C VAL B 514 23.53 15.84 5.52
N GLU B 515 23.46 14.55 5.80
CA GLU B 515 24.56 13.66 5.44
C GLU B 515 24.76 13.61 3.94
N GLN B 516 23.67 13.69 3.16
CA GLN B 516 23.78 13.65 1.71
C GLN B 516 24.62 14.82 1.21
N GLN B 517 24.32 16.03 1.69
CA GLN B 517 25.09 17.20 1.29
C GLN B 517 26.56 17.02 1.64
N LEU B 518 26.84 16.54 2.85
CA LEU B 518 28.21 16.42 3.32
C LEU B 518 28.99 15.41 2.48
N LEU B 519 28.38 14.26 2.20
CA LEU B 519 29.09 13.26 1.41
C LEU B 519 29.30 13.75 -0.01
N SER B 520 28.31 14.43 -0.59
CA SER B 520 28.46 14.99 -1.93
C SER B 520 29.54 16.05 -1.94
N ILE B 521 29.62 16.85 -0.87
CA ILE B 521 30.64 17.90 -0.80
C ILE B 521 32.01 17.25 -0.70
N TRP B 522 32.12 16.22 0.13
CA TRP B 522 33.37 15.52 0.30
C TRP B 522 33.76 14.75 -0.94
N GLN B 523 32.77 14.30 -1.73
CA GLN B 523 33.08 13.69 -3.00
C GLN B 523 33.69 14.68 -3.98
N ALA B 524 33.13 15.89 -4.04
CA ALA B 524 33.68 16.93 -4.90
C ALA B 524 35.05 17.43 -4.46
N ILE B 525 35.38 17.32 -3.16
CA ILE B 525 36.68 17.82 -2.72
C ILE B 525 37.79 16.81 -2.96
N ILE B 526 37.62 15.57 -2.50
CA ILE B 526 38.67 14.57 -2.68
C ILE B 526 38.65 13.96 -4.06
N HIS B 527 37.64 14.27 -4.86
CA HIS B 527 37.46 13.77 -6.22
C HIS B 527 37.35 12.24 -6.20
N SER B 528 36.25 11.78 -5.62
CA SER B 528 35.86 10.38 -5.61
C SER B 528 34.34 10.31 -5.65
N GLU B 529 33.79 9.52 -6.58
CA GLU B 529 32.34 9.41 -6.69
C GLU B 529 31.72 8.96 -5.38
N ALA B 530 32.35 8.01 -4.69
CA ALA B 530 31.91 7.60 -3.36
C ALA B 530 33.09 6.88 -2.70
N ILE B 531 33.86 7.60 -1.88
CA ILE B 531 35.06 7.02 -1.31
C ILE B 531 34.72 5.95 -0.29
N ASN B 532 33.84 6.28 0.65
CA ASN B 532 33.49 5.34 1.71
C ASN B 532 32.20 5.82 2.37
N PRO B 533 31.52 4.95 3.11
CA PRO B 533 30.37 5.37 3.90
C PRO B 533 30.74 6.43 4.93
N GLN B 534 29.73 7.13 5.42
CA GLN B 534 29.95 8.24 6.33
C GLN B 534 30.54 7.81 7.67
N GLU B 535 30.39 6.54 8.05
CA GLU B 535 30.95 6.07 9.31
C GLU B 535 32.45 5.86 9.24
N ASN B 536 33.05 6.00 8.06
CA ASN B 536 34.48 5.80 7.91
C ASN B 536 35.22 7.04 8.41
N LEU B 537 36.40 6.82 9.00
CA LEU B 537 37.19 7.88 9.58
C LEU B 537 37.92 8.66 8.50
N LEU B 538 38.22 9.92 8.80
CA LEU B 538 38.87 10.80 7.82
C LEU B 538 40.37 10.55 7.89
N ASP B 539 40.84 9.63 7.03
CA ASP B 539 42.26 9.31 6.99
C ASP B 539 42.76 8.96 5.59
N GLN B 540 42.00 9.21 4.53
CA GLN B 540 42.35 8.81 3.19
C GLN B 540 42.31 9.99 2.22
N GLY B 541 43.34 10.06 1.38
CA GLY B 541 43.41 11.04 0.31
C GLY B 541 43.32 12.50 0.74
N GLY B 542 43.32 12.74 2.04
CA GLY B 542 43.06 14.08 2.52
C GLY B 542 44.30 14.80 3.01
N ASN B 543 44.55 15.96 2.41
CA ASN B 543 45.51 16.92 2.91
C ASN B 543 44.80 18.14 3.49
N SER B 544 45.53 18.85 4.35
CA SER B 544 45.10 20.09 4.98
C SER B 544 44.08 20.89 4.19
N LEU B 545 44.39 21.16 2.92
CA LEU B 545 43.52 21.98 2.08
C LEU B 545 42.14 21.38 1.93
N HIS B 546 42.06 20.05 1.87
CA HIS B 546 40.74 19.41 1.75
C HIS B 546 39.88 19.68 2.97
N PHE B 547 40.49 19.63 4.16
CA PHE B 547 39.72 19.88 5.38
C PHE B 547 39.33 21.35 5.49
N ILE B 548 40.22 22.24 5.07
CA ILE B 548 39.90 23.66 5.06
C ILE B 548 38.74 23.95 4.11
N LYS B 549 38.80 23.37 2.91
CA LYS B 549 37.71 23.55 1.95
C LYS B 549 36.41 22.96 2.47
N LEU B 550 36.47 21.81 3.13
CA LEU B 550 35.28 21.18 3.68
C LEU B 550 34.61 22.08 4.72
N ALA B 551 35.39 22.57 5.68
CA ALA B 551 34.82 23.43 6.70
C ALA B 551 34.17 24.67 6.09
N SER B 552 34.81 25.28 5.11
CA SER B 552 34.26 26.50 4.52
C SER B 552 33.00 26.20 3.71
N MET B 553 32.99 25.10 2.95
CA MET B 553 31.80 24.76 2.20
C MET B 553 30.65 24.39 3.12
N VAL B 554 30.95 23.70 4.22
CA VAL B 554 29.93 23.41 5.22
C VAL B 554 29.38 24.70 5.81
N SER B 555 30.26 25.63 6.18
CA SER B 555 29.82 26.90 6.74
C SER B 555 29.01 27.74 5.74
N LYS B 556 29.26 27.57 4.44
CA LYS B 556 28.49 28.34 3.46
C LYS B 556 27.12 27.74 3.20
N THR B 557 27.01 26.41 3.14
CA THR B 557 25.74 25.80 2.80
C THR B 557 24.83 25.68 4.02
N PHE B 558 25.41 25.49 5.20
CA PHE B 558 24.68 25.55 6.45
C PHE B 558 25.10 26.83 7.17
N ASN B 559 24.12 27.58 7.67
CA ASN B 559 24.41 28.81 8.39
C ASN B 559 25.01 28.56 9.77
N LEU B 560 26.23 28.02 9.80
CA LEU B 560 26.88 27.73 11.07
C LEU B 560 28.38 27.91 10.91
N ALA B 561 29.02 28.42 11.96
CA ALA B 561 30.46 28.59 11.96
C ALA B 561 31.07 27.21 12.22
N VAL B 562 31.70 26.64 11.21
CA VAL B 562 32.38 25.36 11.32
C VAL B 562 33.83 25.57 10.93
N SER B 563 34.71 25.22 11.83
CA SER B 563 36.13 25.33 11.65
C SER B 563 36.73 23.98 11.33
N PRO B 564 37.96 23.94 10.82
CA PRO B 564 38.63 22.64 10.69
C PRO B 564 38.74 21.92 12.01
N ALA B 565 38.79 22.64 13.13
CA ALA B 565 38.85 22.00 14.43
C ALA B 565 37.56 21.22 14.71
N ASP B 566 36.42 21.77 14.32
CA ASP B 566 35.17 21.02 14.47
C ASP B 566 35.17 19.78 13.59
N ILE B 567 35.79 19.88 12.41
CA ILE B 567 35.87 18.73 11.51
C ILE B 567 36.74 17.64 12.12
N PHE B 568 37.88 18.02 12.70
CA PHE B 568 38.79 17.02 13.23
C PHE B 568 38.30 16.39 14.52
N THR B 569 37.55 17.13 15.34
CA THR B 569 36.97 16.52 16.53
C THR B 569 35.79 15.63 16.20
N ALA B 570 35.11 15.87 15.09
CA ALA B 570 34.08 14.94 14.63
C ALA B 570 34.71 13.65 14.12
N GLY B 571 35.74 13.78 13.29
CA GLY B 571 36.50 12.63 12.84
C GLY B 571 35.91 11.95 11.62
N THR B 572 34.58 11.93 11.53
CA THR B 572 33.90 11.28 10.43
C THR B 572 32.68 12.10 10.04
N ILE B 573 32.20 11.87 8.81
CA ILE B 573 31.12 12.68 8.27
C ILE B 573 29.80 12.47 9.02
N ALA B 574 29.56 11.25 9.51
CA ALA B 574 28.32 11.00 10.25
C ALA B 574 28.26 11.77 11.55
N ALA B 575 29.35 11.78 12.31
CA ALA B 575 29.39 12.57 13.54
C ALA B 575 29.29 14.07 13.25
N LEU B 576 29.87 14.51 12.13
CA LEU B 576 29.76 15.90 11.72
C LEU B 576 28.32 16.31 11.44
N ALA B 577 27.56 15.47 10.74
CA ALA B 577 26.16 15.80 10.48
C ALA B 577 25.34 15.89 11.75
N GLN B 578 25.58 14.99 12.70
CA GLN B 578 24.85 15.04 13.95
C GLN B 578 25.19 16.28 14.76
N THR B 579 26.47 16.66 14.78
CA THR B 579 26.87 17.88 15.49
C THR B 579 26.25 19.11 14.85
N ILE B 580 26.19 19.15 13.51
CA ILE B 580 25.59 20.29 12.84
C ILE B 580 24.09 20.36 13.15
N ARG B 581 23.42 19.21 13.11
CA ARG B 581 21.99 19.15 13.43
C ARG B 581 21.73 19.47 14.89
N GLN B 582 22.67 19.16 15.78
CA GLN B 582 22.49 19.48 17.19
C GLN B 582 22.64 20.98 17.44
N ARG B 583 23.60 21.61 16.77
CA ARG B 583 23.80 23.05 16.92
C ARG B 583 22.59 23.83 16.45
N GLN B 584 21.88 23.31 15.44
CA GLN B 584 20.66 23.93 14.95
C GLN B 584 19.53 23.76 15.96
N SER C 6 8.03 49.36 -15.77
CA SER C 6 8.80 48.28 -15.16
C SER C 6 8.10 47.75 -13.92
N ALA C 7 7.55 46.55 -14.02
CA ALA C 7 6.65 46.05 -12.98
C ALA C 7 7.34 45.78 -11.66
N TYR C 8 8.66 45.61 -11.65
CA TYR C 8 9.33 45.33 -10.38
C TYR C 8 9.39 46.54 -9.45
N VAL C 9 8.88 47.70 -9.87
CA VAL C 9 8.91 48.89 -9.01
C VAL C 9 7.68 49.00 -8.13
N TYR C 10 6.68 48.14 -8.34
CA TYR C 10 5.46 48.15 -7.55
C TYR C 10 5.26 46.78 -6.91
N GLN C 11 4.46 46.76 -5.85
CA GLN C 11 3.97 45.49 -5.32
C GLN C 11 2.56 45.69 -4.80
N LEU C 12 1.83 44.59 -4.75
CA LEU C 12 0.45 44.61 -4.28
C LEU C 12 0.36 44.96 -2.80
N LYS C 13 -0.65 45.75 -2.46
CA LYS C 13 -1.06 45.90 -1.08
C LYS C 13 -1.77 44.63 -0.62
N ALA C 14 -1.86 44.46 0.69
CA ALA C 14 -2.59 43.33 1.22
C ALA C 14 -4.09 43.54 1.07
N VAL C 15 -4.82 42.43 1.13
CA VAL C 15 -6.27 42.40 0.96
C VAL C 15 -6.98 43.37 1.91
N PRO C 16 -6.61 43.44 3.18
CA PRO C 16 -7.26 44.43 4.06
C PRO C 16 -7.06 45.86 3.61
N ASP C 17 -5.85 46.20 3.13
CA ASP C 17 -5.59 47.57 2.74
C ASP C 17 -6.36 47.94 1.47
N ILE C 18 -6.47 46.98 0.54
CA ILE C 18 -7.25 47.22 -0.67
C ILE C 18 -8.72 47.41 -0.32
N PHE C 19 -9.25 46.57 0.56
CA PHE C 19 -10.64 46.72 0.96
C PHE C 19 -10.87 48.05 1.66
N ASP C 20 -9.92 48.50 2.48
CA ASP C 20 -10.12 49.77 3.16
C ASP C 20 -10.16 50.93 2.17
N GLU C 21 -9.26 50.93 1.19
CA GLU C 21 -9.30 52.00 0.19
C GLU C 21 -10.53 51.88 -0.69
N ILE C 22 -10.94 50.66 -1.01
CA ILE C 22 -12.14 50.43 -1.81
C ILE C 22 -13.37 50.97 -1.10
N SER C 23 -13.52 50.63 0.19
CA SER C 23 -14.68 51.07 0.93
C SER C 23 -14.69 52.57 1.19
N GLN C 24 -13.53 53.23 1.07
CA GLN C 24 -13.53 54.69 1.10
C GLN C 24 -13.85 55.31 -0.25
N ARG C 25 -13.51 54.64 -1.35
CA ARG C 25 -13.80 55.20 -2.67
C ARG C 25 -15.22 54.94 -3.14
N PHE C 26 -15.87 53.89 -2.64
CA PHE C 26 -17.22 53.53 -3.07
C PHE C 26 -18.08 53.21 -1.85
N PRO C 27 -18.18 54.12 -0.89
CA PRO C 27 -18.85 53.78 0.37
C PRO C 27 -20.33 53.48 0.19
N ASP C 28 -20.98 54.17 -0.75
CA ASP C 28 -22.42 54.03 -0.95
C ASP C 28 -22.77 53.01 -2.03
N ARG C 29 -21.84 52.15 -2.39
CA ARG C 29 -22.12 51.06 -3.32
C ARG C 29 -22.47 49.79 -2.55
N VAL C 30 -23.33 48.98 -3.16
CA VAL C 30 -23.73 47.71 -2.56
C VAL C 30 -22.59 46.70 -2.68
N ALA C 31 -22.17 46.15 -1.54
CA ALA C 31 -21.14 45.13 -1.51
C ALA C 31 -21.69 43.71 -1.38
N LEU C 32 -22.65 43.50 -0.49
CA LEU C 32 -23.21 42.17 -0.28
C LEU C 32 -24.72 42.22 -0.44
N ILE C 33 -25.28 41.19 -1.05
CA ILE C 33 -26.73 40.98 -1.10
C ILE C 33 -27.04 39.57 -0.64
N PHE C 34 -27.88 39.45 0.38
CA PHE C 34 -28.39 38.17 0.84
C PHE C 34 -29.89 38.31 1.06
N ASP C 35 -30.67 37.43 0.43
CA ASP C 35 -32.11 37.62 0.28
C ASP C 35 -32.42 39.02 -0.22
N GLN C 36 -33.19 39.78 0.55
CA GLN C 36 -33.51 41.16 0.19
C GLN C 36 -32.62 42.18 0.90
N ARG C 37 -31.77 41.75 1.82
CA ARG C 37 -30.95 42.69 2.58
C ARG C 37 -29.71 43.08 1.79
N LYS C 38 -29.53 44.38 1.59
CA LYS C 38 -28.36 44.92 0.93
C LYS C 38 -27.47 45.59 1.95
N ILE C 39 -26.17 45.31 1.88
CA ILE C 39 -25.18 45.90 2.77
C ILE C 39 -24.25 46.75 1.93
N THR C 40 -24.05 48.00 2.34
CA THR C 40 -23.19 48.91 1.60
C THR C 40 -21.74 48.73 2.03
N TYR C 41 -20.83 49.32 1.25
CA TYR C 41 -19.42 49.21 1.58
C TYR C 41 -19.11 49.94 2.88
N ARG C 42 -19.77 51.07 3.11
CA ARG C 42 -19.63 51.78 4.39
C ARG C 42 -20.07 50.89 5.54
N GLU C 43 -21.25 50.29 5.42
CA GLU C 43 -21.76 49.42 6.47
C GLU C 43 -20.86 48.21 6.67
N LEU C 44 -20.42 47.60 5.57
CA LEU C 44 -19.55 46.44 5.65
C LEU C 44 -18.22 46.78 6.30
N ALA C 45 -17.66 47.94 5.98
CA ALA C 45 -16.39 48.34 6.58
C ALA C 45 -16.51 48.57 8.08
N GLU C 46 -17.61 49.17 8.52
CA GLU C 46 -17.85 49.34 9.96
C GLU C 46 -17.87 48.00 10.66
N GLN C 47 -18.62 47.05 10.11
CA GLN C 47 -18.76 45.74 10.73
C GLN C 47 -17.43 45.00 10.73
N CYS C 48 -16.65 45.14 9.67
CA CYS C 48 -15.33 44.52 9.61
C CYS C 48 -14.42 45.05 10.72
N SER C 49 -14.43 46.37 10.93
CA SER C 49 -13.55 46.95 11.94
C SER C 49 -13.97 46.54 13.34
N ALA C 50 -15.27 46.52 13.61
CA ALA C 50 -15.76 46.08 14.92
C ALA C 50 -15.37 44.63 15.18
N LEU C 51 -15.57 43.76 14.21
CA LEU C 51 -15.27 42.35 14.39
C LEU C 51 -13.78 42.10 14.56
N ALA C 52 -12.95 42.88 13.86
CA ALA C 52 -11.51 42.71 14.02
C ALA C 52 -11.06 43.07 15.43
N ALA C 53 -11.59 44.16 15.99
CA ALA C 53 -11.27 44.49 17.38
C ALA C 53 -11.73 43.40 18.32
N VAL C 54 -12.93 42.87 18.09
CA VAL C 54 -13.45 41.79 18.92
C VAL C 54 -12.58 40.55 18.82
N LEU C 55 -12.15 40.21 17.61
CA LEU C 55 -11.29 39.05 17.45
C LEU C 55 -9.97 39.23 18.16
N GLN C 56 -9.44 40.46 18.16
CA GLN C 56 -8.22 40.72 18.93
C GLN C 56 -8.44 40.55 20.42
N ASN C 57 -9.63 40.89 20.91
CA ASN C 57 -9.93 40.70 22.33
C ASN C 57 -9.92 39.25 22.73
N ASN C 58 -10.27 38.34 21.83
CA ASN C 58 -10.23 36.91 22.08
C ASN C 58 -8.87 36.29 21.83
N CYS C 59 -7.81 37.10 21.84
CA CYS C 59 -6.43 36.65 21.82
C CYS C 59 -6.00 36.10 20.46
N LEU C 60 -6.69 36.49 19.39
CA LEU C 60 -6.19 36.24 18.05
C LEU C 60 -5.15 37.29 17.68
N ILE C 61 -4.00 36.83 17.18
CA ILE C 61 -2.89 37.70 16.82
C ILE C 61 -2.38 37.28 15.45
N LYS C 62 -1.56 38.15 14.87
CA LYS C 62 -0.99 37.91 13.56
C LYS C 62 -0.30 36.55 13.47
N GLY C 63 -0.63 35.80 12.43
CA GLY C 63 -0.05 34.50 12.22
C GLY C 63 -0.84 33.33 12.77
N ASP C 64 -1.90 33.59 13.51
CA ASP C 64 -2.72 32.51 14.04
C ASP C 64 -3.46 31.81 12.92
N ILE C 65 -3.49 30.48 12.98
CA ILE C 65 -4.25 29.67 12.03
C ILE C 65 -5.67 29.55 12.57
N VAL C 66 -6.61 30.27 11.96
CA VAL C 66 -7.99 30.32 12.42
C VAL C 66 -8.89 29.75 11.33
N ALA C 67 -9.65 28.71 11.67
CA ALA C 67 -10.61 28.12 10.76
C ALA C 67 -11.97 28.79 10.86
N ILE C 68 -12.70 28.81 9.75
CA ILE C 68 -14.06 29.32 9.68
C ILE C 68 -14.96 28.21 9.17
N LYS C 69 -16.06 27.97 9.88
CA LYS C 69 -17.15 27.09 9.44
C LYS C 69 -18.46 27.83 9.64
N ILE C 70 -18.81 28.65 8.64
CA ILE C 70 -20.01 29.47 8.66
C ILE C 70 -20.75 29.27 7.35
N GLU C 71 -22.08 29.18 7.43
CA GLU C 71 -22.91 29.07 6.25
C GLU C 71 -22.81 30.33 5.41
N ARG C 72 -23.09 30.19 4.12
CA ARG C 72 -23.15 31.37 3.26
C ARG C 72 -24.16 32.36 3.82
N SER C 73 -23.65 33.51 4.22
CA SER C 73 -24.39 34.56 4.89
C SER C 73 -23.50 35.80 4.90
N PRO C 74 -24.03 36.98 5.23
CA PRO C 74 -23.14 38.15 5.33
C PRO C 74 -22.03 37.97 6.36
N GLU C 75 -22.31 37.32 7.47
CA GLU C 75 -21.33 37.18 8.54
C GLU C 75 -20.11 36.38 8.10
N LEU C 76 -20.27 35.48 7.14
CA LEU C 76 -19.14 34.72 6.62
C LEU C 76 -18.07 35.64 6.05
N TYR C 77 -18.47 36.58 5.21
CA TYR C 77 -17.52 37.49 4.57
C TYR C 77 -17.02 38.57 5.53
N ILE C 78 -17.83 38.95 6.50
CA ILE C 78 -17.33 39.85 7.55
C ILE C 78 -16.19 39.19 8.30
N PHE C 79 -16.33 37.90 8.61
CA PHE C 79 -15.25 37.18 9.28
C PHE C 79 -14.03 37.07 8.39
N MET C 80 -14.23 36.78 7.10
CA MET C 80 -13.10 36.68 6.18
C MET C 80 -12.31 37.99 6.16
N LEU C 81 -13.00 39.10 5.99
CA LEU C 81 -12.33 40.39 5.94
C LEU C 81 -11.67 40.74 7.26
N ALA C 82 -12.36 40.47 8.38
CA ALA C 82 -11.80 40.78 9.69
C ALA C 82 -10.57 39.94 10.00
N LEU C 83 -10.63 38.64 9.70
CA LEU C 83 -9.47 37.78 9.92
C LEU C 83 -8.28 38.21 9.09
N MET C 84 -8.53 38.64 7.85
CA MET C 84 -7.46 39.24 7.05
C MET C 84 -6.86 40.46 7.73
N LYS C 85 -7.71 41.34 8.24
CA LYS C 85 -7.24 42.60 8.78
C LYS C 85 -6.28 42.41 9.94
N ILE C 86 -6.56 41.45 10.83
CA ILE C 86 -5.68 41.21 11.97
C ILE C 86 -4.50 40.32 11.63
N GLY C 87 -4.39 39.89 10.38
CA GLY C 87 -3.25 39.09 9.97
C GLY C 87 -3.32 37.61 10.29
N ALA C 88 -4.50 37.09 10.63
CA ALA C 88 -4.64 35.65 10.82
C ALA C 88 -4.62 34.94 9.48
N VAL C 89 -4.50 33.62 9.54
CA VAL C 89 -4.49 32.77 8.35
C VAL C 89 -5.77 31.94 8.34
N MET C 90 -6.61 32.16 7.34
CA MET C 90 -7.91 31.50 7.27
C MET C 90 -7.77 30.04 6.85
N VAL C 91 -8.60 29.19 7.43
CA VAL C 91 -8.78 27.83 6.97
C VAL C 91 -10.27 27.62 6.76
N PRO C 92 -10.81 27.92 5.58
CA PRO C 92 -12.24 27.76 5.36
C PRO C 92 -12.63 26.29 5.27
N VAL C 93 -13.68 25.92 6.00
CA VAL C 93 -14.21 24.57 6.04
C VAL C 93 -15.64 24.60 5.50
N ASN C 94 -15.97 23.65 4.64
CA ASN C 94 -17.34 23.50 4.17
C ASN C 94 -18.28 23.19 5.32
N SER C 95 -19.37 23.95 5.41
CA SER C 95 -20.25 23.85 6.56
C SER C 95 -21.04 22.54 6.59
N ASN C 96 -21.20 21.88 5.46
CA ASN C 96 -21.84 20.58 5.41
C ASN C 96 -20.84 19.44 5.47
N SER C 97 -19.57 19.74 5.69
CA SER C 97 -18.56 18.70 5.79
C SER C 97 -18.75 17.91 7.08
N PRO C 98 -18.53 16.60 7.06
CA PRO C 98 -18.64 15.81 8.29
C PRO C 98 -17.51 16.10 9.25
N GLU C 99 -17.82 15.99 10.55
CA GLU C 99 -16.90 16.46 11.57
C GLU C 99 -15.63 15.62 11.65
N ARG C 100 -15.67 14.37 11.18
CA ARG C 100 -14.45 13.59 11.10
C ARG C 100 -13.50 14.19 10.07
N TYR C 101 -14.04 14.63 8.93
CA TYR C 101 -13.23 15.31 7.93
C TYR C 101 -12.74 16.66 8.45
N ILE C 102 -13.57 17.33 9.25
CA ILE C 102 -13.14 18.58 9.87
C ILE C 102 -11.95 18.35 10.79
N GLY C 103 -11.99 17.26 11.57
CA GLY C 103 -10.86 16.95 12.43
C GLY C 103 -9.58 16.75 11.66
N GLU C 104 -9.65 15.99 10.56
CA GLU C 104 -8.46 15.75 9.76
C GLU C 104 -7.95 17.03 9.11
N VAL C 105 -8.86 17.90 8.68
CA VAL C 105 -8.47 19.15 8.05
C VAL C 105 -7.78 20.07 9.05
N LEU C 106 -8.40 20.27 10.21
CA LEU C 106 -7.81 21.15 11.22
C LEU C 106 -6.48 20.61 11.75
N SER C 107 -6.35 19.29 11.84
CA SER C 107 -5.08 18.70 12.27
C SER C 107 -4.00 18.89 11.22
N ALA C 108 -4.33 18.70 9.95
CA ALA C 108 -3.35 18.89 8.89
C ALA C 108 -2.93 20.35 8.76
N ALA C 109 -3.86 21.28 9.02
CA ALA C 109 -3.53 22.70 8.94
C ALA C 109 -2.86 23.21 10.20
N GLY C 110 -3.11 22.55 11.33
CA GLY C 110 -2.68 23.06 12.62
C GLY C 110 -3.47 24.23 13.13
N ALA C 111 -4.76 24.27 12.84
CA ALA C 111 -5.60 25.40 13.26
C ALA C 111 -5.77 25.39 14.76
N ARG C 112 -5.46 26.51 15.41
CA ARG C 112 -5.58 26.57 16.86
C ARG C 112 -6.91 27.16 17.31
N TYR C 113 -7.65 27.83 16.42
CA TYR C 113 -9.00 28.28 16.73
C TYR C 113 -9.94 27.83 15.62
N LEU C 114 -11.22 27.66 15.98
CA LEU C 114 -12.24 27.31 15.02
C LEU C 114 -13.50 28.13 15.30
N ILE C 115 -13.87 28.99 14.37
CA ILE C 115 -15.02 29.87 14.51
C ILE C 115 -16.17 29.29 13.72
N SER C 116 -17.28 28.98 14.40
CA SER C 116 -18.39 28.28 13.78
C SER C 116 -19.72 28.87 14.23
N ASP C 117 -20.69 28.84 13.33
CA ASP C 117 -22.08 29.16 13.64
C ASP C 117 -22.86 27.96 14.17
N ASP C 118 -22.21 26.81 14.34
CA ASP C 118 -22.85 25.62 14.91
C ASP C 118 -21.78 24.87 15.69
N VAL C 119 -21.74 25.11 17.01
CA VAL C 119 -20.76 24.46 17.87
C VAL C 119 -21.05 22.98 18.04
N THR C 120 -22.29 22.55 17.81
CA THR C 120 -22.62 21.14 17.98
C THR C 120 -22.12 20.28 16.82
N SER C 121 -21.93 20.87 15.64
CA SER C 121 -21.56 20.15 14.45
C SER C 121 -20.04 20.08 14.22
N VAL C 122 -19.24 20.35 15.24
CA VAL C 122 -17.79 20.41 15.06
C VAL C 122 -17.10 19.46 16.03
N PRO C 123 -15.92 18.96 15.70
CA PRO C 123 -15.22 18.03 16.58
C PRO C 123 -14.32 18.75 17.58
N GLY C 124 -14.02 18.05 18.67
CA GLY C 124 -13.09 18.55 19.64
C GLY C 124 -11.66 18.21 19.30
N GLY C 125 -10.74 19.01 19.84
CA GLY C 125 -9.33 18.76 19.61
C GLY C 125 -8.49 19.87 20.20
N ALA C 126 -7.29 20.03 19.65
CA ALA C 126 -6.34 21.03 20.13
C ALA C 126 -6.75 22.46 19.81
N TRP C 127 -7.92 22.67 19.21
CA TRP C 127 -8.36 24.00 18.83
C TRP C 127 -9.44 24.50 19.78
N HIS C 128 -9.43 25.82 20.00
CA HIS C 128 -10.51 26.48 20.71
C HIS C 128 -11.63 26.82 19.76
N VAL C 129 -12.86 26.45 20.13
CA VAL C 129 -14.03 26.69 19.31
C VAL C 129 -14.70 27.98 19.79
N LEU C 130 -15.16 28.80 18.85
CA LEU C 130 -15.71 30.10 19.18
C LEU C 130 -17.04 30.28 18.45
N SER C 131 -18.02 30.83 19.16
CA SER C 131 -19.33 31.08 18.58
C SER C 131 -19.29 32.27 17.65
N SER C 132 -19.68 32.07 16.39
CA SER C 132 -19.85 33.17 15.45
C SER C 132 -20.79 34.23 16.00
N ARG C 133 -21.95 33.81 16.51
CA ARG C 133 -22.96 34.76 16.95
C ARG C 133 -22.50 35.58 18.15
N THR C 134 -21.81 34.93 19.09
CA THR C 134 -21.27 35.64 20.23
C THR C 134 -20.30 36.73 19.78
N LEU C 135 -19.43 36.42 18.83
CA LEU C 135 -18.45 37.39 18.37
C LEU C 135 -19.13 38.53 17.63
N ILE C 136 -20.18 38.23 16.85
CA ILE C 136 -20.90 39.29 16.14
C ILE C 136 -21.65 40.18 17.12
N GLN C 137 -22.28 39.59 18.12
CA GLN C 137 -23.04 40.38 19.09
C GLN C 137 -22.13 41.29 19.90
N ASN C 138 -20.89 40.88 20.13
CA ASN C 138 -19.92 41.63 20.91
C ASN C 138 -19.37 42.87 20.22
N CYS C 139 -19.72 43.11 18.96
CA CYS C 139 -19.14 44.22 18.21
C CYS C 139 -19.52 45.59 18.79
N THR C 140 -18.57 46.52 18.70
CA THR C 140 -18.77 47.91 19.08
C THR C 140 -18.60 48.78 17.85
N GLN C 141 -19.44 49.80 17.71
CA GLN C 141 -19.58 50.52 16.45
C GLN C 141 -18.64 51.72 16.28
N GLN C 142 -17.59 51.84 17.07
CA GLN C 142 -16.58 52.86 16.76
C GLN C 142 -15.15 52.36 16.89
N ARG C 143 -14.92 51.12 17.29
CA ARG C 143 -13.59 50.67 17.66
C ARG C 143 -12.86 50.11 16.45
N SER C 144 -11.64 50.60 16.23
CA SER C 144 -10.84 50.19 15.09
C SER C 144 -9.36 50.41 15.43
N GLY C 145 -8.52 50.39 14.41
CA GLY C 145 -7.10 50.62 14.59
C GLY C 145 -6.39 49.46 15.26
N ASN C 146 -5.09 49.68 15.49
CA ASN C 146 -4.19 48.70 16.11
C ASN C 146 -4.12 47.40 15.30
N TYR C 147 -4.04 47.52 13.99
CA TYR C 147 -3.91 46.35 13.16
C TYR C 147 -2.50 46.27 12.58
N PRO C 148 -1.95 45.08 12.40
CA PRO C 148 -0.56 44.97 11.94
C PRO C 148 -0.40 45.41 10.51
N VAL C 149 0.82 45.84 10.19
CA VAL C 149 1.22 46.06 8.80
C VAL C 149 1.47 44.71 8.14
N LEU C 150 0.71 44.42 7.09
CA LEU C 150 0.81 43.15 6.39
C LEU C 150 1.45 43.34 5.02
N SER C 151 2.33 42.41 4.67
CA SER C 151 2.98 42.42 3.38
C SER C 151 2.23 41.53 2.40
N ALA C 152 2.43 41.80 1.11
CA ALA C 152 1.82 40.98 0.07
C ALA C 152 2.20 39.51 0.17
N ASP C 153 3.42 39.22 0.61
CA ASP C 153 3.90 37.86 0.68
C ASP C 153 3.53 37.16 1.98
N ASP C 154 2.85 37.84 2.88
CA ASP C 154 2.39 37.19 4.10
C ASP C 154 1.30 36.18 3.76
N PRO C 155 1.24 35.06 4.48
CA PRO C 155 0.18 34.09 4.26
C PRO C 155 -1.19 34.64 4.64
N ALA C 156 -2.19 34.28 3.86
CA ALA C 156 -3.56 34.74 4.08
C ALA C 156 -4.53 33.62 4.37
N LEU C 157 -4.43 32.49 3.68
CA LEU C 157 -5.35 31.39 3.94
C LEU C 157 -4.72 30.08 3.53
N ILE C 158 -5.27 29.00 4.06
CA ILE C 158 -4.82 27.64 3.78
C ILE C 158 -5.94 26.87 3.11
N LEU C 159 -5.64 26.22 1.99
CA LEU C 159 -6.56 25.34 1.29
C LEU C 159 -6.00 23.93 1.24
N MET C 160 -6.89 22.97 1.04
CA MET C 160 -6.53 21.55 1.05
C MET C 160 -6.63 20.96 -0.36
N THR C 161 -5.66 20.11 -0.70
CA THR C 161 -5.73 19.27 -1.88
C THR C 161 -5.33 17.85 -1.53
N SER C 162 -5.93 16.90 -2.24
CA SER C 162 -5.52 15.50 -2.15
C SER C 162 -4.74 15.09 -3.39
N PRO C 168 -4.43 14.23 2.80
CA PRO C 168 -4.60 15.57 2.26
C PRO C 168 -3.35 16.43 2.38
N LYS C 169 -3.07 17.23 1.36
CA LYS C 169 -1.99 18.19 1.38
C LYS C 169 -2.51 19.59 1.71
N SER C 170 -1.75 20.32 2.51
CA SER C 170 -2.10 21.67 2.92
C SER C 170 -1.42 22.65 1.97
N VAL C 171 -2.20 23.56 1.40
CA VAL C 171 -1.69 24.59 0.50
C VAL C 171 -1.76 25.93 1.20
N LEU C 172 -0.65 26.66 1.19
CA LEU C 172 -0.54 27.95 1.86
C LEU C 172 -0.60 29.05 0.81
N ILE C 173 -1.57 29.94 0.93
CA ILE C 173 -1.83 30.98 -0.05
C ILE C 173 -1.36 32.31 0.50
N ALA C 174 -0.63 33.06 -0.31
CA ALA C 174 -0.17 34.38 0.09
C ALA C 174 -1.27 35.42 -0.06
N HIS C 175 -1.04 36.57 0.57
CA HIS C 175 -1.96 37.70 0.39
C HIS C 175 -2.03 38.13 -1.06
N ARG C 176 -0.86 38.26 -1.70
CA ARG C 176 -0.81 38.67 -3.11
C ARG C 176 -1.64 37.75 -4.00
N GLY C 177 -1.73 36.46 -3.66
CA GLY C 177 -2.37 35.52 -4.56
C GLY C 177 -3.84 35.81 -4.78
N ILE C 178 -4.49 36.43 -3.80
CA ILE C 178 -5.85 36.89 -3.96
C ILE C 178 -5.93 38.40 -4.11
N ALA C 179 -4.96 39.16 -3.61
CA ALA C 179 -4.95 40.60 -3.82
C ALA C 179 -4.87 40.96 -5.30
N ARG C 180 -4.34 40.07 -6.13
CA ARG C 180 -4.29 40.31 -7.57
C ARG C 180 -5.66 40.43 -8.19
N LEU C 181 -6.69 39.87 -7.55
CA LEU C 181 -8.03 39.97 -8.09
C LEU C 181 -8.60 41.38 -7.96
N GLY C 182 -7.90 42.28 -7.29
CA GLY C 182 -8.30 43.66 -7.26
C GLY C 182 -7.90 44.46 -8.47
N LEU C 183 -7.14 43.85 -9.37
CA LEU C 183 -6.79 44.41 -10.67
C LEU C 183 -7.83 44.00 -11.70
N PRO C 184 -8.41 44.94 -12.45
CA PRO C 184 -9.35 44.57 -13.49
C PRO C 184 -8.73 43.64 -14.52
N VAL C 185 -9.52 42.67 -14.96
CA VAL C 185 -9.08 41.71 -15.97
C VAL C 185 -9.45 42.25 -17.34
N PRO C 186 -8.48 42.56 -18.21
CA PRO C 186 -8.81 43.17 -19.50
C PRO C 186 -9.74 42.33 -20.35
N ALA C 187 -9.72 41.01 -20.20
CA ALA C 187 -10.63 40.16 -20.97
C ALA C 187 -12.07 40.35 -20.54
N LEU C 188 -12.30 40.61 -19.26
CA LEU C 188 -13.65 40.75 -18.73
C LEU C 188 -14.14 42.19 -18.78
N GLY C 189 -13.25 43.17 -18.70
CA GLY C 189 -13.67 44.55 -18.58
C GLY C 189 -14.46 44.81 -17.33
N ASN C 190 -14.13 44.13 -16.24
CA ASN C 190 -14.86 44.26 -14.99
C ASN C 190 -14.52 45.56 -14.29
N SER C 191 -15.41 45.94 -13.37
CA SER C 191 -15.32 47.23 -12.70
C SER C 191 -16.16 47.17 -11.43
N GLU C 192 -16.30 48.31 -10.76
CA GLU C 192 -17.22 48.40 -9.64
C GLU C 192 -18.67 48.25 -10.06
N ARG C 193 -18.97 48.44 -11.34
CA ARG C 193 -20.34 48.36 -11.83
C ARG C 193 -20.86 46.93 -11.97
N ASP C 194 -20.03 45.93 -11.70
CA ASP C 194 -20.43 44.55 -11.92
C ASP C 194 -21.02 43.95 -10.64
N CYS C 195 -21.64 42.78 -10.81
CA CYS C 195 -22.22 42.02 -9.71
C CYS C 195 -21.90 40.56 -9.91
N TYR C 196 -21.45 39.92 -8.83
CA TYR C 196 -20.98 38.54 -8.88
C TYR C 196 -21.89 37.66 -8.04
N LEU C 197 -22.19 36.48 -8.55
CA LEU C 197 -22.88 35.46 -7.79
C LEU C 197 -21.85 34.47 -7.22
N GLN C 198 -21.81 34.37 -5.90
CA GLN C 198 -20.98 33.36 -5.25
C GLN C 198 -21.79 32.08 -5.04
N ILE C 199 -21.29 30.98 -5.60
CA ILE C 199 -21.97 29.69 -5.50
C ILE C 199 -20.93 28.63 -5.18
N ALA C 200 -19.66 28.94 -5.46
CA ALA C 200 -18.57 28.06 -5.08
C ALA C 200 -18.40 28.00 -3.56
N ASP C 201 -17.91 26.86 -3.09
CA ASP C 201 -17.70 26.65 -1.67
C ASP C 201 -16.37 27.25 -1.22
N ILE C 202 -16.37 27.76 0.01
CA ILE C 202 -15.22 28.50 0.50
C ILE C 202 -14.00 27.61 0.70
N SER C 203 -14.19 26.30 0.80
CA SER C 203 -13.05 25.39 0.93
C SER C 203 -12.26 25.27 -0.36
N PHE C 204 -12.76 25.82 -1.46
CA PHE C 204 -12.12 25.73 -2.76
C PHE C 204 -11.59 27.09 -3.21
N ALA C 205 -10.50 27.06 -3.96
CA ALA C 205 -9.93 28.29 -4.51
C ALA C 205 -10.94 29.02 -5.38
N ALA C 206 -11.87 28.29 -6.01
CA ALA C 206 -12.83 28.92 -6.92
C ALA C 206 -13.59 30.03 -6.23
N SER C 207 -13.83 29.91 -4.93
CA SER C 207 -14.63 30.90 -4.23
C SER C 207 -13.97 32.26 -4.24
N ALA C 208 -12.64 32.31 -4.31
CA ALA C 208 -11.95 33.59 -4.40
C ALA C 208 -12.40 34.40 -5.62
N ASN C 209 -12.50 33.74 -6.77
CA ASN C 209 -12.93 34.40 -8.00
C ASN C 209 -14.19 35.24 -7.79
N GLU C 210 -15.09 34.76 -6.96
CA GLU C 210 -16.35 35.44 -6.72
C GLU C 210 -16.23 36.46 -5.61
N ILE C 211 -15.54 36.11 -4.53
CA ILE C 211 -15.52 36.98 -3.35
C ILE C 211 -14.62 38.18 -3.60
N TRP C 212 -13.35 37.92 -3.88
CA TRP C 212 -12.34 38.98 -3.86
C TRP C 212 -12.40 39.84 -5.11
N MET C 213 -12.68 39.25 -6.26
CA MET C 213 -12.98 40.06 -7.45
C MET C 213 -14.13 41.01 -7.21
N ALA C 214 -15.09 40.62 -6.37
CA ALA C 214 -16.17 41.51 -6.00
C ALA C 214 -15.68 42.59 -5.04
N LEU C 215 -15.22 42.17 -3.87
CA LEU C 215 -15.02 43.11 -2.76
C LEU C 215 -13.81 44.02 -2.98
N LEU C 216 -12.89 43.65 -3.85
CA LEU C 216 -11.67 44.42 -4.05
C LEU C 216 -11.73 45.34 -5.26
N THR C 217 -12.84 45.34 -5.98
CA THR C 217 -13.05 46.27 -7.09
C THR C 217 -14.20 47.21 -6.86
N GLY C 218 -14.90 47.09 -5.74
CA GLY C 218 -16.08 47.88 -5.49
C GLY C 218 -17.36 47.30 -6.05
N ALA C 219 -17.33 46.09 -6.55
CA ALA C 219 -18.50 45.47 -7.16
C ALA C 219 -19.37 44.83 -6.08
N CYS C 220 -20.50 44.28 -6.52
CA CYS C 220 -21.47 43.66 -5.64
C CYS C 220 -21.34 42.14 -5.66
N LEU C 221 -21.49 41.54 -4.49
CA LEU C 221 -21.49 40.09 -4.33
C LEU C 221 -22.85 39.66 -3.81
N THR C 222 -23.60 38.94 -4.63
CA THR C 222 -24.88 38.38 -4.19
C THR C 222 -24.65 36.94 -3.76
N ILE C 223 -25.22 36.59 -2.62
CA ILE C 223 -24.85 35.38 -1.89
C ILE C 223 -25.93 34.33 -2.10
N ALA C 224 -25.57 33.23 -2.74
CA ALA C 224 -26.52 32.14 -2.90
C ALA C 224 -26.76 31.46 -1.56
N PRO C 225 -27.98 31.00 -1.30
CA PRO C 225 -28.27 30.35 -0.02
C PRO C 225 -27.42 29.11 0.19
N PRO C 226 -27.19 28.71 1.43
CA PRO C 226 -26.39 27.52 1.70
C PRO C 226 -27.03 26.26 1.14
N GLY C 227 -26.22 25.22 1.04
CA GLY C 227 -26.67 23.93 0.56
C GLY C 227 -26.39 23.74 -0.92
N LEU C 228 -27.09 22.76 -1.49
CA LEU C 228 -26.94 22.50 -2.91
C LEU C 228 -27.50 23.65 -3.73
N PRO C 229 -26.89 23.95 -4.87
CA PRO C 229 -27.49 24.91 -5.80
C PRO C 229 -28.84 24.44 -6.31
N ASP C 230 -29.78 25.38 -6.38
CA ASP C 230 -31.09 25.19 -6.99
C ASP C 230 -31.07 25.95 -8.30
N LEU C 231 -30.98 25.22 -9.41
CA LEU C 231 -30.69 25.85 -10.69
C LEU C 231 -31.72 26.91 -11.05
N MET C 232 -32.98 26.68 -10.70
CA MET C 232 -34.01 27.66 -10.97
C MET C 232 -33.97 28.83 -9.99
N ALA C 233 -33.67 28.55 -8.72
CA ALA C 233 -33.46 29.63 -7.77
C ALA C 233 -32.25 30.48 -8.16
N LEU C 234 -31.20 29.84 -8.69
CA LEU C 234 -30.06 30.61 -9.15
C LEU C 234 -30.42 31.50 -10.34
N ALA C 235 -31.20 30.97 -11.28
CA ALA C 235 -31.65 31.79 -12.40
C ALA C 235 -32.48 32.96 -11.88
N ARG C 236 -33.37 32.66 -10.97
CA ARG C 236 -34.23 33.71 -10.38
C ARG C 236 -33.31 34.73 -9.72
N GLN C 237 -32.33 34.24 -8.96
CA GLN C 237 -31.44 35.11 -8.21
C GLN C 237 -30.57 35.96 -9.12
N ILE C 238 -30.06 35.36 -10.21
CA ILE C 238 -29.26 36.11 -11.18
C ILE C 238 -30.05 37.28 -11.76
N GLU C 239 -31.33 37.06 -12.06
CA GLU C 239 -32.15 38.13 -12.62
C GLU C 239 -32.49 39.19 -11.58
N SER C 240 -32.89 38.75 -10.38
CA SER C 240 -33.32 39.71 -9.37
C SER C 240 -32.17 40.62 -8.97
N ASP C 241 -30.97 40.06 -8.82
CA ASP C 241 -29.83 40.81 -8.35
C ASP C 241 -28.92 41.27 -9.49
N ASN C 242 -29.32 41.04 -10.74
CA ASN C 242 -28.63 41.55 -11.93
C ASN C 242 -27.15 41.21 -11.94
N VAL C 243 -26.84 39.92 -11.77
CA VAL C 243 -25.47 39.46 -11.89
C VAL C 243 -24.95 39.75 -13.29
N THR C 244 -23.72 40.26 -13.36
CA THR C 244 -23.07 40.50 -14.64
C THR C 244 -21.88 39.60 -14.92
N MET C 245 -21.26 39.06 -13.88
CA MET C 245 -20.12 38.14 -14.00
C MET C 245 -20.47 36.83 -13.32
N LEU C 246 -20.53 35.75 -14.10
CA LEU C 246 -20.96 34.45 -13.59
C LEU C 246 -19.83 33.45 -13.78
N PHE C 247 -19.39 32.85 -12.68
CA PHE C 247 -18.37 31.82 -12.69
C PHE C 247 -19.03 30.49 -12.42
N LEU C 248 -18.74 29.49 -13.26
CA LEU C 248 -19.38 28.19 -13.17
C LEU C 248 -18.34 27.09 -13.33
N SER C 249 -18.54 25.99 -12.62
CA SER C 249 -17.82 24.76 -12.92
C SER C 249 -18.35 24.15 -14.20
N GLY C 250 -17.56 23.24 -14.78
CA GLY C 250 -17.98 22.57 -15.99
C GLY C 250 -19.30 21.83 -15.84
N GLY C 251 -19.51 21.17 -14.70
CA GLY C 251 -20.74 20.44 -14.50
C GLY C 251 -21.95 21.36 -14.44
N LEU C 252 -21.86 22.42 -13.64
CA LEU C 252 -22.97 23.35 -13.50
C LEU C 252 -23.21 24.12 -14.78
N PHE C 253 -22.15 24.42 -15.54
CA PHE C 253 -22.33 25.03 -16.85
C PHE C 253 -23.13 24.13 -17.78
N ARG C 254 -22.80 22.84 -17.81
CA ARG C 254 -23.57 21.89 -18.60
C ARG C 254 -25.03 21.86 -18.15
N LEU C 255 -25.25 21.92 -16.84
CA LEU C 255 -26.61 21.90 -16.33
C LEU C 255 -27.41 23.07 -16.87
N PHE C 256 -26.83 24.27 -16.85
CA PHE C 256 -27.51 25.45 -17.38
C PHE C 256 -27.77 25.31 -18.88
N VAL C 257 -26.81 24.78 -19.63
CA VAL C 257 -26.98 24.65 -21.07
C VAL C 257 -28.13 23.70 -21.39
N GLU C 258 -28.21 22.59 -20.65
CA GLU C 258 -29.20 21.56 -20.97
C GLU C 258 -30.59 21.91 -20.47
N VAL C 259 -30.72 22.73 -19.42
CA VAL C 259 -31.99 22.95 -18.77
C VAL C 259 -32.48 24.39 -18.92
N SER C 260 -31.59 25.36 -18.88
CA SER C 260 -32.03 26.76 -18.90
C SER C 260 -30.97 27.66 -19.52
N VAL C 261 -30.66 27.40 -20.79
CA VAL C 261 -29.58 28.14 -21.46
C VAL C 261 -29.89 29.62 -21.50
N GLU C 262 -31.17 29.99 -21.47
CA GLU C 262 -31.54 31.40 -21.49
C GLU C 262 -31.01 32.15 -20.27
N THR C 263 -30.70 31.43 -19.20
CA THR C 263 -30.09 32.07 -18.03
C THR C 263 -28.67 32.55 -18.31
N LEU C 264 -27.92 31.82 -19.13
CA LEU C 264 -26.50 32.10 -19.30
C LEU C 264 -26.23 33.43 -20.00
N HIS C 265 -27.24 34.13 -20.49
CA HIS C 265 -27.03 35.36 -21.22
C HIS C 265 -27.63 36.57 -20.51
N ILE C 266 -28.14 36.39 -19.30
CA ILE C 266 -28.49 37.53 -18.45
C ILE C 266 -27.23 38.31 -18.07
N PRO C 267 -26.12 37.66 -17.69
CA PRO C 267 -24.90 38.42 -17.40
C PRO C 267 -24.19 38.87 -18.67
N ASP C 268 -23.03 39.50 -18.46
CA ASP C 268 -22.15 39.95 -19.54
C ASP C 268 -21.10 38.91 -19.87
N CYS C 269 -20.51 38.27 -18.86
CA CYS C 269 -19.48 37.27 -19.05
C CYS C 269 -19.82 36.03 -18.25
N VAL C 270 -19.62 34.86 -18.85
CA VAL C 270 -19.71 33.57 -18.17
C VAL C 270 -18.38 32.87 -18.29
N VAL C 271 -17.79 32.52 -17.15
CA VAL C 271 -16.48 31.89 -17.08
C VAL C 271 -16.65 30.46 -16.60
N VAL C 272 -16.32 29.51 -17.46
CA VAL C 272 -16.31 28.08 -17.13
C VAL C 272 -14.87 27.64 -16.93
N SER C 273 -14.61 26.96 -15.81
CA SER C 273 -13.24 26.61 -15.46
C SER C 273 -13.20 25.38 -14.58
N GLY C 274 -12.02 24.79 -14.49
CA GLY C 274 -11.70 23.72 -13.56
C GLY C 274 -11.54 22.36 -14.20
N ASP C 275 -12.15 22.11 -15.36
CA ASP C 275 -12.05 20.79 -15.95
C ASP C 275 -12.36 20.89 -17.43
N PHE C 276 -11.92 19.89 -18.18
CA PHE C 276 -12.23 19.81 -19.60
C PHE C 276 -13.74 19.70 -19.81
N VAL C 277 -14.26 20.49 -20.76
CA VAL C 277 -15.68 20.44 -21.07
C VAL C 277 -15.83 20.15 -22.56
N ASN C 278 -16.86 19.38 -22.89
CA ASN C 278 -17.10 19.00 -24.28
C ASN C 278 -17.53 20.24 -25.07
N PRO C 279 -16.93 20.48 -26.24
CA PRO C 279 -17.23 21.71 -26.99
C PRO C 279 -18.69 21.93 -27.37
N ARG C 280 -19.51 20.88 -27.52
CA ARG C 280 -20.90 21.12 -27.91
C ARG C 280 -21.62 21.98 -26.88
N LEU C 281 -21.33 21.81 -25.59
CA LEU C 281 -21.96 22.66 -24.59
C LEU C 281 -21.57 24.12 -24.77
N PHE C 282 -20.29 24.38 -25.03
CA PHE C 282 -19.87 25.75 -25.33
C PHE C 282 -20.55 26.27 -26.58
N SER C 283 -20.73 25.41 -27.59
CA SER C 283 -21.37 25.84 -28.84
C SER C 283 -22.80 26.29 -28.60
N VAL C 284 -23.57 25.51 -27.85
CA VAL C 284 -24.96 25.87 -27.60
C VAL C 284 -25.02 27.16 -26.80
N ALA C 285 -24.12 27.32 -25.83
CA ALA C 285 -24.09 28.54 -25.05
C ALA C 285 -23.76 29.75 -25.91
N VAL C 286 -22.72 29.64 -26.74
CA VAL C 286 -22.29 30.78 -27.55
C VAL C 286 -23.33 31.15 -28.58
N GLN C 287 -24.01 30.17 -29.16
CA GLN C 287 -25.05 30.46 -30.13
C GLN C 287 -26.26 31.11 -29.49
N ALA C 288 -26.50 30.85 -28.21
CA ALA C 288 -27.78 31.20 -27.60
C ALA C 288 -27.94 32.67 -27.28
N GLY C 289 -26.91 33.49 -27.39
CA GLY C 289 -27.09 34.90 -27.11
C GLY C 289 -25.78 35.67 -27.07
N LYS C 290 -25.87 36.87 -26.50
CA LYS C 290 -24.83 37.90 -26.58
C LYS C 290 -23.74 37.77 -25.53
N ALA C 291 -23.97 37.02 -24.46
CA ALA C 291 -23.01 36.98 -23.36
C ALA C 291 -21.69 36.39 -23.82
N LYS C 292 -20.62 36.82 -23.16
CA LYS C 292 -19.28 36.36 -23.48
C LYS C 292 -18.96 35.13 -22.66
N ILE C 293 -18.73 34.01 -23.34
CA ILE C 293 -18.47 32.72 -22.72
C ILE C 293 -16.97 32.50 -22.68
N PHE C 294 -16.46 32.11 -21.51
CA PHE C 294 -15.04 31.90 -21.31
C PHE C 294 -14.76 30.49 -20.83
N ASN C 295 -13.67 29.91 -21.31
CA ASN C 295 -13.05 28.74 -20.71
C ASN C 295 -11.80 29.20 -19.97
N GLY C 296 -11.65 28.76 -18.73
CA GLY C 296 -10.61 29.27 -17.87
C GLY C 296 -9.80 28.18 -17.21
N LEU C 297 -8.54 28.49 -16.95
CA LEU C 297 -7.68 27.64 -16.13
C LEU C 297 -7.70 28.16 -14.72
N GLY C 298 -8.16 27.33 -13.79
CA GLY C 298 -8.06 27.61 -12.37
C GLY C 298 -7.18 26.57 -11.69
N CYS C 299 -6.34 27.04 -10.78
CA CYS C 299 -5.35 26.20 -10.13
C CYS C 299 -5.27 26.58 -8.67
N THR C 300 -5.44 25.60 -7.79
CA THR C 300 -5.37 25.86 -6.36
C THR C 300 -4.03 26.46 -5.99
N GLU C 301 -2.94 25.91 -6.53
CA GLU C 301 -1.60 26.41 -6.27
C GLU C 301 -1.31 27.75 -6.95
N ASN C 302 -2.23 28.27 -7.75
CA ASN C 302 -2.16 29.65 -8.23
C ASN C 302 -3.24 30.51 -7.59
N SER C 303 -3.74 30.08 -6.44
CA SER C 303 -4.61 30.84 -5.55
C SER C 303 -6.02 31.01 -6.10
N ALA C 304 -6.18 31.16 -7.41
CA ALA C 304 -7.49 31.46 -7.99
C ALA C 304 -7.41 31.28 -9.50
N ILE C 305 -8.44 31.78 -10.19
CA ILE C 305 -8.47 31.74 -11.65
C ILE C 305 -7.21 32.36 -12.22
N SER C 306 -6.67 31.72 -13.26
CA SER C 306 -5.37 32.07 -13.79
C SER C 306 -5.37 32.52 -15.23
N SER C 307 -6.22 31.95 -16.08
CA SER C 307 -6.26 32.35 -17.48
C SER C 307 -7.67 32.21 -18.03
N LEU C 308 -7.94 32.96 -19.09
CA LEU C 308 -9.24 32.98 -19.74
C LEU C 308 -9.06 32.90 -21.25
N TYR C 309 -9.88 32.08 -21.90
CA TYR C 309 -10.06 32.10 -23.35
C TYR C 309 -11.50 32.41 -23.69
N HIS C 310 -11.69 33.44 -24.52
CA HIS C 310 -13.01 33.86 -24.94
C HIS C 310 -13.41 33.11 -26.21
N ILE C 311 -14.51 32.37 -26.14
CA ILE C 311 -15.05 31.64 -27.28
C ILE C 311 -15.93 32.61 -28.05
N GLN C 312 -15.39 33.17 -29.14
CA GLN C 312 -16.13 34.21 -29.85
C GLN C 312 -17.26 33.63 -30.69
N SER C 313 -17.14 32.39 -31.12
CA SER C 313 -18.14 31.78 -32.00
C SER C 313 -17.99 30.27 -31.93
N ALA C 314 -19.02 29.57 -32.42
CA ALA C 314 -18.96 28.13 -32.52
C ALA C 314 -17.93 27.66 -33.54
N ALA C 315 -17.52 28.53 -34.46
CA ALA C 315 -16.52 28.13 -35.44
C ALA C 315 -15.16 27.90 -34.82
N ALA C 316 -14.94 28.40 -33.60
CA ALA C 316 -13.70 28.15 -32.89
C ALA C 316 -13.69 26.81 -32.18
N LEU C 317 -14.83 26.14 -32.12
CA LEU C 317 -14.98 24.90 -31.38
C LEU C 317 -14.98 23.72 -32.33
N SER C 318 -14.42 22.60 -31.85
CA SER C 318 -14.36 21.38 -32.64
C SER C 318 -14.11 20.22 -31.71
N SER C 319 -14.60 19.06 -32.08
CA SER C 319 -14.33 17.86 -31.31
C SER C 319 -12.95 17.32 -31.61
N GLU C 320 -12.26 17.91 -32.58
CA GLU C 320 -10.91 17.50 -32.93
C GLU C 320 -9.93 17.81 -31.81
N SER C 321 -10.15 18.92 -31.09
CA SER C 321 -9.23 19.33 -30.05
C SER C 321 -9.98 20.12 -28.99
N PRO C 322 -9.50 20.11 -27.75
CA PRO C 322 -10.23 20.76 -26.66
C PRO C 322 -10.13 22.28 -26.71
N VAL C 323 -11.03 22.91 -25.97
CA VAL C 323 -11.11 24.37 -25.96
C VAL C 323 -9.89 24.93 -25.26
N PRO C 324 -9.23 25.96 -25.80
CA PRO C 324 -8.06 26.54 -25.12
C PRO C 324 -8.43 27.12 -23.77
N VAL C 325 -7.43 27.19 -22.89
CA VAL C 325 -7.60 27.88 -21.61
C VAL C 325 -7.16 29.33 -21.66
N GLY C 326 -6.53 29.77 -22.76
CA GLY C 326 -6.37 31.19 -23.03
C GLY C 326 -5.03 31.80 -22.67
N THR C 327 -5.07 33.02 -22.14
CA THR C 327 -3.90 33.80 -21.81
C THR C 327 -3.98 34.25 -20.36
N PRO C 328 -2.83 34.46 -19.71
CA PRO C 328 -2.82 34.65 -18.26
C PRO C 328 -3.54 35.91 -17.82
N LEU C 329 -3.96 35.90 -16.55
CA LEU C 329 -4.53 37.04 -15.88
C LEU C 329 -3.43 38.03 -15.51
N PRO C 330 -3.80 39.23 -15.04
CA PRO C 330 -2.78 40.18 -14.58
C PRO C 330 -1.83 39.57 -13.55
N LEU C 331 -0.55 39.84 -13.72
CA LEU C 331 0.55 39.40 -12.86
C LEU C 331 0.72 37.89 -12.85
N VAL C 332 -0.02 37.16 -13.67
CA VAL C 332 0.17 35.74 -13.87
C VAL C 332 1.01 35.51 -15.12
N GLU C 333 1.92 34.54 -15.05
CA GLU C 333 2.73 34.17 -16.19
C GLU C 333 2.61 32.67 -16.37
N MET C 334 2.47 32.23 -17.61
CA MET C 334 2.30 30.82 -17.92
C MET C 334 3.21 30.43 -19.06
N VAL C 335 3.96 29.36 -18.88
CA VAL C 335 4.88 28.85 -19.89
C VAL C 335 4.68 27.36 -20.03
N VAL C 336 4.62 26.88 -21.26
CA VAL C 336 4.61 25.46 -21.57
C VAL C 336 6.01 25.05 -21.99
N PHE C 337 6.62 24.15 -21.21
CA PHE C 337 8.00 23.73 -21.41
C PHE C 337 8.05 22.33 -21.98
N ASN C 338 8.97 22.11 -22.91
CA ASN C 338 9.32 20.76 -23.34
C ASN C 338 10.35 20.15 -22.38
N GLU C 339 10.73 18.90 -22.65
CA GLU C 339 11.56 18.16 -21.71
C GLU C 339 12.91 18.82 -21.50
N ARG C 340 13.35 19.72 -22.39
CA ARG C 340 14.60 20.42 -22.23
C ARG C 340 14.42 21.82 -21.66
N LEU C 341 13.24 22.09 -21.08
CA LEU C 341 12.93 23.37 -20.46
C LEU C 341 13.04 24.50 -21.48
N GLN C 342 12.59 24.23 -22.69
CA GLN C 342 12.37 25.20 -23.75
C GLN C 342 10.87 25.45 -23.91
N PRO C 343 10.47 26.68 -24.19
CA PRO C 343 9.05 26.94 -24.47
C PRO C 343 8.62 26.19 -25.72
N CYS C 344 7.47 25.51 -25.62
CA CYS C 344 7.00 24.70 -26.73
C CYS C 344 6.59 25.58 -27.90
N THR C 345 6.91 25.14 -29.10
CA THR C 345 6.39 25.77 -30.30
C THR C 345 4.94 25.37 -30.53
N CYS C 346 4.29 26.08 -31.45
CA CYS C 346 2.89 25.82 -31.74
C CYS C 346 2.70 24.37 -32.17
N GLY C 347 1.88 23.64 -31.41
CA GLY C 347 1.63 22.24 -31.66
C GLY C 347 2.62 21.29 -31.02
N GLU C 348 3.66 21.79 -30.38
CA GLU C 348 4.56 20.92 -29.63
C GLU C 348 4.00 20.71 -28.23
N TYR C 349 3.90 19.45 -27.82
CA TYR C 349 3.31 19.11 -26.53
C TYR C 349 4.36 19.19 -25.43
N GLY C 350 3.97 19.80 -24.32
CA GLY C 350 4.83 19.90 -23.15
C GLY C 350 4.06 19.97 -21.85
N GLU C 351 4.71 20.45 -20.80
CA GLU C 351 4.11 20.54 -19.47
C GLU C 351 3.92 22.01 -19.10
N LEU C 352 2.80 22.30 -18.46
CA LEU C 352 2.43 23.68 -18.14
C LEU C 352 3.04 24.10 -16.81
N PHE C 353 3.77 25.21 -16.83
CA PHE C 353 4.33 25.82 -15.63
C PHE C 353 3.70 27.19 -15.43
N ILE C 354 3.38 27.53 -14.19
CA ILE C 354 2.74 28.78 -13.86
C ILE C 354 3.59 29.54 -12.85
N ALA C 355 3.65 30.86 -13.00
CA ALA C 355 4.46 31.71 -12.14
C ALA C 355 3.74 33.04 -11.92
N GLY C 356 4.31 33.83 -11.03
CA GLY C 356 3.83 35.16 -10.74
C GLY C 356 3.12 35.28 -9.39
N ALA C 357 2.30 36.33 -9.29
CA ALA C 357 1.77 36.75 -8.00
C ALA C 357 0.83 35.73 -7.38
N GLY C 358 0.19 34.90 -8.20
CA GLY C 358 -0.78 33.97 -7.67
C GLY C 358 -0.20 32.73 -7.05
N VAL C 359 1.08 32.47 -7.30
CA VAL C 359 1.68 31.20 -6.88
C VAL C 359 1.68 31.09 -5.37
N ALA C 360 1.31 29.91 -4.88
CA ALA C 360 1.24 29.66 -3.46
C ALA C 360 2.62 29.72 -2.84
N LEU C 361 2.65 29.86 -1.51
CA LEU C 361 3.91 29.81 -0.80
C LEU C 361 4.46 28.40 -0.70
N GLY C 362 3.64 27.38 -0.92
CA GLY C 362 4.11 26.02 -0.88
C GLY C 362 3.14 25.09 -0.17
N TYR C 363 3.46 23.81 -0.11
CA TYR C 363 2.68 22.87 0.69
C TYR C 363 3.23 22.80 2.11
N SER C 364 2.51 22.08 2.97
CA SER C 364 3.02 21.81 4.30
C SER C 364 4.19 20.83 4.28
N ASP C 365 4.28 20.00 3.25
CA ASP C 365 5.41 19.10 3.09
C ASP C 365 6.44 19.78 2.21
N PRO C 366 7.66 20.03 2.70
CA PRO C 366 8.64 20.75 1.87
C PRO C 366 9.26 19.89 0.78
N GLN C 367 9.23 18.56 0.92
CA GLN C 367 9.75 17.71 -0.13
C GLN C 367 8.83 17.73 -1.34
N LEU C 368 7.53 17.59 -1.10
CA LEU C 368 6.55 17.75 -2.17
C LEU C 368 6.59 19.16 -2.73
N THR C 369 6.89 20.15 -1.88
CA THR C 369 7.05 21.52 -2.35
C THR C 369 8.18 21.62 -3.36
N ALA C 370 9.29 20.92 -3.11
CA ALA C 370 10.40 20.88 -4.06
C ALA C 370 10.04 20.11 -5.32
N GLU C 371 9.18 19.10 -5.23
CA GLU C 371 8.78 18.37 -6.41
C GLU C 371 7.93 19.22 -7.35
N ARG C 372 7.13 20.14 -6.82
CA ARG C 372 6.14 20.84 -7.60
C ARG C 372 6.41 22.32 -7.78
N PHE C 373 7.23 22.93 -6.94
CA PHE C 373 7.62 24.32 -7.07
C PHE C 373 9.10 24.40 -7.40
N ILE C 374 9.43 25.01 -8.53
CA ILE C 374 10.78 24.95 -9.10
C ILE C 374 11.22 26.35 -9.46
N THR C 375 12.46 26.69 -9.10
CA THR C 375 13.03 27.99 -9.43
C THR C 375 13.83 27.88 -10.72
N ILE C 376 13.42 28.62 -11.73
CA ILE C 376 14.03 28.60 -13.06
C ILE C 376 14.40 30.02 -13.46
N PRO C 377 15.55 30.26 -14.09
CA PRO C 377 15.80 31.60 -14.66
C PRO C 377 14.95 31.77 -15.92
N TYR C 378 14.02 32.71 -15.86
CA TYR C 378 13.13 33.03 -16.95
C TYR C 378 13.14 34.53 -17.15
N GLN C 379 13.10 34.98 -18.42
CA GLN C 379 13.39 36.38 -18.79
C GLN C 379 14.68 36.90 -18.16
N GLY C 380 15.56 36.00 -17.75
CA GLY C 380 16.89 36.34 -17.25
C GLY C 380 16.95 36.51 -15.76
N THR C 381 15.83 36.28 -15.06
CA THR C 381 15.71 36.47 -13.62
C THR C 381 15.26 35.16 -13.00
N ASP C 382 15.79 34.85 -11.83
CA ASP C 382 15.32 33.69 -11.10
C ASP C 382 13.85 33.88 -10.79
N MET C 383 13.01 32.97 -11.30
CA MET C 383 11.58 33.03 -11.13
C MET C 383 11.08 31.67 -10.68
N LEU C 384 10.12 31.67 -9.76
CA LEU C 384 9.57 30.45 -9.20
C LEU C 384 8.32 30.04 -9.97
N PHE C 385 8.32 28.81 -10.48
CA PHE C 385 7.21 28.25 -11.22
C PHE C 385 6.61 27.13 -10.40
N TYR C 386 5.30 27.15 -10.24
CA TYR C 386 4.57 25.94 -9.87
C TYR C 386 4.47 25.05 -11.09
N ARG C 387 4.80 23.78 -10.92
CA ARG C 387 4.80 22.83 -12.01
C ARG C 387 3.50 22.05 -11.97
N THR C 388 2.59 22.40 -12.87
CA THR C 388 1.36 21.65 -13.01
C THR C 388 1.66 20.35 -13.75
N ASP C 389 0.94 19.29 -13.41
CA ASP C 389 1.14 18.05 -14.14
C ASP C 389 0.15 17.93 -15.28
N ASP C 390 -0.14 19.05 -15.93
CA ASP C 390 -1.04 19.11 -17.06
C ASP C 390 -0.23 19.15 -18.35
N ARG C 391 -0.57 18.27 -19.28
CA ARG C 391 0.06 18.22 -20.58
C ARG C 391 -0.64 19.20 -21.52
N ALA C 392 0.14 20.10 -22.12
CA ALA C 392 -0.41 21.24 -22.83
C ALA C 392 0.46 21.59 -24.02
N THR C 393 -0.03 22.51 -24.84
CA THR C 393 0.75 23.07 -25.95
C THR C 393 0.29 24.50 -26.20
N TYR C 394 0.95 25.17 -27.13
CA TYR C 394 0.58 26.51 -27.56
C TYR C 394 -0.25 26.49 -28.83
N ASP C 395 -1.32 27.29 -28.83
CA ASP C 395 -2.14 27.54 -29.99
C ASP C 395 -1.35 28.32 -31.05
N GLN C 396 -1.89 28.39 -32.26
CA GLN C 396 -1.29 29.20 -33.31
C GLN C 396 -1.27 30.68 -32.98
N ASP C 397 -2.15 31.14 -32.09
CA ASP C 397 -2.17 32.53 -31.65
C ASP C 397 -1.60 32.70 -30.25
N ARG C 398 -0.75 31.77 -29.81
CA ARG C 398 -0.08 31.80 -28.51
C ARG C 398 -1.07 31.68 -27.35
N ASN C 399 -2.30 31.28 -27.61
CA ASN C 399 -3.13 30.76 -26.53
C ASN C 399 -2.56 29.43 -26.05
N ILE C 400 -2.84 29.10 -24.79
CA ILE C 400 -2.42 27.84 -24.21
C ILE C 400 -3.59 26.87 -24.25
N VAL C 401 -3.33 25.65 -24.74
CA VAL C 401 -4.35 24.61 -24.84
C VAL C 401 -3.91 23.44 -23.99
N LEU C 402 -4.75 23.04 -23.04
CA LEU C 402 -4.53 21.81 -22.30
C LEU C 402 -5.01 20.62 -23.11
N VAL C 403 -4.20 19.56 -23.16
CA VAL C 403 -4.55 18.37 -23.91
C VAL C 403 -4.69 17.12 -23.04
N GLY C 404 -4.13 17.09 -21.83
CA GLY C 404 -4.36 15.93 -20.99
C GLY C 404 -3.66 16.05 -19.66
N ARG C 405 -3.62 14.91 -18.96
CA ARG C 405 -3.04 14.79 -17.63
C ARG C 405 -1.94 13.73 -17.63
N GLY C 406 -1.08 13.83 -16.63
CA GLY C 406 0.03 12.90 -16.49
C GLY C 406 0.41 12.63 -15.05
N ASN C 407 -0.57 12.59 -14.15
CA ASN C 407 -0.29 12.36 -12.73
C ASN C 407 -1.39 11.53 -12.11
N HIS C 408 -1.09 11.01 -10.92
CA HIS C 408 -2.04 10.19 -10.19
C HIS C 408 -3.18 11.01 -9.61
N ILE C 409 -3.04 12.32 -9.55
CA ILE C 409 -4.12 13.19 -9.08
C ILE C 409 -5.11 13.37 -10.23
N CYS C 410 -6.37 13.02 -9.99
CA CYS C 410 -7.36 13.01 -11.05
C CYS C 410 -8.46 14.03 -10.76
N LYS C 411 -9.02 14.57 -11.83
CA LYS C 411 -10.04 15.62 -11.78
C LYS C 411 -11.39 15.05 -12.17
N ILE C 412 -12.23 14.76 -11.20
CA ILE C 412 -13.59 14.30 -11.45
C ILE C 412 -14.53 15.35 -10.90
N ARG C 413 -15.42 15.87 -11.74
CA ARG C 413 -16.28 17.00 -11.39
C ARG C 413 -15.49 18.23 -10.97
N GLY C 414 -14.18 18.24 -11.24
CA GLY C 414 -13.29 19.34 -10.89
C GLY C 414 -12.86 19.38 -9.45
N PHE C 415 -13.19 18.37 -8.65
CA PHE C 415 -12.89 18.39 -7.22
C PHE C 415 -11.47 17.93 -6.89
N ARG C 416 -10.80 17.22 -7.80
CA ARG C 416 -9.43 16.76 -7.60
C ARG C 416 -9.35 15.78 -6.45
N ILE C 417 -9.44 14.49 -6.77
CA ILE C 417 -9.50 13.43 -5.78
C ILE C 417 -8.27 12.54 -5.89
N ASN C 418 -7.83 12.02 -4.75
CA ASN C 418 -6.79 11.00 -4.71
C ASN C 418 -7.46 9.67 -4.36
N ILE C 419 -7.26 8.69 -5.22
CA ILE C 419 -8.03 7.45 -5.17
C ILE C 419 -7.66 6.61 -3.95
N ALA C 420 -6.39 6.54 -3.61
CA ALA C 420 -5.94 5.67 -2.53
C ALA C 420 -6.57 6.02 -1.19
N GLY C 421 -6.86 7.30 -0.95
CA GLY C 421 -7.49 7.67 0.31
C GLY C 421 -8.89 7.12 0.48
N ILE C 422 -9.70 7.15 -0.57
CA ILE C 422 -11.05 6.61 -0.46
C ILE C 422 -11.03 5.09 -0.39
N GLU C 423 -10.12 4.46 -1.13
CA GLU C 423 -9.94 3.01 -1.00
C GLU C 423 -9.68 2.63 0.45
N HIS C 424 -8.72 3.29 1.09
CA HIS C 424 -8.41 2.95 2.48
C HIS C 424 -9.59 3.22 3.41
N LEU C 425 -10.24 4.37 3.25
CA LEU C 425 -11.38 4.68 4.10
C LEU C 425 -12.47 3.63 3.99
N LEU C 426 -12.64 3.03 2.81
CA LEU C 426 -13.61 1.96 2.65
C LEU C 426 -13.13 0.63 3.23
N ARG C 427 -11.82 0.37 3.19
CA ARG C 427 -11.29 -0.84 3.79
C ARG C 427 -11.46 -0.89 5.31
N LEU C 428 -11.67 0.25 5.95
CA LEU C 428 -11.86 0.25 7.39
C LEU C 428 -13.18 -0.38 7.80
N HIS C 429 -14.14 -0.50 6.88
CA HIS C 429 -15.44 -1.09 7.22
C HIS C 429 -15.27 -2.58 7.49
N HIS C 430 -16.03 -3.09 8.47
CA HIS C 430 -15.85 -4.45 8.94
C HIS C 430 -16.16 -5.48 7.87
N ALA C 431 -17.07 -5.17 6.95
CA ALA C 431 -17.44 -6.13 5.91
C ALA C 431 -16.54 -6.04 4.68
N VAL C 432 -15.73 -5.01 4.55
CA VAL C 432 -14.95 -4.76 3.36
C VAL C 432 -13.55 -5.31 3.55
N GLU C 433 -13.12 -6.20 2.67
CA GLU C 433 -11.79 -6.78 2.76
C GLU C 433 -10.77 -5.96 1.99
N ASP C 434 -11.09 -5.61 0.74
CA ASP C 434 -10.28 -4.71 -0.06
C ASP C 434 -11.18 -3.99 -1.03
N VAL C 435 -10.70 -2.87 -1.55
CA VAL C 435 -11.43 -2.09 -2.55
C VAL C 435 -10.47 -1.60 -3.60
N LEU C 436 -10.89 -1.66 -4.86
CA LEU C 436 -10.18 -1.04 -5.96
C LEU C 436 -11.14 -0.07 -6.63
N ILE C 437 -10.66 1.13 -6.92
CA ILE C 437 -11.48 2.18 -7.51
C ILE C 437 -10.88 2.54 -8.86
N VAL C 438 -11.75 2.70 -9.85
CA VAL C 438 -11.33 3.01 -11.20
C VAL C 438 -12.21 4.13 -11.73
N VAL C 439 -11.65 4.96 -12.61
CA VAL C 439 -12.42 5.96 -13.33
C VAL C 439 -12.96 5.32 -14.58
N GLU C 440 -14.18 5.69 -14.96
CA GLU C 440 -14.82 5.12 -16.14
C GLU C 440 -15.44 6.23 -16.98
N GLU C 441 -15.36 6.05 -18.29
CA GLU C 441 -16.03 6.96 -19.20
C GLU C 441 -17.53 6.92 -18.98
N THR C 442 -18.18 8.05 -19.29
CA THR C 442 -19.61 8.20 -19.15
C THR C 442 -20.06 9.22 -20.19
N PRO C 443 -21.32 9.19 -20.61
CA PRO C 443 -21.74 10.08 -21.71
C PRO C 443 -21.46 11.56 -21.48
N ASP C 444 -21.67 12.08 -20.28
CA ASP C 444 -21.49 13.51 -20.07
C ASP C 444 -20.21 13.87 -19.32
N GLU C 445 -19.93 13.22 -18.19
CA GLU C 445 -18.69 13.44 -17.45
C GLU C 445 -18.19 12.12 -16.89
N PRO C 446 -16.87 11.94 -16.80
CA PRO C 446 -16.36 10.68 -16.25
C PRO C 446 -16.80 10.46 -14.82
N ARG C 447 -17.10 9.21 -14.51
CA ARG C 447 -17.60 8.78 -13.21
C ARG C 447 -16.56 7.93 -12.49
N LEU C 448 -16.67 7.92 -11.17
CA LEU C 448 -15.79 7.13 -10.32
C LEU C 448 -16.49 5.83 -9.96
N HIS C 449 -15.84 4.71 -10.23
CA HIS C 449 -16.43 3.38 -10.10
C HIS C 449 -15.55 2.54 -9.19
N ALA C 450 -16.14 2.02 -8.11
CA ALA C 450 -15.39 1.34 -7.07
C ALA C 450 -15.75 -0.14 -7.07
N CYS C 451 -14.75 -0.98 -7.29
CA CYS C 451 -14.94 -2.42 -7.24
C CYS C 451 -14.49 -2.92 -5.89
N TYR C 452 -15.41 -3.50 -5.13
CA TYR C 452 -15.14 -3.93 -3.78
C TYR C 452 -15.40 -5.44 -3.66
N VAL C 453 -14.74 -6.05 -2.67
CA VAL C 453 -14.88 -7.47 -2.42
C VAL C 453 -15.27 -7.64 -0.96
N THR C 454 -16.28 -8.47 -0.71
CA THR C 454 -16.78 -8.69 0.64
C THR C 454 -16.97 -10.18 0.89
N GLN C 455 -17.01 -10.53 2.18
CA GLN C 455 -17.52 -11.81 2.64
C GLN C 455 -18.92 -11.74 3.19
N ASP C 456 -19.49 -10.54 3.32
CA ASP C 456 -20.85 -10.35 3.81
C ASP C 456 -21.76 -9.95 2.66
N ASP C 457 -22.91 -10.60 2.56
CA ASP C 457 -23.90 -10.29 1.53
C ASP C 457 -25.07 -9.48 2.05
N GLY C 458 -25.16 -9.27 3.36
CA GLY C 458 -26.19 -8.39 3.88
C GLY C 458 -25.67 -6.98 4.01
N LEU C 459 -24.98 -6.50 2.97
CA LEU C 459 -24.35 -5.19 2.98
C LEU C 459 -24.83 -4.43 1.76
N SER C 460 -25.40 -3.25 1.99
CA SER C 460 -25.92 -2.42 0.91
C SER C 460 -24.87 -1.43 0.43
N VAL C 461 -25.03 -1.01 -0.83
CA VAL C 461 -24.18 0.07 -1.33
C VAL C 461 -24.38 1.33 -0.51
N ALA C 462 -25.60 1.54 -0.02
CA ALA C 462 -25.86 2.67 0.87
C ALA C 462 -25.06 2.57 2.14
N ASP C 463 -24.75 1.36 2.60
CA ASP C 463 -23.91 1.21 3.78
C ASP C 463 -22.54 1.80 3.53
N LEU C 464 -21.95 1.52 2.37
CA LEU C 464 -20.63 2.07 2.06
C LEU C 464 -20.72 3.57 1.83
N LYS C 465 -21.80 4.03 1.21
CA LYS C 465 -21.97 5.46 0.96
C LYS C 465 -22.16 6.24 2.26
N ASN C 466 -22.99 5.72 3.15
CA ASN C 466 -23.18 6.38 4.44
C ASN C 466 -21.93 6.29 5.30
N HIS C 467 -21.18 5.20 5.16
CA HIS C 467 -19.89 5.08 5.83
C HIS C 467 -18.94 6.19 5.41
N LEU C 468 -18.76 6.38 4.10
CA LEU C 468 -17.91 7.46 3.60
C LEU C 468 -18.45 8.83 3.99
N ALA C 469 -19.77 9.00 4.01
CA ALA C 469 -20.34 10.30 4.35
C ALA C 469 -20.06 10.75 5.78
N MET C 470 -19.73 9.84 6.69
CA MET C 470 -19.27 10.27 8.00
C MET C 470 -17.79 10.62 8.00
N HIS C 471 -17.04 10.15 7.01
CA HIS C 471 -15.60 10.35 6.98
C HIS C 471 -15.13 11.35 5.94
N ALA C 472 -15.94 11.61 4.90
CA ALA C 472 -15.48 12.41 3.78
C ALA C 472 -16.65 13.23 3.27
N PRO C 473 -16.39 14.26 2.48
CA PRO C 473 -17.49 15.07 1.94
C PRO C 473 -18.32 14.28 0.94
N ALA C 474 -19.58 14.68 0.83
CA ALA C 474 -20.52 13.95 -0.03
C ALA C 474 -20.09 13.99 -1.49
N TRP C 475 -19.39 15.06 -1.90
CA TRP C 475 -18.88 15.13 -3.26
C TRP C 475 -17.76 14.14 -3.51
N MET C 476 -17.17 13.56 -2.47
CA MET C 476 -16.06 12.65 -2.64
C MET C 476 -16.50 11.20 -2.82
N ILE C 477 -17.78 10.91 -2.67
CA ILE C 477 -18.26 9.53 -2.74
C ILE C 477 -18.25 9.04 -4.18
N PRO C 478 -17.78 7.83 -4.45
CA PRO C 478 -17.93 7.25 -5.79
C PRO C 478 -19.38 6.94 -6.06
N GLU C 479 -19.82 7.25 -7.28
CA GLU C 479 -21.23 7.14 -7.60
C GLU C 479 -21.65 5.73 -7.99
N LYS C 480 -20.70 4.87 -8.36
CA LYS C 480 -21.01 3.52 -8.77
C LYS C 480 -20.15 2.53 -8.01
N PHE C 481 -20.78 1.45 -7.55
CA PHE C 481 -20.12 0.40 -6.78
C PHE C 481 -20.36 -0.93 -7.50
N SER C 482 -19.28 -1.52 -8.03
CA SER C 482 -19.31 -2.78 -8.76
C SER C 482 -20.58 -3.02 -9.58
N GLU C 515 -25.15 -13.05 -17.07
CA GLU C 515 -25.85 -12.20 -16.10
C GLU C 515 -27.09 -11.60 -16.72
N GLN C 516 -26.93 -11.05 -17.93
CA GLN C 516 -28.03 -10.38 -18.62
C GLN C 516 -29.14 -11.37 -18.97
N GLN C 517 -28.77 -12.57 -19.40
CA GLN C 517 -29.77 -13.58 -19.76
C GLN C 517 -30.60 -14.00 -18.56
N LEU C 518 -29.96 -14.24 -17.41
CA LEU C 518 -30.69 -14.67 -16.22
C LEU C 518 -31.65 -13.59 -15.74
N LEU C 519 -31.18 -12.35 -15.66
CA LEU C 519 -32.02 -11.27 -15.17
C LEU C 519 -33.19 -10.98 -16.11
N SER C 520 -32.97 -11.13 -17.42
CA SER C 520 -34.05 -10.90 -18.37
C SER C 520 -35.15 -11.96 -18.24
N ILE C 521 -34.76 -13.22 -18.04
CA ILE C 521 -35.74 -14.30 -17.87
C ILE C 521 -36.59 -14.06 -16.63
N TRP C 522 -35.98 -13.71 -15.51
CA TRP C 522 -36.74 -13.49 -14.29
C TRP C 522 -37.62 -12.26 -14.39
N GLN C 523 -37.16 -11.23 -15.09
CA GLN C 523 -37.99 -10.03 -15.27
C GLN C 523 -39.22 -10.32 -16.13
N ALA C 524 -39.13 -11.27 -17.06
CA ALA C 524 -40.30 -11.67 -17.82
C ALA C 524 -41.27 -12.51 -16.98
N ILE C 525 -40.74 -13.34 -16.09
CA ILE C 525 -41.59 -14.16 -15.25
C ILE C 525 -42.39 -13.30 -14.28
N ILE C 526 -41.76 -12.25 -13.73
CA ILE C 526 -42.47 -11.34 -12.85
C ILE C 526 -43.01 -10.14 -13.61
N HIS C 527 -42.81 -10.08 -14.93
CA HIS C 527 -43.32 -9.02 -15.79
C HIS C 527 -42.64 -7.68 -15.54
N SER C 528 -42.30 -7.38 -14.29
CA SER C 528 -41.72 -6.08 -13.95
C SER C 528 -40.24 -6.11 -14.34
N GLU C 529 -39.96 -5.73 -15.58
CA GLU C 529 -38.59 -5.65 -16.05
C GLU C 529 -37.81 -4.58 -15.30
N ALA C 530 -38.47 -3.53 -14.86
CA ALA C 530 -37.81 -2.39 -14.25
C ALA C 530 -37.76 -2.48 -12.74
N ILE C 531 -38.73 -3.15 -12.12
CA ILE C 531 -38.78 -3.18 -10.66
C ILE C 531 -37.72 -4.12 -10.11
N ASN C 532 -37.31 -5.13 -10.88
CA ASN C 532 -36.34 -6.09 -10.39
C ASN C 532 -35.03 -5.86 -11.11
N PRO C 533 -34.03 -5.31 -10.45
CA PRO C 533 -32.74 -5.08 -11.11
C PRO C 533 -31.85 -6.31 -11.03
N GLN C 534 -30.60 -6.18 -11.43
CA GLN C 534 -29.65 -7.25 -11.18
C GLN C 534 -29.22 -7.29 -9.72
N GLU C 535 -29.60 -6.28 -8.93
CA GLU C 535 -29.18 -6.17 -7.55
C GLU C 535 -30.13 -6.93 -6.62
N ASN C 536 -29.66 -7.13 -5.39
CA ASN C 536 -30.43 -7.68 -4.28
C ASN C 536 -30.80 -9.14 -4.48
N LEU C 537 -31.31 -9.76 -3.41
CA LEU C 537 -31.75 -11.14 -3.43
C LEU C 537 -33.14 -11.24 -4.05
N LEU C 538 -33.67 -12.47 -4.13
CA LEU C 538 -35.01 -12.70 -4.66
C LEU C 538 -36.03 -12.69 -3.53
N ASP C 539 -36.12 -11.55 -2.85
CA ASP C 539 -36.99 -11.41 -1.70
C ASP C 539 -38.40 -10.98 -2.06
N GLN C 540 -38.59 -10.33 -3.21
CA GLN C 540 -39.93 -10.08 -3.71
C GLN C 540 -40.52 -11.35 -4.32
N GLY C 541 -39.71 -12.10 -5.04
CA GLY C 541 -40.02 -13.47 -5.43
C GLY C 541 -41.30 -13.71 -6.22
N GLY C 542 -42.41 -13.15 -5.77
CA GLY C 542 -43.69 -13.61 -6.27
C GLY C 542 -44.07 -14.86 -5.51
N ASN C 543 -44.48 -15.89 -6.23
CA ASN C 543 -44.88 -17.13 -5.58
C ASN C 543 -44.12 -18.31 -6.18
N SER C 544 -44.29 -19.46 -5.53
CA SER C 544 -43.76 -20.76 -5.93
C SER C 544 -43.62 -20.95 -7.43
N LEU C 545 -44.71 -20.71 -8.16
CA LEU C 545 -44.73 -20.96 -9.60
C LEU C 545 -43.66 -20.17 -10.34
N HIS C 546 -43.34 -18.96 -9.86
CA HIS C 546 -42.33 -18.16 -10.52
C HIS C 546 -40.95 -18.80 -10.45
N PHE C 547 -40.60 -19.39 -9.30
CA PHE C 547 -39.29 -20.02 -9.16
C PHE C 547 -39.19 -21.30 -9.98
N ILE C 548 -40.27 -22.08 -10.05
CA ILE C 548 -40.26 -23.29 -10.87
C ILE C 548 -40.09 -22.94 -12.34
N LYS C 549 -40.80 -21.92 -12.81
CA LYS C 549 -40.67 -21.48 -14.19
C LYS C 549 -39.25 -21.04 -14.51
N LEU C 550 -38.62 -20.30 -13.60
CA LEU C 550 -37.24 -19.85 -13.82
C LEU C 550 -36.26 -21.01 -13.93
N ALA C 551 -36.31 -21.95 -12.98
CA ALA C 551 -35.38 -23.07 -13.00
C ALA C 551 -35.49 -23.88 -14.28
N SER C 552 -36.71 -24.14 -14.74
CA SER C 552 -36.84 -24.96 -15.94
C SER C 552 -36.36 -24.22 -17.18
N MET C 553 -36.68 -22.92 -17.30
CA MET C 553 -36.22 -22.17 -18.48
C MET C 553 -34.71 -21.98 -18.50
N VAL C 554 -34.08 -21.75 -17.35
CA VAL C 554 -32.62 -21.70 -17.32
C VAL C 554 -32.05 -23.03 -17.75
N SER C 555 -32.61 -24.14 -17.24
CA SER C 555 -32.15 -25.46 -17.64
C SER C 555 -32.39 -25.69 -19.13
N LYS C 556 -33.38 -25.01 -19.70
CA LYS C 556 -33.63 -25.12 -21.13
C LYS C 556 -32.64 -24.29 -21.92
N THR C 557 -32.33 -23.08 -21.44
CA THR C 557 -31.49 -22.18 -22.21
C THR C 557 -30.01 -22.49 -22.01
N PHE C 558 -29.63 -22.95 -20.83
CA PHE C 558 -28.29 -23.47 -20.58
C PHE C 558 -28.40 -24.98 -20.47
N ASN C 559 -27.58 -25.69 -21.23
CA ASN C 559 -27.57 -27.15 -21.15
C ASN C 559 -27.04 -27.60 -19.80
N LEU C 560 -27.77 -27.29 -18.74
CA LEU C 560 -27.37 -27.63 -17.37
C LEU C 560 -28.62 -27.90 -16.55
N ALA C 561 -28.51 -28.87 -15.64
CA ALA C 561 -29.62 -29.20 -14.75
C ALA C 561 -29.65 -28.17 -13.62
N VAL C 562 -30.68 -27.33 -13.59
CA VAL C 562 -30.87 -26.34 -12.54
C VAL C 562 -32.22 -26.60 -11.88
N SER C 563 -32.20 -26.81 -10.57
CA SER C 563 -33.39 -27.06 -9.77
C SER C 563 -33.77 -25.83 -8.98
N PRO C 564 -35.00 -25.76 -8.47
CA PRO C 564 -35.32 -24.66 -7.54
C PRO C 564 -34.42 -24.64 -6.32
N ALA C 565 -33.93 -25.81 -5.89
CA ALA C 565 -33.01 -25.84 -4.77
C ALA C 565 -31.71 -25.13 -5.11
N ASP C 566 -31.23 -25.29 -6.34
CA ASP C 566 -30.06 -24.55 -6.78
C ASP C 566 -30.34 -23.06 -6.83
N ILE C 567 -31.57 -22.69 -7.17
CA ILE C 567 -31.95 -21.27 -7.19
C ILE C 567 -31.95 -20.70 -5.79
N PHE C 568 -32.51 -21.43 -4.83
CA PHE C 568 -32.60 -20.93 -3.47
C PHE C 568 -31.24 -20.94 -2.79
N THR C 569 -30.36 -21.85 -3.19
CA THR C 569 -29.00 -21.86 -2.67
C THR C 569 -28.13 -20.79 -3.32
N ALA C 570 -28.49 -20.34 -4.51
CA ALA C 570 -27.78 -19.23 -5.14
C ALA C 570 -28.18 -17.89 -4.51
N GLY C 571 -29.48 -17.69 -4.32
CA GLY C 571 -29.98 -16.51 -3.64
C GLY C 571 -30.11 -15.28 -4.51
N THR C 572 -29.24 -15.14 -5.51
CA THR C 572 -29.25 -13.98 -6.40
C THR C 572 -28.81 -14.41 -7.78
N ILE C 573 -28.93 -13.48 -8.73
CA ILE C 573 -28.67 -13.81 -10.13
C ILE C 573 -27.18 -14.06 -10.35
N ALA C 574 -26.34 -13.30 -9.65
CA ALA C 574 -24.89 -13.42 -9.82
C ALA C 574 -24.39 -14.81 -9.41
N ALA C 575 -24.91 -15.34 -8.29
CA ALA C 575 -24.50 -16.67 -7.87
C ALA C 575 -24.94 -17.72 -8.89
N LEU C 576 -26.11 -17.52 -9.50
CA LEU C 576 -26.57 -18.43 -10.54
C LEU C 576 -25.63 -18.42 -11.72
N ALA C 577 -25.22 -17.22 -12.15
CA ALA C 577 -24.29 -17.11 -13.26
C ALA C 577 -22.96 -17.78 -12.94
N GLN C 578 -22.47 -17.61 -11.71
CA GLN C 578 -21.20 -18.21 -11.31
C GLN C 578 -21.28 -19.74 -11.38
N THR C 579 -22.35 -20.32 -10.84
CA THR C 579 -22.52 -21.77 -10.87
C THR C 579 -22.71 -22.28 -12.29
N ILE C 580 -23.33 -21.47 -13.15
CA ILE C 580 -23.52 -21.86 -14.55
C ILE C 580 -22.18 -21.95 -15.27
N ARG C 581 -21.34 -20.91 -15.13
CA ARG C 581 -20.03 -20.96 -15.76
C ARG C 581 -19.13 -22.04 -15.16
N GLN C 582 -19.34 -22.39 -13.90
CA GLN C 582 -18.55 -23.42 -13.26
C GLN C 582 -18.93 -24.80 -13.79
N TYR D 8 79.54 49.96 -3.31
CA TYR D 8 78.41 50.74 -2.80
C TYR D 8 78.81 51.57 -1.60
N VAL D 9 78.35 52.83 -1.58
CA VAL D 9 78.70 53.76 -0.51
C VAL D 9 77.72 53.68 0.65
N TYR D 10 76.57 53.05 0.47
CA TYR D 10 75.57 52.94 1.50
C TYR D 10 75.17 51.48 1.66
N GLN D 11 74.51 51.18 2.77
CA GLN D 11 73.94 49.88 3.01
C GLN D 11 72.61 50.02 3.75
N LEU D 12 71.79 48.97 3.67
CA LEU D 12 70.54 48.97 4.41
C LEU D 12 70.78 49.03 5.91
N LYS D 13 69.92 49.75 6.61
CA LYS D 13 69.90 49.65 8.06
C LYS D 13 69.36 48.29 8.47
N ALA D 14 69.67 47.92 9.70
CA ALA D 14 69.13 46.68 10.25
C ALA D 14 67.66 46.85 10.60
N VAL D 15 66.98 45.73 10.73
CA VAL D 15 65.54 45.69 11.02
C VAL D 15 65.19 46.52 12.24
N PRO D 16 65.95 46.45 13.35
CA PRO D 16 65.59 47.29 14.51
C PRO D 16 65.66 48.78 14.21
N ASP D 17 66.65 49.21 13.43
CA ASP D 17 66.82 50.63 13.14
C ASP D 17 65.73 51.15 12.20
N ILE D 18 65.31 50.34 11.23
CA ILE D 18 64.20 50.76 10.38
C ILE D 18 62.93 50.86 11.20
N PHE D 19 62.68 49.90 12.09
CA PHE D 19 61.51 49.96 12.94
C PHE D 19 61.56 51.17 13.86
N ASP D 20 62.74 51.48 14.38
CA ASP D 20 62.87 52.65 15.25
C ASP D 20 62.61 53.93 14.48
N GLU D 21 63.04 53.99 13.23
CA GLU D 21 62.74 55.15 12.40
C GLU D 21 61.26 55.21 12.08
N ILE D 22 60.65 54.06 11.79
CA ILE D 22 59.23 53.99 11.45
C ILE D 22 58.35 54.40 12.62
N SER D 23 58.61 53.82 13.79
CA SER D 23 57.77 54.06 14.95
C SER D 23 57.88 55.48 15.46
N GLN D 24 58.93 56.20 15.11
CA GLN D 24 58.99 57.62 15.38
C GLN D 24 58.25 58.44 14.34
N ARG D 25 58.14 57.95 13.10
CA ARG D 25 57.40 58.66 12.07
C ARG D 25 55.91 58.41 12.10
N PHE D 26 55.46 57.28 12.65
CA PHE D 26 54.04 56.92 12.63
C PHE D 26 53.62 56.37 13.99
N PRO D 27 53.79 57.16 15.06
CA PRO D 27 53.63 56.60 16.40
C PRO D 27 52.21 56.16 16.72
N ASP D 28 51.21 56.90 16.26
CA ASP D 28 49.83 56.64 16.62
C ASP D 28 49.06 55.85 15.57
N ARG D 29 49.76 55.17 14.67
CA ARG D 29 49.12 54.27 13.73
C ARG D 29 49.04 52.87 14.32
N VAL D 30 48.01 52.13 13.92
CA VAL D 30 47.85 50.77 14.41
C VAL D 30 48.90 49.88 13.76
N ALA D 31 49.72 49.23 14.59
CA ALA D 31 50.74 48.31 14.14
C ALA D 31 50.31 46.86 14.20
N LEU D 32 49.67 46.45 15.29
CA LEU D 32 49.22 45.09 15.46
C LEU D 32 47.73 45.06 15.77
N ILE D 33 47.03 44.09 15.18
CA ILE D 33 45.66 43.77 15.54
C ILE D 33 45.59 42.29 15.83
N PHE D 34 45.08 41.94 17.01
CA PHE D 34 44.81 40.57 17.38
C PHE D 34 43.42 40.51 18.00
N ASP D 35 42.56 39.66 17.44
CA ASP D 35 41.14 39.69 17.73
C ASP D 35 40.61 41.11 17.63
N GLN D 36 40.11 41.64 18.74
CA GLN D 36 39.62 43.02 18.77
C GLN D 36 40.65 44.02 19.29
N ARG D 37 41.80 43.55 19.75
CA ARG D 37 42.79 44.44 20.35
C ARG D 37 43.66 45.08 19.28
N LYS D 38 43.71 46.41 19.28
CA LYS D 38 44.57 47.18 18.41
C LYS D 38 45.71 47.80 19.20
N ILE D 39 46.93 47.65 18.70
CA ILE D 39 48.14 48.15 19.33
C ILE D 39 48.80 49.15 18.40
N THR D 40 49.18 50.30 18.94
CA THR D 40 49.81 51.35 18.15
C THR D 40 51.31 51.13 18.06
N TYR D 41 51.95 51.89 17.17
CA TYR D 41 53.40 51.79 17.04
C TYR D 41 54.10 52.31 18.28
N ARG D 42 53.56 53.37 18.88
CA ARG D 42 54.10 53.86 20.14
C ARG D 42 53.99 52.80 21.23
N GLU D 43 52.82 52.19 21.37
CA GLU D 43 52.62 51.14 22.36
C GLU D 43 53.53 49.95 22.08
N LEU D 44 53.61 49.55 20.82
CA LEU D 44 54.47 48.43 20.44
C LEU D 44 55.94 48.75 20.73
N ALA D 45 56.36 49.97 20.45
CA ALA D 45 57.75 50.37 20.70
C ALA D 45 58.07 50.33 22.19
N GLU D 46 57.15 50.77 23.04
CA GLU D 46 57.38 50.72 24.48
C GLU D 46 57.64 49.30 24.95
N GLN D 47 56.76 48.36 24.60
CA GLN D 47 56.93 46.99 25.05
C GLN D 47 58.17 46.34 24.45
N CYS D 48 58.47 46.64 23.19
CA CYS D 48 59.66 46.08 22.58
C CYS D 48 60.93 46.53 23.32
N SER D 49 61.00 47.81 23.67
CA SER D 49 62.19 48.30 24.36
C SER D 49 62.28 47.73 25.77
N ALA D 50 61.16 47.64 26.48
CA ALA D 50 61.16 47.04 27.80
C ALA D 50 61.62 45.58 27.75
N LEU D 51 61.08 44.82 26.81
CA LEU D 51 61.44 43.42 26.70
C LEU D 51 62.89 43.26 26.26
N ALA D 52 63.38 44.17 25.43
CA ALA D 52 64.78 44.12 25.02
C ALA D 52 65.72 44.31 26.21
N ALA D 53 65.37 45.23 27.12
CA ALA D 53 66.17 45.40 28.33
C ALA D 53 66.18 44.13 29.17
N VAL D 54 65.03 43.47 29.30
CA VAL D 54 64.96 42.24 30.07
C VAL D 54 65.81 41.16 29.43
N LEU D 55 65.75 41.04 28.11
CA LEU D 55 66.55 40.03 27.42
C LEU D 55 68.03 40.30 27.59
N GLN D 56 68.43 41.57 27.61
CA GLN D 56 69.83 41.89 27.87
C GLN D 56 70.24 41.51 29.28
N ASN D 57 69.36 41.74 30.26
CA ASN D 57 69.67 41.38 31.63
C ASN D 57 69.88 39.88 31.80
N ASN D 58 69.21 39.08 30.99
CA ASN D 58 69.43 37.64 30.98
C ASN D 58 70.60 37.23 30.12
N CYS D 59 71.47 38.18 29.77
CA CYS D 59 72.75 37.95 29.14
C CYS D 59 72.64 37.43 27.71
N LEU D 60 71.54 37.72 27.04
CA LEU D 60 71.46 37.51 25.60
C LEU D 60 72.19 38.65 24.90
N ILE D 61 73.11 38.31 24.02
CA ILE D 61 73.96 39.30 23.37
C ILE D 61 73.99 39.04 21.87
N LYS D 62 74.53 40.00 21.14
CA LYS D 62 74.63 39.92 19.69
C LYS D 62 75.29 38.63 19.23
N GLY D 63 74.63 37.95 18.30
CA GLY D 63 75.12 36.72 17.75
C GLY D 63 74.64 35.46 18.44
N ASP D 64 73.96 35.58 19.57
CA ASP D 64 73.39 34.41 20.23
C ASP D 64 72.24 33.84 19.41
N ILE D 65 72.23 32.52 19.28
CA ILE D 65 71.17 31.82 18.56
C ILE D 65 70.02 31.58 19.54
N VAL D 66 68.93 32.32 19.37
CA VAL D 66 67.77 32.26 20.25
C VAL D 66 66.59 31.76 19.44
N ALA D 67 66.01 30.64 19.85
CA ALA D 67 64.80 30.12 19.23
C ALA D 67 63.55 30.68 19.91
N ILE D 68 62.50 30.86 19.10
CA ILE D 68 61.17 31.24 19.57
C ILE D 68 60.17 30.19 19.14
N LYS D 69 59.38 29.73 20.11
CA LYS D 69 58.25 28.83 19.89
C LYS D 69 57.08 29.47 20.65
N ILE D 70 56.44 30.45 20.01
CA ILE D 70 55.32 31.19 20.57
C ILE D 70 54.20 31.21 19.56
N GLU D 71 52.98 30.99 20.02
CA GLU D 71 51.81 31.04 19.17
C GLU D 71 51.59 32.44 18.62
N ARG D 72 50.88 32.50 17.49
CA ARG D 72 50.48 33.77 16.91
C ARG D 72 49.76 34.62 17.93
N SER D 73 50.35 35.74 18.27
CA SER D 73 49.88 36.62 19.32
C SER D 73 50.68 37.91 19.22
N PRO D 74 50.24 38.99 19.86
CA PRO D 74 51.08 40.18 19.91
C PRO D 74 52.45 39.92 20.51
N GLU D 75 52.51 39.04 21.50
CA GLU D 75 53.76 38.76 22.20
C GLU D 75 54.81 38.18 21.26
N LEU D 76 54.38 37.42 20.25
CA LEU D 76 55.32 36.82 19.30
C LEU D 76 56.10 37.90 18.56
N TYR D 77 55.41 38.91 18.05
CA TYR D 77 56.07 39.96 17.30
C TYR D 77 56.83 40.92 18.20
N ILE D 78 56.39 41.11 19.44
CA ILE D 78 57.19 41.86 20.39
C ILE D 78 58.52 41.16 20.63
N PHE D 79 58.49 39.84 20.78
CA PHE D 79 59.72 39.07 20.98
C PHE D 79 60.60 39.11 19.74
N MET D 80 60.00 39.01 18.55
CA MET D 80 60.78 39.09 17.32
C MET D 80 61.52 40.42 17.25
N LEU D 81 60.81 41.51 17.48
CA LEU D 81 61.43 42.83 17.43
C LEU D 81 62.49 42.99 18.51
N ALA D 82 62.22 42.49 19.71
CA ALA D 82 63.17 42.61 20.82
C ALA D 82 64.44 41.83 20.56
N LEU D 83 64.31 40.60 20.05
CA LEU D 83 65.50 39.82 19.73
C LEU D 83 66.32 40.46 18.62
N MET D 84 65.65 41.05 17.64
CA MET D 84 66.36 41.82 16.62
C MET D 84 67.17 42.94 17.25
N LYS D 85 66.56 43.69 18.16
CA LYS D 85 67.24 44.85 18.73
C LYS D 85 68.53 44.46 19.45
N ILE D 86 68.50 43.35 20.20
CA ILE D 86 69.68 42.94 20.95
C ILE D 86 70.68 42.17 20.11
N GLY D 87 70.42 42.00 18.82
CA GLY D 87 71.36 41.36 17.93
C GLY D 87 71.37 39.85 17.97
N ALA D 88 70.35 39.23 18.55
CA ALA D 88 70.26 37.78 18.52
C ALA D 88 69.91 37.30 17.13
N VAL D 89 70.08 35.99 16.91
CA VAL D 89 69.73 35.34 15.66
C VAL D 89 68.55 34.42 15.93
N MET D 90 67.42 34.72 15.31
CA MET D 90 66.18 34.00 15.59
C MET D 90 66.18 32.62 14.93
N VAL D 91 65.58 31.66 15.63
CA VAL D 91 65.21 30.37 15.04
C VAL D 91 63.73 30.18 15.33
N PRO D 92 62.84 30.63 14.46
CA PRO D 92 61.41 30.47 14.71
C PRO D 92 60.96 29.02 14.56
N VAL D 93 60.21 28.55 15.54
CA VAL D 93 59.71 27.18 15.57
C VAL D 93 58.19 27.22 15.47
N ASN D 94 57.64 26.36 14.61
CA ASN D 94 56.19 26.22 14.52
C ASN D 94 55.65 25.71 15.85
N SER D 95 54.64 26.40 16.38
CA SER D 95 54.15 26.08 17.71
C SER D 95 53.42 24.75 17.78
N ASN D 96 52.96 24.23 16.64
CA ASN D 96 52.33 22.91 16.59
C ASN D 96 53.32 21.81 16.22
N SER D 97 54.60 22.12 16.13
CA SER D 97 55.60 21.11 15.79
C SER D 97 55.78 20.13 16.94
N PRO D 98 55.97 18.85 16.65
CA PRO D 98 56.26 17.88 17.70
C PRO D 98 57.67 18.06 18.23
N GLU D 99 57.85 17.72 19.51
CA GLU D 99 59.09 18.07 20.18
C GLU D 99 60.29 17.31 19.64
N ARG D 100 60.08 16.17 18.98
CA ARG D 100 61.21 15.51 18.34
C ARG D 100 61.75 16.33 17.18
N TYR D 101 60.86 16.91 16.39
CA TYR D 101 61.32 17.81 15.32
C TYR D 101 61.91 19.08 15.89
N ILE D 102 61.35 19.59 16.98
CA ILE D 102 61.90 20.76 17.64
C ILE D 102 63.32 20.48 18.12
N GLY D 103 63.55 19.30 18.69
CA GLY D 103 64.89 18.97 19.14
C GLY D 103 65.90 18.94 18.00
N GLU D 104 65.54 18.32 16.89
CA GLU D 104 66.45 18.26 15.76
C GLU D 104 66.67 19.64 15.15
N VAL D 105 65.65 20.49 15.15
CA VAL D 105 65.81 21.85 14.63
C VAL D 105 66.81 22.64 15.47
N LEU D 106 66.64 22.59 16.79
CA LEU D 106 67.55 23.31 17.68
C LEU D 106 68.98 22.80 17.59
N SER D 107 69.14 21.49 17.36
CA SER D 107 70.50 20.97 17.19
C SER D 107 71.11 21.45 15.89
N ALA D 108 70.33 21.48 14.81
CA ALA D 108 70.86 21.94 13.53
C ALA D 108 71.17 23.42 13.56
N ALA D 109 70.40 24.20 14.31
CA ALA D 109 70.66 25.63 14.41
C ALA D 109 71.80 25.94 15.36
N GLY D 110 72.05 25.08 16.33
CA GLY D 110 72.99 25.40 17.38
C GLY D 110 72.43 26.39 18.38
N ALA D 111 71.14 26.29 18.68
CA ALA D 111 70.50 27.24 19.58
C ALA D 111 71.04 27.09 20.99
N ARG D 112 71.39 28.23 21.60
CA ARG D 112 71.79 28.26 22.99
C ARG D 112 70.65 28.58 23.93
N TYR D 113 69.60 29.23 23.44
CA TYR D 113 68.43 29.58 24.23
C TYR D 113 67.17 29.20 23.47
N LEU D 114 66.09 28.95 24.21
CA LEU D 114 64.79 28.68 23.59
C LEU D 114 63.71 29.37 24.40
N ILE D 115 63.02 30.32 23.77
CA ILE D 115 61.94 31.08 24.41
C ILE D 115 60.62 30.53 23.93
N SER D 116 59.76 30.10 24.86
CA SER D 116 58.51 29.47 24.51
C SER D 116 57.40 29.97 25.42
N ASP D 117 56.20 30.07 24.87
CA ASP D 117 55.02 30.34 25.68
C ASP D 117 54.42 29.08 26.26
N ASP D 118 55.04 27.92 26.03
CA ASP D 118 54.59 26.66 26.61
C ASP D 118 55.84 25.82 26.83
N VAL D 119 56.35 25.84 28.06
CA VAL D 119 57.57 25.12 28.39
C VAL D 119 57.38 23.61 28.40
N THR D 120 56.14 23.14 28.54
CA THR D 120 55.93 21.71 28.59
C THR D 120 56.01 21.06 27.21
N SER D 121 55.77 21.82 26.15
CA SER D 121 55.72 21.28 24.80
C SER D 121 57.05 21.36 24.07
N VAL D 122 58.16 21.52 24.79
CA VAL D 122 59.46 21.68 24.15
C VAL D 122 60.42 20.62 24.71
N PRO D 123 61.41 20.20 23.95
CA PRO D 123 62.36 19.19 24.44
C PRO D 123 63.54 19.82 25.17
N GLY D 124 64.15 19.01 26.02
CA GLY D 124 65.38 19.42 26.68
C GLY D 124 66.61 19.17 25.84
N GLY D 125 67.66 19.92 26.14
CA GLY D 125 68.90 19.75 25.39
C GLY D 125 69.91 20.80 25.78
N ALA D 126 70.81 21.09 24.85
CA ALA D 126 71.90 22.04 25.04
C ALA D 126 71.43 23.47 25.12
N TRP D 127 70.13 23.72 25.10
CA TRP D 127 69.57 25.05 25.10
C TRP D 127 68.96 25.40 26.45
N HIS D 128 69.03 26.68 26.80
CA HIS D 128 68.32 27.20 27.95
C HIS D 128 66.89 27.54 27.57
N VAL D 129 65.93 27.04 28.34
CA VAL D 129 64.51 27.28 28.10
C VAL D 129 64.06 28.45 28.96
N LEU D 130 63.28 29.35 28.37
CA LEU D 130 62.79 30.53 29.05
C LEU D 130 61.31 30.70 28.77
N SER D 131 60.55 31.00 29.82
CA SER D 131 59.12 31.25 29.68
C SER D 131 58.87 32.64 29.12
N SER D 132 58.10 32.70 28.03
CA SER D 132 57.66 33.99 27.49
C SER D 132 56.98 34.84 28.55
N ARG D 133 56.06 34.22 29.31
CA ARG D 133 55.28 34.98 30.29
C ARG D 133 56.16 35.49 31.42
N THR D 134 57.10 34.67 31.89
CA THR D 134 58.03 35.09 32.92
C THR D 134 58.84 36.30 32.48
N LEU D 135 59.34 36.29 31.25
CA LEU D 135 60.14 37.41 30.76
C LEU D 135 59.30 38.65 30.60
N ILE D 136 58.04 38.51 30.19
CA ILE D 136 57.17 39.67 30.07
C ILE D 136 56.89 40.28 31.43
N GLN D 137 56.66 39.45 32.45
CA GLN D 137 56.41 39.98 33.78
C GLN D 137 57.61 40.74 34.32
N ASN D 138 58.80 40.32 33.92
CA ASN D 138 60.03 40.94 34.42
C ASN D 138 60.26 42.32 33.83
N CYS D 139 59.46 42.74 32.86
CA CYS D 139 59.60 44.05 32.25
C CYS D 139 59.28 45.12 33.27
N THR D 140 60.32 45.77 33.80
CA THR D 140 60.08 46.86 34.73
C THR D 140 60.00 48.19 33.96
N GLN D 141 60.32 49.29 34.64
CA GLN D 141 60.20 50.62 34.08
C GLN D 141 61.47 51.10 33.40
N GLN D 142 62.53 50.32 33.41
CA GLN D 142 63.79 50.71 32.81
C GLN D 142 63.92 50.28 31.36
N ARG D 143 64.56 51.17 30.61
CA ARG D 143 64.90 51.02 29.17
C ARG D 143 66.36 51.44 29.03
N SER D 144 67.10 50.84 28.09
CA SER D 144 68.55 51.10 27.94
C SER D 144 68.89 52.15 26.90
N GLY D 145 70.15 52.60 26.94
CA GLY D 145 70.72 53.57 25.99
C GLY D 145 71.96 52.96 25.35
N ASN D 146 71.87 51.68 25.00
CA ASN D 146 73.00 50.96 24.37
C ASN D 146 72.52 49.66 23.72
N TYR D 147 72.22 49.70 22.42
CA TYR D 147 71.84 48.49 21.65
C TYR D 147 72.96 48.26 20.63
N PRO D 148 73.48 47.03 20.49
CA PRO D 148 74.61 46.76 19.60
C PRO D 148 74.45 47.26 18.15
N VAL D 149 75.53 47.76 17.57
CA VAL D 149 75.53 48.17 16.18
C VAL D 149 75.37 46.94 15.29
N LEU D 150 74.31 46.91 14.50
CA LEU D 150 74.02 45.80 13.62
C LEU D 150 74.21 46.25 12.19
N SER D 151 74.92 45.43 11.41
CA SER D 151 75.15 45.69 10.01
C SER D 151 74.17 44.92 9.14
N ALA D 152 74.04 45.38 7.90
CA ALA D 152 73.17 44.69 6.94
C ALA D 152 73.56 43.23 6.76
N ASP D 153 74.84 42.94 6.80
CA ASP D 153 75.31 41.57 6.59
C ASP D 153 75.36 40.74 7.86
N ASP D 154 75.01 41.32 9.00
CA ASP D 154 74.92 40.53 10.22
C ASP D 154 73.74 39.56 10.13
N PRO D 155 73.87 38.37 10.71
CA PRO D 155 72.76 37.42 10.68
C PRO D 155 71.59 37.89 11.52
N ALA D 156 70.39 37.58 11.05
CA ALA D 156 69.15 37.94 11.72
C ALA D 156 68.32 36.74 12.13
N LEU D 157 68.22 35.72 11.29
CA LEU D 157 67.42 34.56 11.66
C LEU D 157 67.91 33.34 10.88
N ILE D 158 67.52 32.18 11.39
CA ILE D 158 67.85 30.90 10.80
C ILE D 158 66.57 30.18 10.39
N LEU D 159 66.52 29.70 9.16
CA LEU D 159 65.40 28.91 8.67
C LEU D 159 65.88 27.51 8.31
N MET D 160 64.96 26.57 8.30
CA MET D 160 65.26 25.18 8.04
C MET D 160 64.70 24.71 6.71
N THR D 161 65.50 23.93 6.00
CA THR D 161 65.07 23.18 4.83
C THR D 161 65.61 21.76 4.98
N SER D 162 64.95 20.82 4.30
CA SER D 162 65.40 19.43 4.32
C SER D 162 66.24 19.15 3.08
N GLY D 163 67.42 18.57 3.30
CA GLY D 163 68.31 18.25 2.20
C GLY D 163 68.55 16.77 2.03
N SER D 164 68.75 16.05 3.14
CA SER D 164 68.95 14.62 3.09
C SER D 164 68.76 14.04 4.48
N THR D 165 68.50 12.73 4.52
CA THR D 165 68.40 11.93 5.74
C THR D 165 67.30 12.41 6.69
N GLY D 166 66.45 13.33 6.25
CA GLY D 166 65.40 13.84 7.11
C GLY D 166 65.88 14.77 8.20
N LYS D 167 67.13 15.18 8.15
CA LYS D 167 67.67 16.10 9.14
C LYS D 167 67.71 17.50 8.55
N PRO D 168 67.28 18.50 9.31
CA PRO D 168 67.13 19.84 8.74
C PRO D 168 68.47 20.46 8.39
N LYS D 169 68.48 21.18 7.29
CA LYS D 169 69.62 22.02 6.90
C LYS D 169 69.31 23.45 7.33
N SER D 170 70.32 24.15 7.81
CA SER D 170 70.15 25.49 8.32
C SER D 170 70.41 26.51 7.22
N VAL D 171 69.48 27.43 7.04
CA VAL D 171 69.63 28.57 6.13
C VAL D 171 69.86 29.81 6.98
N LEU D 172 70.94 30.51 6.72
CA LEU D 172 71.31 31.68 7.52
C LEU D 172 70.93 32.94 6.76
N ILE D 173 70.06 33.75 7.35
CA ILE D 173 69.49 34.91 6.71
C ILE D 173 70.15 36.16 7.29
N ALA D 174 70.58 37.05 6.41
CA ALA D 174 71.16 38.30 6.86
C ALA D 174 70.06 39.28 7.24
N HIS D 175 70.45 40.35 7.94
CA HIS D 175 69.50 41.40 8.26
C HIS D 175 68.95 42.03 6.99
N ARG D 176 69.82 42.34 6.03
CA ARG D 176 69.40 42.93 4.76
C ARG D 176 68.32 42.13 4.06
N GLY D 177 68.34 40.80 4.20
CA GLY D 177 67.44 39.97 3.43
C GLY D 177 65.99 40.21 3.75
N ILE D 178 65.69 40.63 4.98
CA ILE D 178 64.35 41.02 5.36
C ILE D 178 64.21 42.53 5.51
N ALA D 179 65.30 43.24 5.80
CA ALA D 179 65.23 44.70 5.86
C ALA D 179 64.83 45.32 4.52
N ARG D 180 65.10 44.63 3.41
CA ARG D 180 64.68 45.13 2.12
C ARG D 180 63.17 45.27 2.00
N LEU D 181 62.41 44.55 2.83
CA LEU D 181 60.96 44.65 2.79
C LEU D 181 60.46 45.98 3.33
N GLY D 182 61.35 46.82 3.86
CA GLY D 182 60.98 48.15 4.27
C GLY D 182 61.00 49.17 3.15
N LEU D 183 61.41 48.78 1.97
CA LEU D 183 61.35 49.60 0.77
C LEU D 183 60.03 49.36 0.06
N PRO D 184 59.28 50.42 -0.26
CA PRO D 184 58.04 50.24 -1.01
C PRO D 184 58.29 49.54 -2.35
N VAL D 185 57.41 48.61 -2.67
CA VAL D 185 57.49 47.84 -3.90
C VAL D 185 56.65 48.57 -4.96
N PRO D 186 57.25 49.08 -6.03
CA PRO D 186 56.48 49.88 -6.99
C PRO D 186 55.30 49.15 -7.60
N ALA D 187 55.37 47.83 -7.72
CA ALA D 187 54.24 47.08 -8.25
C ALA D 187 53.06 47.10 -7.30
N LEU D 188 53.31 47.13 -6.00
CA LEU D 188 52.25 47.11 -5.01
C LEU D 188 51.78 48.50 -4.61
N GLY D 189 52.65 49.50 -4.68
CA GLY D 189 52.31 50.81 -4.17
C GLY D 189 52.02 50.79 -2.69
N ASN D 190 52.74 49.95 -1.95
CA ASN D 190 52.48 49.81 -0.53
C ASN D 190 53.03 50.99 0.25
N SER D 191 52.50 51.17 1.45
CA SER D 191 52.80 52.34 2.26
C SER D 191 52.35 52.05 3.69
N GLU D 192 52.43 53.06 4.54
CA GLU D 192 51.87 52.97 5.88
C GLU D 192 50.36 52.83 5.89
N ARG D 193 49.69 53.20 4.81
CA ARG D 193 48.23 53.13 4.75
C ARG D 193 47.69 51.73 4.56
N ASP D 194 48.54 50.73 4.40
CA ASP D 194 48.10 49.38 4.10
C ASP D 194 47.94 48.54 5.36
N CYS D 195 47.34 47.36 5.19
CA CYS D 195 47.15 46.40 6.27
C CYS D 195 47.43 45.01 5.72
N TYR D 196 48.19 44.23 6.46
CA TYR D 196 48.63 42.91 6.04
C TYR D 196 48.05 41.87 6.99
N LEU D 197 47.63 40.74 6.43
CA LEU D 197 47.18 39.61 7.22
C LEU D 197 48.30 38.60 7.40
N GLN D 198 48.60 38.29 8.65
CA GLN D 198 49.56 37.25 9.00
C GLN D 198 48.85 35.90 9.08
N ILE D 199 49.26 34.98 8.21
CA ILE D 199 48.67 33.64 8.23
C ILE D 199 49.77 32.61 7.97
N ALA D 200 50.86 33.03 7.33
CA ALA D 200 51.98 32.12 7.17
C ALA D 200 52.65 31.85 8.50
N ASP D 201 53.26 30.66 8.60
CA ASP D 201 53.92 30.26 9.84
C ASP D 201 55.33 30.83 9.92
N ILE D 202 55.74 31.14 11.15
CA ILE D 202 57.02 31.82 11.36
C ILE D 202 58.20 30.96 10.98
N SER D 203 58.04 29.64 10.91
CA SER D 203 59.14 28.78 10.50
C SER D 203 59.45 28.91 9.01
N PHE D 204 58.63 29.63 8.26
CA PHE D 204 58.80 29.81 6.83
C PHE D 204 59.17 31.24 6.50
N ALA D 205 59.98 31.40 5.45
CA ALA D 205 60.29 32.73 4.94
C ALA D 205 59.05 33.47 4.51
N ALA D 206 58.00 32.75 4.11
CA ALA D 206 56.77 33.37 3.63
C ALA D 206 56.20 34.35 4.64
N SER D 207 56.38 34.10 5.93
CA SER D 207 55.83 34.97 6.95
C SER D 207 56.49 36.34 6.94
N ALA D 208 57.73 36.44 6.45
CA ALA D 208 58.39 37.73 6.38
C ALA D 208 57.59 38.72 5.55
N ASN D 209 57.10 38.26 4.39
CA ASN D 209 56.28 39.11 3.52
C ASN D 209 55.18 39.80 4.31
N GLU D 210 54.62 39.11 5.30
CA GLU D 210 53.54 39.63 6.11
C GLU D 210 54.05 40.45 7.28
N ILE D 211 55.09 39.97 7.95
CA ILE D 211 55.56 40.63 9.16
C ILE D 211 56.30 41.92 8.80
N TRP D 212 57.40 41.78 8.08
CA TRP D 212 58.35 42.88 7.95
C TRP D 212 57.86 43.95 6.98
N MET D 213 57.28 43.54 5.85
CA MET D 213 56.62 44.51 4.97
C MET D 213 55.60 45.35 5.71
N ALA D 214 54.97 44.78 6.74
CA ALA D 214 54.09 45.56 7.60
C ALA D 214 54.88 46.49 8.50
N LEU D 215 55.72 45.91 9.36
CA LEU D 215 56.29 46.67 10.47
C LEU D 215 57.35 47.66 10.02
N LEU D 216 57.93 47.48 8.85
CA LEU D 216 59.01 48.34 8.39
C LEU D 216 58.53 49.42 7.44
N THR D 217 57.24 49.48 7.14
CA THR D 217 56.67 50.56 6.35
C THR D 217 55.66 51.40 7.11
N GLY D 218 55.38 51.07 8.36
CA GLY D 218 54.37 51.78 9.11
C GLY D 218 52.96 51.27 8.94
N ALA D 219 52.79 50.13 8.28
CA ALA D 219 51.47 49.59 8.02
C ALA D 219 50.98 48.77 9.21
N CYS D 220 49.77 48.26 9.10
CA CYS D 220 49.14 47.47 10.15
C CYS D 220 49.23 45.99 9.82
N LEU D 221 49.45 45.18 10.85
CA LEU D 221 49.48 43.73 10.74
C LEU D 221 48.36 43.15 11.59
N THR D 222 47.38 42.52 10.96
CA THR D 222 46.32 41.82 11.67
C THR D 222 46.69 40.34 11.74
N ILE D 223 46.55 39.78 12.93
CA ILE D 223 47.16 38.50 13.28
C ILE D 223 46.06 37.44 13.32
N ALA D 224 46.18 36.42 12.48
CA ALA D 224 45.24 35.32 12.50
C ALA D 224 45.46 34.47 13.75
N PRO D 225 44.41 33.91 14.31
CA PRO D 225 44.56 33.06 15.51
C PRO D 225 45.42 31.85 15.22
N PRO D 226 46.01 31.25 16.25
CA PRO D 226 46.82 30.05 16.04
C PRO D 226 46.01 28.91 15.46
N GLY D 227 46.72 27.92 14.93
CA GLY D 227 46.11 26.76 14.35
C GLY D 227 45.99 26.86 12.84
N LEU D 228 45.15 26.00 12.29
CA LEU D 228 44.95 25.97 10.86
C LEU D 228 44.20 27.21 10.40
N PRO D 229 44.50 27.70 9.21
CA PRO D 229 43.67 28.73 8.57
C PRO D 229 42.25 28.24 8.35
N ASP D 230 41.30 29.14 8.58
CA ASP D 230 39.89 28.88 8.36
C ASP D 230 39.39 29.96 7.39
N LEU D 231 39.00 29.54 6.19
CA LEU D 231 38.65 30.50 5.14
C LEU D 231 37.58 31.46 5.59
N MET D 232 36.66 31.02 6.45
CA MET D 232 35.61 31.91 6.94
C MET D 232 36.17 32.85 8.00
N ALA D 233 37.04 32.35 8.88
CA ALA D 233 37.71 33.23 9.81
C ALA D 233 38.61 34.21 9.06
N LEU D 234 39.27 33.74 8.01
CA LEU D 234 40.10 34.64 7.20
C LEU D 234 39.27 35.69 6.49
N ALA D 235 38.12 35.28 5.95
CA ALA D 235 37.23 36.24 5.31
C ALA D 235 36.72 37.25 6.31
N ARG D 236 36.28 36.79 7.48
CA ARG D 236 35.82 37.71 8.51
C ARG D 236 36.93 38.66 8.92
N GLN D 237 38.16 38.14 9.02
CA GLN D 237 39.30 38.95 9.42
C GLN D 237 39.70 39.94 8.33
N ILE D 238 39.73 39.49 7.08
CA ILE D 238 40.08 40.38 5.97
C ILE D 238 39.11 41.54 5.88
N GLU D 239 37.82 41.26 6.00
CA GLU D 239 36.82 42.32 5.92
C GLU D 239 36.83 43.18 7.17
N SER D 240 36.87 42.55 8.35
CA SER D 240 36.77 43.30 9.59
C SER D 240 37.95 44.26 9.76
N ASP D 241 39.15 43.80 9.43
CA ASP D 241 40.35 44.60 9.62
C ASP D 241 40.81 45.29 8.35
N ASN D 242 40.02 45.22 7.29
CA ASN D 242 40.26 45.95 6.05
C ASN D 242 41.66 45.69 5.53
N VAL D 243 41.99 44.40 5.39
CA VAL D 243 43.26 44.00 4.81
C VAL D 243 43.37 44.55 3.40
N THR D 244 44.52 45.13 3.07
CA THR D 244 44.75 45.66 1.74
C THR D 244 45.80 44.90 0.95
N MET D 245 46.73 44.22 1.63
CA MET D 245 47.75 43.39 0.99
C MET D 245 47.63 41.98 1.54
N LEU D 246 47.29 41.04 0.66
CA LEU D 246 47.01 39.67 1.06
C LEU D 246 48.00 38.77 0.34
N PHE D 247 48.78 38.03 1.12
CA PHE D 247 49.71 37.05 0.58
C PHE D 247 49.13 35.68 0.81
N LEU D 248 49.05 34.87 -0.23
CA LEU D 248 48.57 33.51 0.03
C LEU D 248 49.38 32.52 -0.79
N SER D 249 49.36 31.25 -0.38
CA SER D 249 49.99 30.16 -1.12
C SER D 249 49.30 29.93 -2.44
N GLY D 250 49.73 28.88 -3.15
CA GLY D 250 48.91 28.47 -4.29
C GLY D 250 47.69 27.72 -3.89
N GLY D 251 47.80 26.91 -2.86
CA GLY D 251 46.67 26.10 -2.40
C GLY D 251 45.58 26.96 -1.78
N LEU D 252 45.97 27.85 -0.88
CA LEU D 252 45.01 28.69 -0.20
C LEU D 252 44.35 29.67 -1.16
N PHE D 253 45.09 30.14 -2.17
CA PHE D 253 44.49 30.97 -3.21
C PHE D 253 43.42 30.22 -3.99
N ARG D 254 43.71 28.98 -4.39
CA ARG D 254 42.72 28.16 -5.07
C ARG D 254 41.50 27.95 -4.20
N LEU D 255 41.70 27.74 -2.90
CA LEU D 255 40.57 27.54 -1.99
C LEU D 255 39.67 28.77 -1.96
N PHE D 256 40.27 29.96 -1.88
CA PHE D 256 39.47 31.19 -1.90
C PHE D 256 38.73 31.36 -3.22
N VAL D 257 39.40 31.06 -4.33
CA VAL D 257 38.79 31.23 -5.65
C VAL D 257 37.61 30.28 -5.82
N GLU D 258 37.76 29.05 -5.36
CA GLU D 258 36.71 28.06 -5.57
C GLU D 258 35.56 28.24 -4.59
N VAL D 259 35.80 28.83 -3.42
CA VAL D 259 34.79 28.87 -2.39
C VAL D 259 34.31 30.29 -2.06
N SER D 260 35.18 31.27 -2.17
CA SER D 260 34.82 32.63 -1.76
C SER D 260 35.64 33.66 -2.53
N VAL D 261 35.50 33.66 -3.85
CA VAL D 261 36.35 34.50 -4.71
C VAL D 261 36.15 35.98 -4.42
N GLU D 262 34.95 36.37 -4.00
CA GLU D 262 34.71 37.78 -3.72
C GLU D 262 35.57 38.29 -2.57
N THR D 263 36.02 37.41 -1.68
CA THR D 263 36.89 37.83 -0.59
C THR D 263 38.20 38.41 -1.11
N LEU D 264 38.70 37.86 -2.21
CA LEU D 264 39.98 38.25 -2.79
C LEU D 264 39.98 39.67 -3.32
N HIS D 265 38.86 40.37 -3.32
CA HIS D 265 38.78 41.73 -3.83
C HIS D 265 38.47 42.75 -2.76
N ILE D 266 38.41 42.34 -1.50
CA ILE D 266 38.40 43.26 -0.37
C ILE D 266 39.75 43.98 -0.29
N PRO D 267 40.89 43.30 -0.45
CA PRO D 267 42.16 44.01 -0.44
C PRO D 267 42.42 44.76 -1.73
N ASP D 268 43.60 45.37 -1.81
CA ASP D 268 44.06 46.08 -2.99
C ASP D 268 44.89 45.18 -3.90
N CYS D 269 45.79 44.40 -3.32
CA CYS D 269 46.67 43.51 -4.05
C CYS D 269 46.64 42.14 -3.39
N VAL D 270 46.60 41.10 -4.21
CA VAL D 270 46.72 39.72 -3.74
C VAL D 270 47.95 39.11 -4.40
N VAL D 271 48.88 38.63 -3.60
CA VAL D 271 50.12 38.04 -4.07
C VAL D 271 50.08 36.55 -3.82
N VAL D 272 50.07 35.77 -4.90
CA VAL D 272 50.09 34.32 -4.84
C VAL D 272 51.48 33.83 -5.21
N SER D 273 52.06 32.95 -4.38
CA SER D 273 53.44 32.55 -4.59
C SER D 273 53.68 31.20 -3.95
N GLY D 274 54.78 30.58 -4.37
CA GLY D 274 55.31 29.37 -3.76
C GLY D 274 55.18 28.11 -4.60
N ASP D 275 54.19 28.06 -5.49
CA ASP D 275 54.00 26.86 -6.29
C ASP D 275 53.17 27.22 -7.52
N PHE D 276 53.26 26.36 -8.53
CA PHE D 276 52.49 26.55 -9.75
C PHE D 276 50.99 26.54 -9.48
N VAL D 277 50.29 27.49 -10.07
CA VAL D 277 48.84 27.59 -9.97
C VAL D 277 48.27 27.54 -11.38
N ASN D 278 47.13 26.90 -11.53
CA ASN D 278 46.53 26.74 -12.85
C ASN D 278 46.03 28.10 -13.36
N PRO D 279 46.34 28.46 -14.61
CA PRO D 279 45.92 29.78 -15.11
C PRO D 279 44.44 30.06 -15.02
N ARG D 280 43.59 29.03 -15.06
CA ARG D 280 42.15 29.27 -14.98
C ARG D 280 41.78 29.90 -13.65
N LEU D 281 42.45 29.49 -12.56
CA LEU D 281 42.19 30.09 -11.27
C LEU D 281 42.53 31.57 -11.27
N PHE D 282 43.67 31.94 -11.87
CA PHE D 282 44.03 33.34 -12.03
C PHE D 282 43.00 34.11 -12.85
N SER D 283 42.50 33.49 -13.91
CA SER D 283 41.55 34.17 -14.80
C SER D 283 40.27 34.55 -14.06
N VAL D 284 39.64 33.58 -13.41
CA VAL D 284 38.39 33.88 -12.70
C VAL D 284 38.64 34.83 -11.54
N ALA D 285 39.81 34.74 -10.90
CA ALA D 285 40.16 35.67 -9.85
C ALA D 285 40.25 37.11 -10.36
N VAL D 286 40.93 37.31 -11.49
CA VAL D 286 41.12 38.66 -12.01
C VAL D 286 39.79 39.27 -12.45
N GLN D 287 38.90 38.46 -13.03
CA GLN D 287 37.64 39.00 -13.50
C GLN D 287 36.73 39.45 -12.37
N ALA D 288 36.86 38.86 -11.19
CA ALA D 288 35.82 38.95 -10.18
C ALA D 288 35.77 40.27 -9.45
N GLY D 289 36.70 41.20 -9.67
CA GLY D 289 36.66 42.44 -8.94
C GLY D 289 37.87 43.32 -9.16
N LYS D 290 38.04 44.26 -8.23
CA LYS D 290 38.94 45.40 -8.36
C LYS D 290 40.38 45.07 -8.00
N ALA D 291 40.62 44.00 -7.24
CA ALA D 291 41.94 43.78 -6.67
C ALA D 291 42.94 43.37 -7.73
N LYS D 292 44.17 43.85 -7.58
CA LYS D 292 45.27 43.40 -8.41
C LYS D 292 45.71 42.01 -7.97
N ILE D 293 45.73 41.07 -8.89
CA ILE D 293 46.18 39.71 -8.61
C ILE D 293 47.59 39.54 -9.12
N PHE D 294 48.47 39.03 -8.26
CA PHE D 294 49.89 38.88 -8.67
C PHE D 294 50.38 37.45 -8.47
N ASN D 295 51.14 36.96 -9.45
CA ASN D 295 51.82 35.65 -9.29
C ASN D 295 53.24 36.03 -8.85
N GLY D 296 53.76 35.40 -7.80
CA GLY D 296 55.09 35.83 -7.35
C GLY D 296 56.03 34.67 -7.08
N LEU D 297 57.32 34.98 -7.09
CA LEU D 297 58.38 34.03 -6.79
C LEU D 297 58.77 34.16 -5.32
N GLY D 298 58.67 33.06 -4.58
CA GLY D 298 59.15 32.98 -3.21
C GLY D 298 60.29 31.98 -3.12
N CYS D 299 61.34 32.36 -2.40
CA CYS D 299 62.56 31.56 -2.30
C CYS D 299 63.09 31.70 -0.89
N THR D 300 63.25 30.57 -0.21
CA THR D 300 63.77 30.59 1.16
C THR D 300 65.15 31.22 1.21
N GLU D 301 66.02 30.82 0.28
CA GLU D 301 67.38 31.32 0.21
C GLU D 301 67.47 32.75 -0.28
N ASN D 302 66.34 33.36 -0.65
CA ASN D 302 66.27 34.80 -0.91
C ASN D 302 65.49 35.52 0.18
N SER D 303 65.40 34.90 1.36
CA SER D 303 64.90 35.50 2.58
C SER D 303 63.39 35.75 2.55
N ALA D 304 62.85 36.11 1.39
CA ALA D 304 61.45 36.48 1.29
C ALA D 304 61.07 36.54 -0.19
N ILE D 305 59.87 37.06 -0.46
CA ILE D 305 59.38 37.19 -1.82
C ILE D 305 60.37 37.99 -2.68
N SER D 306 60.50 37.56 -3.93
CA SER D 306 61.53 38.04 -4.83
C SER D 306 61.03 38.73 -6.09
N SER D 307 59.90 38.29 -6.64
CA SER D 307 59.40 38.91 -7.86
C SER D 307 57.89 38.87 -7.92
N LEU D 308 57.31 39.78 -8.69
CA LEU D 308 55.87 39.90 -8.86
C LEU D 308 55.53 40.05 -10.33
N TYR D 309 54.50 39.34 -10.78
CA TYR D 309 53.86 39.59 -12.07
C TYR D 309 52.40 39.94 -11.86
N HIS D 310 51.97 41.04 -12.43
CA HIS D 310 50.58 41.49 -12.32
C HIS D 310 49.76 40.92 -13.47
N ILE D 311 48.75 40.12 -13.12
CA ILE D 311 47.83 39.58 -14.11
C ILE D 311 46.74 40.63 -14.33
N GLN D 312 46.83 41.33 -15.45
CA GLN D 312 45.97 42.50 -15.66
C GLN D 312 44.59 42.09 -16.16
N SER D 313 44.50 41.02 -16.93
CA SER D 313 43.22 40.59 -17.46
C SER D 313 43.29 39.13 -17.82
N ALA D 314 42.13 38.57 -18.17
CA ALA D 314 42.09 37.18 -18.61
C ALA D 314 42.80 36.98 -19.93
N ALA D 315 42.95 38.04 -20.72
CA ALA D 315 43.59 37.93 -22.02
C ALA D 315 45.08 37.64 -21.91
N ALA D 316 45.65 37.78 -20.72
CA ALA D 316 47.07 37.55 -20.49
C ALA D 316 47.39 36.10 -20.21
N LEU D 317 46.40 35.21 -20.20
CA LEU D 317 46.57 33.84 -19.76
C LEU D 317 46.25 32.88 -20.88
N SER D 318 46.98 31.77 -20.93
CA SER D 318 46.78 30.73 -21.92
C SER D 318 46.73 29.37 -21.24
N SER D 319 45.93 28.47 -21.80
CA SER D 319 45.92 27.10 -21.32
C SER D 319 47.28 26.46 -21.50
N GLU D 320 48.03 26.94 -22.49
CA GLU D 320 49.25 26.27 -22.93
C GLU D 320 50.44 26.61 -22.05
N SER D 321 50.40 27.74 -21.35
CA SER D 321 51.63 28.26 -20.78
C SER D 321 51.42 28.69 -19.34
N PRO D 322 52.47 28.62 -18.53
CA PRO D 322 52.38 29.03 -17.14
C PRO D 322 52.47 30.54 -16.96
N VAL D 323 51.89 31.01 -15.87
CA VAL D 323 51.86 32.44 -15.58
C VAL D 323 53.27 32.90 -15.21
N PRO D 324 53.74 34.03 -15.74
CA PRO D 324 55.08 34.51 -15.35
C PRO D 324 55.17 34.80 -13.86
N VAL D 325 56.38 34.71 -13.32
CA VAL D 325 56.62 35.17 -11.95
C VAL D 325 57.09 36.61 -11.88
N GLY D 326 57.38 37.24 -13.02
CA GLY D 326 57.48 38.69 -13.09
C GLY D 326 58.86 39.30 -13.03
N THR D 327 58.97 40.42 -12.31
CA THR D 327 60.17 41.21 -12.20
C THR D 327 60.56 41.39 -10.74
N PRO D 328 61.84 41.52 -10.44
CA PRO D 328 62.28 41.47 -9.04
C PRO D 328 61.77 42.64 -8.21
N LEU D 329 61.77 42.41 -6.91
CA LEU D 329 61.52 43.46 -5.93
C LEU D 329 62.75 44.35 -5.79
N PRO D 330 62.63 45.46 -5.07
CA PRO D 330 63.79 46.32 -4.84
C PRO D 330 64.99 45.57 -4.29
N LEU D 331 66.16 45.87 -4.84
CA LEU D 331 67.46 45.32 -4.47
C LEU D 331 67.58 43.82 -4.72
N VAL D 332 66.58 43.21 -5.33
CA VAL D 332 66.67 41.83 -5.77
C VAL D 332 67.00 41.83 -7.26
N GLU D 333 67.85 40.90 -7.67
CA GLU D 333 68.22 40.74 -9.07
C GLU D 333 68.01 39.28 -9.44
N MET D 334 67.42 39.05 -10.61
CA MET D 334 67.15 37.69 -11.06
C MET D 334 67.59 37.52 -12.50
N VAL D 335 68.34 36.45 -12.76
CA VAL D 335 68.86 36.14 -14.08
C VAL D 335 68.60 34.68 -14.40
N VAL D 336 68.17 34.42 -15.63
CA VAL D 336 68.06 33.06 -16.14
C VAL D 336 69.28 32.78 -17.00
N PHE D 337 70.10 31.81 -16.58
CA PHE D 337 71.35 31.48 -17.24
C PHE D 337 71.21 30.15 -17.99
N ASN D 338 71.76 30.10 -19.21
CA ASN D 338 71.84 28.86 -19.94
C ASN D 338 73.08 28.06 -19.54
N GLU D 339 73.27 26.91 -20.20
CA GLU D 339 74.33 25.98 -19.84
C GLU D 339 75.71 26.59 -19.96
N ARG D 340 75.86 27.65 -20.75
CA ARG D 340 77.14 28.33 -20.92
C ARG D 340 77.23 29.62 -20.14
N LEU D 341 76.32 29.84 -19.18
CA LEU D 341 76.31 31.00 -18.30
C LEU D 341 76.17 32.30 -19.10
N GLN D 342 75.35 32.27 -20.13
CA GLN D 342 74.86 33.45 -20.80
C GLN D 342 73.42 33.71 -20.38
N PRO D 343 73.03 34.96 -20.19
CA PRO D 343 71.63 35.24 -19.90
C PRO D 343 70.76 34.79 -21.05
N CYS D 344 69.70 34.05 -20.73
CA CYS D 344 68.88 33.45 -21.76
C CYS D 344 68.14 34.53 -22.54
N THR D 345 68.00 34.31 -23.84
CA THR D 345 67.13 35.14 -24.65
C THR D 345 65.68 34.74 -24.42
N CYS D 346 64.77 35.60 -24.89
CA CYS D 346 63.35 35.35 -24.74
C CYS D 346 62.98 34.04 -25.41
N GLY D 347 62.43 33.12 -24.61
CA GLY D 347 62.08 31.80 -25.08
C GLY D 347 63.21 30.81 -25.04
N GLU D 348 64.41 31.24 -24.69
CA GLU D 348 65.50 30.31 -24.45
C GLU D 348 65.41 29.79 -23.02
N TYR D 349 65.47 28.48 -22.87
CA TYR D 349 65.28 27.86 -21.57
C TYR D 349 66.59 27.75 -20.81
N GLY D 350 66.55 28.11 -19.53
CA GLY D 350 67.69 28.03 -18.66
C GLY D 350 67.30 27.82 -17.20
N GLU D 351 68.23 28.11 -16.30
CA GLU D 351 68.03 27.94 -14.87
C GLU D 351 68.02 29.28 -14.17
N LEU D 352 67.18 29.41 -13.15
CA LEU D 352 66.97 30.67 -12.46
C LEU D 352 68.01 30.85 -11.36
N PHE D 353 68.73 31.96 -11.42
CA PHE D 353 69.69 32.37 -10.41
C PHE D 353 69.21 33.66 -9.78
N ILE D 354 69.39 33.80 -8.47
CA ILE D 354 68.92 34.97 -7.74
C ILE D 354 70.10 35.63 -7.05
N ALA D 355 70.10 36.96 -7.04
CA ALA D 355 71.17 37.75 -6.45
C ALA D 355 70.59 38.98 -5.76
N GLY D 356 71.44 39.68 -5.04
CA GLY D 356 71.08 40.91 -4.38
C GLY D 356 70.93 40.78 -2.88
N ALA D 357 70.19 41.73 -2.31
CA ALA D 357 70.16 41.92 -0.85
C ALA D 357 69.50 40.75 -0.14
N GLY D 358 68.62 40.03 -0.81
CA GLY D 358 67.89 38.98 -0.15
C GLY D 358 68.64 37.68 -0.01
N VAL D 359 69.74 37.51 -0.72
CA VAL D 359 70.40 36.22 -0.78
C VAL D 359 70.90 35.84 0.60
N ALA D 360 70.68 34.58 0.97
CA ALA D 360 71.10 34.12 2.29
C ALA D 360 72.62 34.14 2.39
N LEU D 361 73.10 34.09 3.63
CA LEU D 361 74.54 34.01 3.87
C LEU D 361 75.09 32.63 3.59
N GLY D 362 74.23 31.62 3.53
CA GLY D 362 74.66 30.28 3.21
C GLY D 362 74.00 29.22 4.06
N TYR D 363 74.33 27.96 3.80
CA TYR D 363 73.88 26.86 4.62
C TYR D 363 74.86 26.58 5.75
N SER D 364 74.48 25.65 6.62
CA SER D 364 75.35 25.28 7.74
C SER D 364 76.58 24.50 7.28
N ASP D 365 76.44 23.68 6.24
CA ASP D 365 77.64 23.00 5.76
C ASP D 365 78.17 23.71 4.52
N PRO D 366 79.47 24.01 4.47
CA PRO D 366 79.99 24.80 3.35
C PRO D 366 79.97 24.06 2.02
N GLN D 367 79.85 22.73 2.01
CA GLN D 367 79.81 22.01 0.75
C GLN D 367 78.51 22.30 -0.01
N LEU D 368 77.38 22.22 0.69
CA LEU D 368 76.11 22.56 0.07
C LEU D 368 76.06 24.04 -0.29
N THR D 369 76.67 24.89 0.55
CA THR D 369 76.72 26.31 0.24
C THR D 369 77.51 26.58 -1.03
N ALA D 370 78.64 25.88 -1.21
CA ALA D 370 79.42 26.05 -2.43
C ALA D 370 78.72 25.45 -3.64
N GLU D 371 77.94 24.39 -3.43
CA GLU D 371 77.20 23.79 -4.54
C GLU D 371 76.09 24.69 -5.05
N ARG D 372 75.47 25.48 -4.18
CA ARG D 372 74.27 26.20 -4.54
C ARG D 372 74.42 27.72 -4.54
N PHE D 373 75.43 28.26 -3.89
CA PHE D 373 75.74 29.68 -3.95
C PHE D 373 77.00 29.87 -4.77
N ILE D 374 76.89 30.60 -5.88
CA ILE D 374 77.93 30.63 -6.90
C ILE D 374 78.19 32.07 -7.29
N THR D 375 79.47 32.41 -7.43
CA THR D 375 79.87 33.74 -7.88
C THR D 375 80.04 33.73 -9.38
N ILE D 376 79.23 34.52 -10.08
CA ILE D 376 79.21 34.53 -11.55
C ILE D 376 79.42 35.96 -12.03
N PRO D 377 80.15 36.17 -13.12
CA PRO D 377 80.22 37.52 -13.71
C PRO D 377 78.93 37.88 -14.40
N TYR D 378 78.27 38.92 -13.90
CA TYR D 378 77.05 39.46 -14.48
C TYR D 378 77.20 40.96 -14.63
N GLN D 379 76.80 41.47 -15.80
CA GLN D 379 77.06 42.86 -16.19
C GLN D 379 78.49 43.26 -15.83
N GLY D 380 79.43 42.43 -16.26
CA GLY D 380 80.84 42.72 -16.07
C GLY D 380 81.32 42.70 -14.64
N THR D 381 80.45 42.37 -13.68
CA THR D 381 80.80 42.37 -12.27
C THR D 381 80.54 41.00 -11.68
N ASP D 382 81.48 40.53 -10.86
CA ASP D 382 81.29 39.29 -10.11
C ASP D 382 80.17 39.45 -9.09
N MET D 383 79.14 38.60 -9.20
CA MET D 383 78.01 38.65 -8.29
C MET D 383 77.73 37.27 -7.74
N LEU D 384 77.24 37.23 -6.50
CA LEU D 384 76.90 35.98 -5.84
C LEU D 384 75.45 35.61 -6.13
N PHE D 385 75.25 34.44 -6.71
CA PHE D 385 73.93 33.94 -7.08
C PHE D 385 73.59 32.70 -6.28
N TYR D 386 72.37 32.66 -5.73
CA TYR D 386 71.76 31.40 -5.32
C TYR D 386 71.22 30.67 -6.53
N ARG D 387 71.51 29.36 -6.60
CA ARG D 387 71.10 28.53 -7.71
C ARG D 387 69.83 27.78 -7.31
N THR D 388 68.71 28.19 -7.89
CA THR D 388 67.39 27.68 -7.51
C THR D 388 67.06 26.30 -8.04
N ASP D 389 67.66 25.88 -9.16
CA ASP D 389 67.35 24.60 -9.81
C ASP D 389 65.95 24.62 -10.42
N ASP D 390 65.50 25.80 -10.84
CA ASP D 390 64.24 25.99 -11.54
C ASP D 390 64.49 26.24 -13.01
N ARG D 391 63.77 25.53 -13.87
CA ARG D 391 63.87 25.76 -15.30
C ARG D 391 62.94 26.89 -15.70
N ALA D 392 63.49 27.90 -16.36
CA ALA D 392 62.79 29.16 -16.56
C ALA D 392 63.17 29.76 -17.90
N THR D 393 62.43 30.77 -18.32
CA THR D 393 62.75 31.55 -19.52
C THR D 393 62.22 32.96 -19.34
N TYR D 394 62.48 33.80 -20.32
CA TYR D 394 62.05 35.20 -20.33
C TYR D 394 60.85 35.42 -21.24
N ASP D 395 59.92 36.25 -20.77
CA ASP D 395 58.84 36.79 -21.59
C ASP D 395 59.41 37.72 -22.68
N GLN D 396 58.56 38.05 -23.65
CA GLN D 396 58.91 39.10 -24.60
C GLN D 396 59.06 40.45 -23.92
N ASP D 397 58.45 40.64 -22.75
CA ASP D 397 58.62 41.84 -21.96
C ASP D 397 59.60 41.61 -20.82
N ARG D 398 60.43 40.57 -20.94
CA ARG D 398 61.50 40.22 -20.01
C ARG D 398 60.99 39.89 -18.61
N ASN D 399 59.71 39.60 -18.46
CA ASN D 399 59.30 38.90 -17.26
C ASN D 399 59.92 37.51 -17.26
N ILE D 400 60.12 36.97 -16.06
CA ILE D 400 60.68 35.64 -15.91
C ILE D 400 59.54 34.65 -15.72
N VAL D 401 59.56 33.57 -16.48
CA VAL D 401 58.52 32.55 -16.44
C VAL D 401 59.18 31.25 -16.01
N LEU D 402 58.69 30.66 -14.93
CA LEU D 402 59.10 29.32 -14.55
C LEU D 402 58.31 28.31 -15.37
N VAL D 403 58.99 27.30 -15.89
CA VAL D 403 58.34 26.29 -16.70
C VAL D 403 58.41 24.90 -16.09
N GLY D 404 59.32 24.65 -15.16
CA GLY D 404 59.31 23.38 -14.48
C GLY D 404 60.39 23.29 -13.43
N ARG D 405 60.53 22.09 -12.89
CA ARG D 405 61.41 21.78 -11.78
C ARG D 405 62.67 21.07 -12.23
N GLY D 406 63.68 21.14 -11.38
CA GLY D 406 64.95 20.49 -11.62
C GLY D 406 64.98 19.12 -11.01
N ASN D 407 66.03 18.80 -10.25
CA ASN D 407 66.18 17.47 -9.67
C ASN D 407 66.28 17.47 -8.15
N HIS D 408 67.12 18.31 -7.55
CA HIS D 408 67.33 18.25 -6.12
C HIS D 408 66.19 18.82 -5.28
N ILE D 409 65.29 19.60 -5.86
CA ILE D 409 64.22 20.23 -5.10
C ILE D 409 62.90 19.51 -5.37
N CYS D 410 62.20 19.15 -4.31
CA CYS D 410 60.87 18.55 -4.42
C CYS D 410 59.88 19.50 -3.73
N LYS D 411 58.85 19.91 -4.47
CA LYS D 411 57.88 20.87 -3.97
C LYS D 411 56.49 20.24 -3.96
N ILE D 412 55.99 19.90 -2.78
CA ILE D 412 54.63 19.43 -2.60
C ILE D 412 53.84 20.52 -1.89
N ARG D 413 52.81 21.03 -2.56
CA ARG D 413 52.01 22.16 -2.07
C ARG D 413 52.89 23.31 -1.60
N GLY D 414 53.95 23.56 -2.34
CA GLY D 414 54.87 24.64 -2.01
C GLY D 414 55.81 24.33 -0.89
N PHE D 415 55.71 23.15 -0.27
CA PHE D 415 56.64 22.73 0.76
C PHE D 415 57.83 22.04 0.13
N ARG D 416 59.02 22.38 0.59
CA ARG D 416 60.24 21.72 0.15
C ARG D 416 60.40 20.43 0.95
N ILE D 417 60.26 19.29 0.29
CA ILE D 417 60.28 18.00 0.94
C ILE D 417 61.52 17.24 0.49
N ASN D 418 62.08 16.44 1.41
CA ASN D 418 63.08 15.43 1.10
C ASN D 418 62.40 14.08 1.22
N ILE D 419 62.33 13.36 0.10
CA ILE D 419 61.57 12.12 0.07
C ILE D 419 62.28 11.01 0.81
N ALA D 420 63.60 10.90 0.63
CA ALA D 420 64.35 9.84 1.30
C ALA D 420 64.28 9.97 2.82
N GLY D 421 64.20 11.19 3.33
CA GLY D 421 64.07 11.36 4.77
C GLY D 421 62.76 10.82 5.32
N ILE D 422 61.66 11.04 4.60
CA ILE D 422 60.38 10.53 5.05
C ILE D 422 60.34 9.02 4.92
N GLU D 423 60.92 8.49 3.85
CA GLU D 423 61.10 7.05 3.73
C GLU D 423 61.83 6.50 4.93
N HIS D 424 62.94 7.14 5.31
CA HIS D 424 63.70 6.71 6.49
C HIS D 424 62.84 6.75 7.75
N LEU D 425 62.15 7.87 7.97
CA LEU D 425 61.33 8.00 9.17
C LEU D 425 60.25 6.93 9.22
N LEU D 426 59.76 6.50 8.06
CA LEU D 426 58.79 5.41 8.03
C LEU D 426 59.47 4.06 8.23
N ARG D 427 60.70 3.90 7.74
CA ARG D 427 61.42 2.66 7.99
C ARG D 427 61.75 2.47 9.46
N LEU D 428 61.71 3.54 10.24
CA LEU D 428 61.95 3.41 11.67
C LEU D 428 60.80 2.70 12.37
N HIS D 429 59.64 2.61 11.74
CA HIS D 429 58.50 1.96 12.38
C HIS D 429 58.78 0.46 12.52
N HIS D 430 58.39 -0.10 13.66
CA HIS D 430 58.76 -1.48 13.95
C HIS D 430 58.06 -2.47 13.03
N ALA D 431 56.83 -2.16 12.60
CA ALA D 431 56.06 -3.03 11.73
C ALA D 431 56.28 -2.77 10.25
N VAL D 432 57.35 -2.06 9.88
CA VAL D 432 57.55 -1.63 8.50
C VAL D 432 58.94 -2.06 8.05
N GLU D 433 59.00 -2.79 6.94
CA GLU D 433 60.28 -3.29 6.45
C GLU D 433 61.01 -2.25 5.60
N ASP D 434 60.40 -1.87 4.48
CA ASP D 434 60.93 -0.81 3.65
C ASP D 434 59.77 -0.06 3.02
N VAL D 435 60.04 1.15 2.55
CA VAL D 435 59.00 1.99 1.98
C VAL D 435 59.55 2.73 0.77
N LEU D 436 58.68 2.96 -0.22
CA LEU D 436 58.99 3.79 -1.37
C LEU D 436 57.97 4.92 -1.45
N ILE D 437 58.45 6.11 -1.80
CA ILE D 437 57.60 7.28 -1.95
C ILE D 437 57.76 7.82 -3.36
N VAL D 438 56.64 8.18 -3.98
CA VAL D 438 56.62 8.73 -5.34
C VAL D 438 55.63 9.89 -5.32
N VAL D 439 55.50 10.56 -6.46
CA VAL D 439 54.62 11.72 -6.61
C VAL D 439 53.63 11.41 -7.71
N GLU D 440 52.39 11.85 -7.51
CA GLU D 440 51.29 11.58 -8.42
C GLU D 440 50.55 12.87 -8.71
N GLU D 441 50.26 13.09 -9.99
CA GLU D 441 49.61 14.31 -10.44
C GLU D 441 48.10 14.14 -10.32
N THR D 442 47.49 14.98 -9.49
CA THR D 442 46.05 15.03 -9.25
C THR D 442 45.51 16.37 -9.70
N PRO D 443 44.20 16.50 -9.90
CA PRO D 443 43.66 17.80 -10.31
C PRO D 443 43.98 18.92 -9.35
N ASP D 444 43.92 18.66 -8.04
CA ASP D 444 44.20 19.67 -7.03
C ASP D 444 45.60 19.41 -6.45
N GLU D 445 46.62 19.89 -7.18
CA GLU D 445 48.03 19.87 -6.79
C GLU D 445 48.55 18.44 -6.75
N PRO D 446 49.83 18.25 -7.11
CA PRO D 446 50.41 16.90 -7.01
C PRO D 446 50.46 16.43 -5.58
N ARG D 447 50.23 15.14 -5.39
CA ARG D 447 50.16 14.51 -4.09
C ARG D 447 51.37 13.62 -3.88
N LEU D 448 51.72 13.43 -2.62
CA LEU D 448 52.81 12.56 -2.25
C LEU D 448 52.24 11.21 -1.87
N HIS D 449 52.65 10.15 -2.57
CA HIS D 449 52.05 8.80 -2.39
C HIS D 449 53.02 7.77 -1.83
N ALA D 450 52.64 7.14 -0.72
CA ALA D 450 53.53 6.21 -0.01
C ALA D 450 53.10 4.76 -0.16
N CYS D 451 54.08 3.87 -0.33
CA CYS D 451 53.90 2.41 -0.48
C CYS D 451 54.80 1.74 0.58
N TYR D 452 54.26 0.78 1.33
CA TYR D 452 55.09 0.17 2.39
C TYR D 452 55.01 -1.36 2.37
N VAL D 453 55.97 -1.99 3.03
CA VAL D 453 56.04 -3.47 3.17
C VAL D 453 56.00 -3.78 4.66
N THR D 454 54.87 -4.31 5.14
CA THR D 454 54.69 -4.67 6.56
C THR D 454 54.90 -6.17 6.70
N GLN D 455 53.97 -6.86 7.37
CA GLN D 455 54.05 -8.33 7.49
C GLN D 455 52.75 -8.84 8.11
N SER D 460 47.17 -0.33 9.07
CA SER D 460 46.48 0.90 9.42
C SER D 460 47.25 2.11 8.93
N VAL D 461 46.59 2.96 8.14
CA VAL D 461 47.26 4.15 7.63
C VAL D 461 47.39 5.20 8.73
N ALA D 462 46.40 5.26 9.63
CA ALA D 462 46.48 6.19 10.74
C ALA D 462 47.67 5.91 11.65
N ASP D 463 48.05 4.64 11.77
CA ASP D 463 49.22 4.30 12.59
C ASP D 463 50.47 4.93 12.01
N LEU D 464 50.67 4.82 10.69
CA LEU D 464 51.85 5.40 10.08
C LEU D 464 51.78 6.93 10.08
N LYS D 465 50.58 7.48 9.89
CA LYS D 465 50.44 8.94 9.91
C LYS D 465 50.71 9.50 11.30
N ASN D 466 50.21 8.84 12.34
CA ASN D 466 50.49 9.29 13.70
C ASN D 466 51.95 9.10 14.04
N HIS D 467 52.58 8.06 13.47
CA HIS D 467 54.01 7.88 13.64
C HIS D 467 54.78 9.06 13.07
N LEU D 468 54.53 9.40 11.80
CA LEU D 468 55.17 10.55 11.19
C LEU D 468 54.83 11.84 11.91
N ALA D 469 53.60 11.95 12.41
CA ALA D 469 53.21 13.16 13.13
C ALA D 469 53.96 13.32 14.44
N MET D 470 54.52 12.26 15.00
CA MET D 470 55.41 12.41 16.13
C MET D 470 56.84 12.73 15.74
N HIS D 471 57.23 12.46 14.49
CA HIS D 471 58.60 12.70 14.06
C HIS D 471 58.78 13.94 13.19
N ALA D 472 57.74 14.42 12.54
CA ALA D 472 57.89 15.47 11.54
C ALA D 472 56.64 16.33 11.56
N PRO D 473 56.70 17.52 10.95
CA PRO D 473 55.50 18.34 10.87
C PRO D 473 54.45 17.67 10.00
N ALA D 474 53.18 17.93 10.34
CA ALA D 474 52.09 17.23 9.69
C ALA D 474 52.00 17.54 8.20
N TRP D 475 52.44 18.72 7.78
CA TRP D 475 52.44 19.06 6.37
C TRP D 475 53.42 18.24 5.56
N MET D 476 54.35 17.54 6.21
CA MET D 476 55.32 16.72 5.52
C MET D 476 54.83 15.29 5.29
N ILE D 477 53.69 14.92 5.87
CA ILE D 477 53.16 13.58 5.77
C ILE D 477 52.53 13.34 4.41
N PRO D 478 52.79 12.22 3.77
CA PRO D 478 52.08 11.91 2.52
C PRO D 478 50.62 11.63 2.77
N GLU D 479 49.78 12.16 1.90
CA GLU D 479 48.33 12.05 2.09
C GLU D 479 47.77 10.73 1.61
N LYS D 480 48.53 9.96 0.84
CA LYS D 480 48.06 8.67 0.35
C LYS D 480 49.04 7.56 0.71
N PHE D 481 48.51 6.49 1.30
CA PHE D 481 49.27 5.30 1.68
C PHE D 481 48.55 4.12 1.06
N SER D 482 49.31 3.13 0.56
CA SER D 482 48.63 2.04 -0.13
C SER D 482 49.47 0.77 -0.12
N ARG D 483 48.81 -0.36 0.14
CA ARG D 483 49.22 -1.68 -0.31
C ARG D 483 50.53 -2.14 0.31
N LEU D 484 51.24 -3.03 -0.39
CA LEU D 484 52.49 -3.60 0.10
C LEU D 484 53.19 -4.38 -1.00
N ASN D 543 20.14 -9.77 0.51
CA ASN D 543 19.76 -11.12 0.91
C ASN D 543 20.52 -12.17 0.11
N SER D 544 20.83 -13.28 0.79
CA SER D 544 21.50 -14.44 0.22
C SER D 544 21.12 -14.69 -1.23
N LEU D 545 19.82 -14.72 -1.51
CA LEU D 545 19.35 -15.03 -2.85
C LEU D 545 19.88 -14.02 -3.86
N HIS D 546 19.99 -12.76 -3.45
CA HIS D 546 20.58 -11.76 -4.34
C HIS D 546 22.06 -12.04 -4.56
N PHE D 547 22.76 -12.48 -3.52
CA PHE D 547 24.17 -12.78 -3.68
C PHE D 547 24.37 -14.00 -4.57
N ILE D 548 23.49 -15.00 -4.42
CA ILE D 548 23.55 -16.15 -5.31
C ILE D 548 23.20 -15.71 -6.73
N LYS D 549 22.15 -14.91 -6.86
CA LYS D 549 21.75 -14.37 -8.16
C LYS D 549 22.85 -13.51 -8.75
N LEU D 550 23.52 -12.72 -7.93
CA LEU D 550 24.62 -11.90 -8.42
C LEU D 550 25.73 -12.78 -8.99
N ALA D 551 26.14 -13.80 -8.25
CA ALA D 551 27.18 -14.69 -8.76
C ALA D 551 26.74 -15.34 -10.06
N SER D 552 25.48 -15.75 -10.14
CA SER D 552 25.00 -16.42 -11.34
C SER D 552 24.92 -15.43 -12.50
N MET D 553 24.44 -14.21 -12.23
CA MET D 553 24.39 -13.20 -13.28
C MET D 553 25.78 -12.82 -13.74
N VAL D 554 26.73 -12.75 -12.80
CA VAL D 554 28.13 -12.53 -13.17
C VAL D 554 28.62 -13.69 -14.01
N SER D 555 28.28 -14.92 -13.61
CA SER D 555 28.68 -16.10 -14.36
C SER D 555 28.07 -16.12 -15.75
N LYS D 556 26.90 -15.51 -15.91
CA LYS D 556 26.25 -15.45 -17.21
C LYS D 556 26.85 -14.35 -18.08
N THR D 557 27.17 -13.20 -17.48
CA THR D 557 27.60 -12.05 -18.25
C THR D 557 29.08 -12.09 -18.62
N PHE D 558 29.90 -12.78 -17.82
CA PHE D 558 31.30 -12.96 -18.15
C PHE D 558 31.61 -14.34 -18.70
N ASN D 559 30.59 -15.16 -18.94
CA ASN D 559 30.75 -16.51 -19.50
C ASN D 559 31.85 -17.29 -18.80
N LEU D 560 31.76 -17.36 -17.47
CA LEU D 560 32.67 -18.13 -16.62
C LEU D 560 31.94 -18.38 -15.31
N ALA D 561 32.16 -19.55 -14.72
CA ALA D 561 31.44 -19.91 -13.50
C ALA D 561 32.04 -19.18 -12.30
N VAL D 562 31.25 -18.31 -11.69
CA VAL D 562 31.62 -17.62 -10.46
C VAL D 562 30.59 -17.98 -9.39
N SER D 563 31.08 -18.46 -8.26
CA SER D 563 30.17 -18.92 -7.22
C SER D 563 30.03 -17.88 -6.12
N PRO D 564 28.97 -17.99 -5.30
CA PRO D 564 28.87 -17.13 -4.11
C PRO D 564 30.04 -17.26 -3.15
N ALA D 565 30.71 -18.40 -3.13
CA ALA D 565 31.88 -18.54 -2.26
C ALA D 565 32.98 -17.57 -2.68
N ASP D 566 33.16 -17.38 -3.99
CA ASP D 566 34.10 -16.36 -4.44
C ASP D 566 33.65 -14.96 -4.06
N ILE D 567 32.34 -14.71 -4.05
CA ILE D 567 31.83 -13.40 -3.66
C ILE D 567 32.10 -13.14 -2.18
N PHE D 568 31.82 -14.13 -1.34
CA PHE D 568 31.96 -13.96 0.10
C PHE D 568 33.44 -13.93 0.50
C10 QXD E . -19.93 21.56 -7.26
C15 QXD E . -17.06 24.32 -6.94
C17 QXD E . -15.03 22.63 -7.54
C20 QXD E . -12.63 22.89 -6.64
C21 QXD E . -12.10 24.21 -7.26
C24 QXD E . -9.14 23.66 -9.52
C02 QXD E . -21.48 21.66 -7.34
C03 QXD E . -21.98 22.80 -8.20
C04 QXD E . -22.04 20.27 -7.96
O13 QXD E . -19.53 23.53 -5.84
C16 QXD E . -15.51 23.97 -6.86
N19 QXD E . -13.68 22.16 -7.42
C23 QXD E . -9.27 24.88 -8.58
C29 QXD E . -8.50 20.77 -11.36
C30 QXD E . -7.20 20.56 -12.15
O31 QXD E . -7.57 20.36 -13.58
N33 QXD E . -7.75 22.19 -15.00
C36 QXD E . -9.14 23.47 -16.34
C37 QXD E . -9.86 23.74 -17.54
C40 QXD E . -9.11 21.72 -18.37
C42 QXD E . -8.39 22.24 -16.26
C01 QXD E . -22.05 21.79 -5.93
C12 QXD E . -19.13 22.84 -6.75
C32 QXD E . -6.85 21.13 -14.40
C34 QXD E . -8.16 23.40 -14.39
C43 QXD E . -5.60 21.73 -13.63
C45 QXD E . -6.21 21.75 -12.22
C47 QXD E . -9.81 26.20 -9.17
C48 QXD E . -9.20 27.46 -8.97
C49 QXD E . -9.72 28.64 -9.51
C50 QXD E . -10.87 28.65 -10.29
C51 QXD E . -11.49 27.40 -10.49
C53 QXD E . -10.98 26.22 -9.96
N14 QXD E . -17.86 23.18 -7.37
N28 QXD E . -8.48 20.91 -9.89
N35 QXD E . -8.97 24.16 -15.13
N38 QXD E . -10.64 24.91 -17.73
N39 QXD E . -9.86 22.85 -18.57
N41 QXD E . -8.36 21.32 -17.31
O05 QXD E . -21.21 19.24 -7.64
O08 QXD E . -20.69 16.67 -7.40
O09 QXD E . -21.91 17.98 -5.49
O11 QXD E . -19.31 21.26 -8.50
O18 QXD E . -15.81 21.97 -8.20
O26 QXD E . -8.37 22.03 -7.65
O27 QXD E . -6.74 22.60 -9.23
O44 QXD E . -4.61 20.73 -13.55
O46 QXD E . -5.14 21.52 -11.29
O52 QXD E . -12.64 27.44 -11.27
P06 QXD E . -21.76 17.68 -6.97
S22 QXD E . -10.26 24.46 -7.01
S25 QXD E . -8.13 22.29 -9.04
C10 QXD F . 49.32 26.22 3.33
C15 QXD F . 51.86 27.82 1.80
C17 QXD F . 54.05 28.54 3.04
C20 QXD F . 56.00 27.22 2.05
C21 QXD F . 57.55 27.40 2.05
C24 QXD F . 58.97 28.82 -0.59
C02 QXD F . 48.48 25.85 4.54
C03 QXD F . 47.01 26.08 4.34
C04 QXD F . 48.70 24.33 4.92
O13 QXD F . 51.28 25.77 4.67
C16 QXD F . 53.24 28.56 1.71
N19 QXD F . 55.31 27.88 3.16
C23 QXD F . 59.08 29.81 0.59
C29 QXD F . 61.22 27.53 -3.38
C30 QXD F . 61.04 27.03 -4.81
O31 QXD F . 59.59 26.98 -5.08
N33 QXD F . 58.50 28.30 -6.58
C36 QXD F . 56.99 29.84 -7.29
C37 QXD F . 55.98 30.32 -8.13
C40 QXD F . 56.12 28.38 -9.31
C42 QXD F . 57.52 28.56 -7.55
C01 QXD F . 48.96 26.67 5.70
C12 QXD F . 50.86 26.34 3.71
C32 QXD F . 59.37 27.13 -6.36
C34 QXD F . 58.49 29.44 -5.80
C43 QXD F . 60.74 27.39 -7.11
C45 QXD F . 61.46 27.96 -5.90
C47 QXD F . 58.80 31.29 0.34
C48 QXD F . 59.72 32.30 0.59
C49 QXD F . 59.44 33.64 0.35
C50 QXD F . 58.23 34.06 -0.17
C51 QXD F . 57.30 33.06 -0.43
C53 QXD F . 57.57 31.72 -0.19
N14 QXD F . 51.90 27.02 3.00
N28 QXD F . 60.27 27.09 -2.35
N35 QXD F . 57.62 30.36 -6.18
N38 QXD F . 55.38 31.59 -7.96
N39 QXD F . 55.54 29.59 -9.16
N41 QXD F . 57.10 27.78 -8.59
O05 QXD F . 48.19 23.50 3.98
O08 QXD F . 49.27 21.39 2.89
O09 QXD F . 48.92 21.52 5.47
O11 QXD F . 48.77 27.25 2.57
O18 QXD F . 53.57 29.04 4.02
O26 QXD F . 59.84 26.45 0.01
O27 QXD F . 61.47 28.03 -0.39
O44 QXD F . 61.33 26.13 -7.37
O46 QXD F . 62.87 27.84 -6.08
O52 QXD F . 56.09 33.49 -0.96
P06 QXD F . 48.37 21.74 4.07
S22 QXD F . 58.10 29.19 2.09
S25 QXD F . 60.19 27.57 -0.79
C10 QXD G . -48.71 -26.13 -6.82
C15 QXD G . -51.66 -26.25 -6.08
C17 QXD G . -53.70 -27.44 -4.83
C20 QXD G . -55.12 -27.95 -2.80
C21 QXD G . -56.65 -28.08 -2.59
C24 QXD G . -59.49 -28.35 -4.21
C02 QXD G . -47.16 -26.28 -6.83
C03 QXD G . -46.62 -27.15 -5.69
C04 QXD G . -46.50 -24.81 -6.64
O13 QXD G . -49.03 -28.57 -7.02
C16 QXD G . -53.23 -26.46 -5.95
N19 QXD G . -54.66 -27.02 -3.85
C23 QXD G . -59.05 -29.77 -3.80
C29 QXD G . -62.64 -25.92 -3.64
C30 QXD G . -63.38 -25.06 -4.66
O31 QXD G . -62.49 -24.85 -5.83
N33 QXD G . -62.88 -25.36 -8.09
C36 QXD G . -62.42 -26.13 -10.22
C37 QXD G . -62.29 -25.97 -11.63
C40 QXD G . -62.89 -23.73 -11.38
C42 QXD G . -62.81 -24.97 -9.45
C01 QXD G . -46.72 -26.83 -8.17
C12 QXD G . -49.52 -27.51 -6.77
C32 QXD G . -63.24 -24.55 -6.90
C34 QXD G . -62.52 -26.72 -8.12
C43 QXD G . -64.77 -24.77 -6.56
C45 QXD G . -64.58 -25.69 -5.35
C47 QXD G . -59.18 -30.89 -4.85
C48 QXD G . -59.87 -32.10 -4.62
C49 QXD G . -59.97 -33.11 -5.58
C50 QXD G . -59.38 -32.98 -6.83
C51 QXD G . -58.68 -31.79 -7.08
C53 QXD G . -58.58 -30.77 -6.12
N14 QXD G . -50.94 -27.49 -6.40
N28 QXD G . -61.23 -26.21 -3.82
N35 QXD G . -62.24 -27.20 -9.33
N38 QXD G . -61.91 -27.01 -12.52
N39 QXD G . -62.53 -24.76 -12.22
N41 QXD G . -63.06 -23.73 -10.03
O05 QXD G . -47.40 -23.94 -6.09
O08 QXD G . -48.26 -21.98 -4.60
O09 QXD G . -46.18 -23.40 -3.91
O11 QXD G . -49.21 -25.46 -7.97
O18 QXD G . -53.26 -28.57 -4.78
O26 QXD G . -59.43 -26.72 -2.16
O27 QXD G . -61.28 -28.15 -2.28
O44 QXD G . -65.22 -23.56 -5.99
O46 QXD G . -65.73 -25.57 -4.49
O52 QXD G . -58.11 -31.68 -8.34
P06 QXD G . -46.95 -22.66 -4.98
S22 QXD G . -57.29 -29.77 -3.07
S25 QXD G . -60.36 -27.36 -3.04
C10 QXD H . 16.84 -19.91 0.08
C24 QXD H . 7.38 -24.35 5.70
C02 QXD H . 18.30 -20.21 -0.34
C03 QXD H . 18.80 -21.56 0.14
C04 QXD H . 19.26 -19.07 0.28
O13 QXD H . 16.33 -21.07 2.13
C23 QXD H . 8.60 -25.26 5.47
C29 QXD H . 5.53 -21.01 7.26
C30 QXD H . 4.09 -20.81 6.78
O31 QXD H . 4.13 -20.64 5.31
N33 QXD H . 2.91 -21.22 3.43
C36 QXD H . 2.71 -21.49 1.16
C37 QXD H . 2.30 -21.07 -0.14
C40 QXD H . 1.50 -19.14 0.82
C42 QXD H . 2.44 -20.61 2.26
C01 QXD H . 18.39 -20.14 -1.85
C12 QXD H . 16.19 -21.05 0.94
C32 QXD H . 2.90 -20.75 4.86
C34 QXD H . 3.44 -22.44 2.97
C43 QXD H . 2.07 -21.75 5.82
C45 QXD H . 3.18 -22.04 6.85
C47 QXD H . 8.62 -26.09 4.18
C48 QXD H . 7.93 -27.30 3.99
C49 QXD H . 7.98 -28.01 2.79
C50 QXD H . 8.71 -27.55 1.69
C51 QXD H . 9.39 -26.35 1.87
C53 QXD H . 9.35 -25.64 3.06
N14 QXD H . 15.43 -22.12 0.31
N28 QXD H . 6.48 -21.81 6.50
N35 QXD H . 3.34 -22.63 1.65
N38 QXD H . 2.51 -21.84 -1.30
N39 QXD H . 1.70 -19.88 -0.32
N41 QXD H . 1.82 -19.39 2.12
O05 QXD H . 18.60 -18.31 1.19
O08 QXD H . 18.32 -16.55 3.08
O09 QXD H . 20.63 -17.66 2.62
O11 QXD H . 15.95 -19.79 -1.02
O26 QXD H . 6.63 -23.74 8.12
O27 QXD H . 8.61 -22.71 7.45
O44 QXD H . 1.13 -20.97 6.53
O46 QXD H . 2.56 -22.05 8.14
O52 QXD H . 10.12 -25.93 0.75
P06 QXD H . 19.38 -17.01 2.09
S22 QXD H . 10.23 -24.30 5.51
S25 QXD H . 7.32 -23.15 7.01
#